data_9D3X
#
_entry.id   9D3X
#
_cell.length_a   90.580
_cell.length_b   97.885
_cell.length_c   189.202
_cell.angle_alpha   90.000
_cell.angle_beta   90.000
_cell.angle_gamma   90.000
#
_symmetry.space_group_name_H-M   'P 21 21 21'
#
loop_
_entity.id
_entity.type
_entity.pdbx_description
1 polymer 'Anaerobic ribonucleoside-triphosphate reductase'
2 non-polymer 'MAGNESIUM ION'
3 non-polymer "2'-DEOXYADENOSINE 5'-TRIPHOSPHATE"
4 non-polymer 'ZINC ION'
5 non-polymer 'SULFATE ION'
6 water water
#
_entity_poly.entity_id   1
_entity_poly.type   'polypeptide(L)'
_entity_poly.pdbx_seq_one_letter_code
;MIILEKERVTVNPDIKVIKRDGRMVTFDSSKIYEAILKASETITPITPLIETKLEGIANRVVAEINDRFSHNIKIYEIQS
IVEHELLEANEYAIAQEYINYRTKRDFERSQATDINFTINKLVNKDQAVVHENANKDSDLYNTQRDLTAGIVGKSVGLKM
LPPHVANAHQKGDIHFHDLDYSPYTPMTNCCLIDFKGMLANGFKIGNAEVESPKSIQTATAQISQIIANVASSQYGGCTA
DRIDEFLAPYAELNYKKHLADAKEWVTEEKQEDYARAKTRKDIYDAMQSLEYEINTLFTSNGQTPFTSLGFGLGTNWFER
EIQKAILQVRILGLGSEHRTAIFPKLIFTLKRGLNLEPNSPNYDIKQLALECATKRMYPDVLSYDKIIELTGSFKAPMGC
RSFLQGWKDENGVEVNSGRMNLGVVTLNLPRIALESKGDQDKFWEIFEERMGIAKDALVYRVERVKEATPANAPILYQYG
AFGQRLRKCDSVDQLFKHRRATVSLGYIGLYEVASVFYGSDWETNLEAKTFTLNIVKAMKNACESWSDEYDYHFSVYSTP
SESLTDRFCRLDTEKFGVVTDITDKEYYTNSFHYDVRKNPTPFEKLEFEKDYPEAGATGGFIHYCEYPVLQQNPKALEAV
WDFAYDRVGYLGTNTPIDKCYKCDFEGDFTPTERGFMCPNCGNTDPKTVDVVKRTCGYLGNPQARPMVKGRHKEISARVK
HMNGSTIKYGGKHL
;
_entity_poly.pdbx_strand_id   A,B
#
# COMPACT_ATOMS: atom_id res chain seq x y z
N ARG A 8 -41.92 -35.30 -11.98
CA ARG A 8 -42.07 -33.93 -11.48
C ARG A 8 -41.63 -33.83 -10.02
N VAL A 9 -40.42 -33.32 -9.81
CA VAL A 9 -39.85 -33.16 -8.48
C VAL A 9 -39.98 -31.70 -8.06
N THR A 10 -40.31 -31.48 -6.79
CA THR A 10 -40.49 -30.15 -6.24
C THR A 10 -39.19 -29.71 -5.56
N VAL A 11 -38.76 -28.49 -5.85
CA VAL A 11 -37.55 -27.97 -5.21
C VAL A 11 -37.84 -27.64 -3.75
N ASN A 12 -36.81 -27.81 -2.92
CA ASN A 12 -36.92 -27.42 -1.51
C ASN A 12 -37.26 -25.94 -1.41
N PRO A 13 -38.38 -25.58 -0.78
CA PRO A 13 -38.77 -24.16 -0.74
C PRO A 13 -37.85 -23.28 0.09
N ASP A 14 -36.90 -23.86 0.81
CA ASP A 14 -35.92 -23.09 1.57
C ASP A 14 -34.71 -22.68 0.73
N ILE A 15 -34.75 -22.91 -0.57
CA ILE A 15 -33.61 -22.66 -1.46
C ILE A 15 -33.92 -21.45 -2.33
N LYS A 16 -32.99 -20.50 -2.37
CA LYS A 16 -33.08 -19.33 -3.23
C LYS A 16 -31.87 -19.27 -4.14
N VAL A 17 -32.06 -18.73 -5.33
CA VAL A 17 -31.00 -18.60 -6.32
C VAL A 17 -30.29 -17.28 -6.11
N ILE A 18 -28.97 -17.33 -5.98
CA ILE A 18 -28.14 -16.13 -5.89
C ILE A 18 -27.69 -15.77 -7.31
N LYS A 19 -28.21 -14.67 -7.82
CA LYS A 19 -27.81 -14.21 -9.15
C LYS A 19 -26.33 -13.82 -9.16
N ARG A 20 -25.81 -13.56 -10.36
CA ARG A 20 -24.40 -13.22 -10.47
C ARG A 20 -24.09 -11.87 -9.84
N ASP A 21 -25.05 -10.94 -9.84
CA ASP A 21 -24.88 -9.63 -9.23
C ASP A 21 -25.25 -9.63 -7.76
N GLY A 22 -25.44 -10.80 -7.14
CA GLY A 22 -25.68 -10.92 -5.72
C GLY A 22 -27.14 -11.06 -5.31
N ARG A 23 -28.07 -10.77 -6.21
CA ARG A 23 -29.48 -10.75 -5.84
C ARG A 23 -29.99 -12.16 -5.58
N MET A 24 -30.78 -12.30 -4.51
CA MET A 24 -31.48 -13.54 -4.21
C MET A 24 -32.85 -13.50 -4.87
N VAL A 25 -33.14 -14.49 -5.71
CA VAL A 25 -34.40 -14.56 -6.44
C VAL A 25 -35.07 -15.89 -6.14
N THR A 26 -36.38 -15.94 -6.38
CA THR A 26 -37.12 -17.18 -6.22
C THR A 26 -36.59 -18.23 -7.19
N PHE A 27 -36.46 -19.46 -6.69
CA PHE A 27 -36.13 -20.56 -7.58
C PHE A 27 -37.22 -20.76 -8.62
N ASP A 28 -36.81 -21.15 -9.82
CA ASP A 28 -37.71 -21.22 -10.97
C ASP A 28 -37.15 -22.29 -11.91
N SER A 29 -37.68 -23.51 -11.79
CA SER A 29 -37.17 -24.63 -12.57
C SER A 29 -37.37 -24.43 -14.08
N SER A 30 -38.27 -23.53 -14.49
CA SER A 30 -38.41 -23.26 -15.91
C SER A 30 -37.17 -22.60 -16.48
N LYS A 31 -36.44 -21.83 -15.66
CA LYS A 31 -35.17 -21.25 -16.09
C LYS A 31 -34.18 -22.34 -16.49
N ILE A 32 -34.17 -23.45 -15.75
CA ILE A 32 -33.28 -24.57 -16.07
C ILE A 32 -33.74 -25.25 -17.35
N TYR A 33 -35.05 -25.50 -17.49
CA TYR A 33 -35.56 -26.19 -18.67
C TYR A 33 -35.33 -25.37 -19.93
N GLU A 34 -35.58 -24.05 -19.88
CA GLU A 34 -35.38 -23.22 -21.05
C GLU A 34 -33.91 -23.16 -21.47
N ALA A 35 -32.99 -23.22 -20.51
CA ALA A 35 -31.57 -23.21 -20.84
C ALA A 35 -31.19 -24.48 -21.60
N ILE A 36 -31.59 -25.64 -21.09
CA ILE A 36 -31.34 -26.89 -21.78
C ILE A 36 -32.00 -26.87 -23.17
N LEU A 37 -33.18 -26.26 -23.25
CA LEU A 37 -33.90 -26.21 -24.53
C LEU A 37 -33.15 -25.38 -25.56
N LYS A 38 -32.57 -24.24 -25.15
CA LYS A 38 -31.84 -23.40 -26.10
C LYS A 38 -30.62 -24.13 -26.67
N ALA A 39 -29.93 -24.91 -25.83
CA ALA A 39 -28.80 -25.67 -26.33
C ALA A 39 -29.24 -26.77 -27.28
N SER A 40 -30.41 -27.37 -27.05
CA SER A 40 -30.87 -28.45 -27.91
C SER A 40 -31.31 -27.93 -29.27
N GLU A 41 -31.96 -26.76 -29.30
CA GLU A 41 -32.47 -26.22 -30.56
C GLU A 41 -31.35 -25.90 -31.54
N THR A 42 -30.14 -25.64 -31.07
CA THR A 42 -29.03 -25.40 -31.99
C THR A 42 -28.59 -26.66 -32.71
N ILE A 43 -29.06 -27.83 -32.28
CA ILE A 43 -28.70 -29.10 -32.90
C ILE A 43 -29.82 -29.65 -33.76
N THR A 44 -31.06 -29.60 -33.27
CA THR A 44 -32.20 -30.16 -33.99
C THR A 44 -33.46 -29.47 -33.51
N PRO A 45 -34.47 -29.31 -34.37
CA PRO A 45 -35.74 -28.72 -33.92
C PRO A 45 -36.37 -29.57 -32.83
N ILE A 46 -37.07 -28.88 -31.92
CA ILE A 46 -37.68 -29.55 -30.78
C ILE A 46 -38.79 -30.49 -31.26
N THR A 47 -38.90 -31.65 -30.61
CA THR A 47 -39.92 -32.64 -30.86
C THR A 47 -40.48 -33.08 -29.52
N PRO A 48 -41.70 -33.64 -29.50
CA PRO A 48 -42.26 -34.12 -28.22
C PRO A 48 -41.38 -35.15 -27.53
N LEU A 49 -40.65 -35.96 -28.29
CA LEU A 49 -39.75 -36.93 -27.68
C LEU A 49 -38.58 -36.23 -26.98
N ILE A 50 -38.06 -35.16 -27.59
CA ILE A 50 -36.98 -34.41 -26.97
C ILE A 50 -37.46 -33.71 -25.71
N GLU A 51 -38.67 -33.12 -25.77
CA GLU A 51 -39.24 -32.45 -24.61
C GLU A 51 -39.31 -33.40 -23.41
N THR A 52 -39.75 -34.64 -23.64
CA THR A 52 -39.81 -35.61 -22.56
C THR A 52 -38.44 -35.83 -21.95
N LYS A 53 -37.41 -35.93 -22.79
CA LYS A 53 -36.05 -36.11 -22.27
C LYS A 53 -35.55 -34.87 -21.55
N LEU A 54 -35.90 -33.68 -22.06
CA LEU A 54 -35.37 -32.46 -21.47
C LEU A 54 -36.01 -32.17 -20.12
N GLU A 55 -37.30 -32.44 -19.95
CA GLU A 55 -37.91 -32.21 -18.65
C GLU A 55 -37.57 -33.31 -17.65
N GLY A 56 -37.20 -34.50 -18.14
CA GLY A 56 -36.64 -35.50 -17.24
C GLY A 56 -35.27 -35.09 -16.73
N ILE A 57 -34.45 -34.49 -17.60
CA ILE A 57 -33.15 -34.00 -17.17
C ILE A 57 -33.30 -32.86 -16.18
N ALA A 58 -34.21 -31.92 -16.47
CA ALA A 58 -34.45 -30.82 -15.54
C ALA A 58 -34.89 -31.33 -14.17
N ASN A 59 -35.65 -32.43 -14.14
CA ASN A 59 -36.03 -33.02 -12.86
C ASN A 59 -34.82 -33.57 -12.12
N ARG A 60 -33.93 -34.25 -12.84
CA ARG A 60 -32.71 -34.73 -12.20
C ARG A 60 -31.84 -33.57 -11.72
N VAL A 61 -31.92 -32.41 -12.39
CA VAL A 61 -31.19 -31.24 -11.96
C VAL A 61 -31.76 -30.70 -10.64
N VAL A 62 -33.08 -30.58 -10.57
CA VAL A 62 -33.72 -30.06 -9.36
C VAL A 62 -33.52 -31.03 -8.20
N ALA A 63 -33.58 -32.34 -8.49
CA ALA A 63 -33.34 -33.33 -7.43
C ALA A 63 -31.92 -33.23 -6.89
N GLU A 64 -30.94 -33.07 -7.77
CA GLU A 64 -29.56 -32.92 -7.33
C GLU A 64 -29.36 -31.64 -6.54
N ILE A 65 -30.04 -30.56 -6.94
CA ILE A 65 -30.00 -29.32 -6.17
C ILE A 65 -30.51 -29.56 -4.75
N ASN A 66 -31.66 -30.23 -4.63
CA ASN A 66 -32.21 -30.53 -3.31
C ASN A 66 -31.29 -31.44 -2.51
N ASP A 67 -30.47 -32.23 -3.20
CA ASP A 67 -29.58 -33.18 -2.54
C ASP A 67 -28.27 -32.56 -2.10
N ARG A 68 -27.87 -31.42 -2.68
CA ARG A 68 -26.56 -30.85 -2.44
C ARG A 68 -26.57 -29.48 -1.79
N PHE A 69 -27.72 -28.81 -1.71
CA PHE A 69 -27.79 -27.47 -1.14
C PHE A 69 -29.00 -27.36 -0.22
N SER A 70 -28.89 -26.48 0.78
CA SER A 70 -29.87 -26.39 1.84
C SER A 70 -30.53 -25.02 1.97
N HIS A 71 -29.86 -23.94 1.57
CA HIS A 71 -30.44 -22.62 1.76
C HIS A 71 -30.33 -21.73 0.53
N ASN A 72 -29.18 -21.72 -0.14
CA ASN A 72 -29.01 -20.92 -1.34
C ASN A 72 -28.11 -21.67 -2.32
N ILE A 73 -28.14 -21.22 -3.57
CA ILE A 73 -27.31 -21.82 -4.61
C ILE A 73 -26.94 -20.74 -5.61
N LYS A 74 -25.68 -20.72 -6.01
CA LYS A 74 -25.20 -19.74 -6.98
C LYS A 74 -25.50 -20.21 -8.40
N ILE A 75 -25.44 -19.26 -9.34
CA ILE A 75 -25.75 -19.56 -10.74
C ILE A 75 -24.78 -20.61 -11.28
N TYR A 76 -23.47 -20.42 -11.04
CA TYR A 76 -22.51 -21.37 -11.57
C TYR A 76 -22.63 -22.75 -10.94
N GLU A 77 -23.21 -22.83 -9.74
CA GLU A 77 -23.46 -24.13 -9.13
C GLU A 77 -24.63 -24.83 -9.81
N ILE A 78 -25.63 -24.07 -10.27
CA ILE A 78 -26.71 -24.66 -11.06
C ILE A 78 -26.19 -25.14 -12.40
N GLN A 79 -25.40 -24.30 -13.08
CA GLN A 79 -24.81 -24.67 -14.35
C GLN A 79 -23.98 -25.93 -14.22
N SER A 80 -23.21 -26.05 -13.14
CA SER A 80 -22.40 -27.24 -12.92
C SER A 80 -23.29 -28.48 -12.83
N ILE A 81 -24.46 -28.37 -12.22
CA ILE A 81 -25.38 -29.50 -12.12
C ILE A 81 -26.02 -29.78 -13.47
N VAL A 82 -26.38 -28.73 -14.21
CA VAL A 82 -26.99 -28.90 -15.52
C VAL A 82 -26.05 -29.65 -16.45
N GLU A 83 -24.78 -29.24 -16.49
CA GLU A 83 -23.80 -29.93 -17.32
C GLU A 83 -23.54 -31.34 -16.81
N HIS A 84 -23.56 -31.53 -15.50
CA HIS A 84 -23.36 -32.87 -14.93
C HIS A 84 -24.49 -33.81 -15.32
N GLU A 85 -25.73 -33.37 -15.14
CA GLU A 85 -26.88 -34.23 -15.44
C GLU A 85 -27.04 -34.48 -16.93
N LEU A 86 -26.63 -33.52 -17.78
CA LEU A 86 -26.63 -33.76 -19.22
C LEU A 86 -25.72 -34.93 -19.57
N LEU A 87 -24.55 -35.00 -18.92
CA LEU A 87 -23.65 -36.12 -19.18
C LEU A 87 -24.16 -37.41 -18.58
N GLU A 88 -24.87 -37.33 -17.44
CA GLU A 88 -25.50 -38.52 -16.88
C GLU A 88 -26.58 -39.06 -17.82
N ALA A 89 -27.38 -38.17 -18.40
CA ALA A 89 -28.40 -38.55 -19.36
C ALA A 89 -27.82 -38.90 -20.72
N ASN A 90 -26.49 -38.89 -20.87
CA ASN A 90 -25.79 -39.27 -22.09
C ASN A 90 -26.16 -38.37 -23.27
N GLU A 91 -26.64 -37.16 -23.02
CA GLU A 91 -26.91 -36.20 -24.09
C GLU A 91 -25.63 -35.42 -24.40
N TYR A 92 -24.68 -36.14 -24.99
CA TYR A 92 -23.35 -35.58 -25.20
C TYR A 92 -23.36 -34.47 -26.24
N ALA A 93 -24.23 -34.56 -27.24
CA ALA A 93 -24.34 -33.50 -28.23
C ALA A 93 -24.83 -32.21 -27.58
N ILE A 94 -25.86 -32.31 -26.75
CA ILE A 94 -26.37 -31.15 -26.03
C ILE A 94 -25.32 -30.64 -25.05
N ALA A 95 -24.73 -31.55 -24.27
CA ALA A 95 -23.75 -31.16 -23.27
C ALA A 95 -22.57 -30.44 -23.91
N GLN A 96 -22.12 -30.89 -25.07
CA GLN A 96 -21.03 -30.22 -25.76
C GLN A 96 -21.42 -28.79 -26.16
N GLU A 97 -22.61 -28.64 -26.75
CA GLU A 97 -23.07 -27.31 -27.13
C GLU A 97 -23.32 -26.44 -25.91
N TYR A 98 -23.87 -27.02 -24.84
CA TYR A 98 -24.13 -26.25 -23.62
C TYR A 98 -22.84 -25.78 -22.98
N ILE A 99 -21.89 -26.71 -22.76
CA ILE A 99 -20.62 -26.35 -22.12
C ILE A 99 -19.89 -25.28 -22.93
N ASN A 100 -19.83 -25.46 -24.25
CA ASN A 100 -19.11 -24.51 -25.10
C ASN A 100 -19.71 -23.11 -24.99
N TYR A 101 -21.04 -23.01 -25.04
CA TYR A 101 -21.70 -21.71 -24.95
C TYR A 101 -21.58 -21.12 -23.55
N ARG A 102 -21.77 -21.94 -22.52
CA ARG A 102 -21.66 -21.45 -21.15
C ARG A 102 -20.25 -20.95 -20.86
N THR A 103 -19.24 -21.70 -21.29
CA THR A 103 -17.86 -21.29 -21.05
C THR A 103 -17.52 -20.02 -21.83
N LYS A 104 -18.05 -19.88 -23.05
CA LYS A 104 -17.84 -18.66 -23.82
C LYS A 104 -18.37 -17.45 -23.08
N ARG A 105 -19.56 -17.55 -22.51
CA ARG A 105 -20.14 -16.44 -21.77
C ARG A 105 -19.41 -16.18 -20.46
N ASP A 106 -18.86 -17.23 -19.84
CA ASP A 106 -18.10 -17.03 -18.61
C ASP A 106 -16.80 -16.29 -18.85
N PHE A 107 -16.12 -16.61 -19.96
CA PHE A 107 -14.88 -15.93 -20.29
C PHE A 107 -15.13 -14.46 -20.63
N GLU A 108 -16.11 -14.20 -21.49
CA GLU A 108 -16.43 -12.82 -21.85
C GLU A 108 -16.85 -11.99 -20.64
N ARG A 109 -17.49 -12.64 -19.65
CA ARG A 109 -17.89 -11.93 -18.45
C ARG A 109 -16.69 -11.54 -17.59
N SER A 110 -15.68 -12.41 -17.53
CA SER A 110 -14.48 -12.10 -16.77
C SER A 110 -13.62 -11.06 -17.49
N GLN A 111 -13.61 -11.07 -18.82
CA GLN A 111 -12.80 -10.14 -19.59
C GLN A 111 -13.27 -8.70 -19.45
N ALA A 112 -14.49 -8.46 -18.93
CA ALA A 112 -14.93 -7.12 -18.65
C ALA A 112 -14.22 -6.52 -17.44
N THR A 113 -13.45 -7.32 -16.69
CA THR A 113 -12.62 -6.85 -15.61
C THR A 113 -11.14 -6.79 -15.99
N ASP A 114 -10.80 -7.19 -17.22
CA ASP A 114 -9.42 -7.20 -17.66
C ASP A 114 -8.97 -5.80 -18.04
N ILE A 115 -7.75 -5.44 -17.62
CA ILE A 115 -7.25 -4.10 -17.86
C ILE A 115 -6.59 -4.00 -19.22
N ASN A 116 -5.80 -5.01 -19.61
CA ASN A 116 -5.05 -4.94 -20.86
C ASN A 116 -5.97 -4.72 -22.06
N PHE A 117 -7.19 -5.26 -22.00
CA PHE A 117 -8.16 -5.00 -23.04
C PHE A 117 -8.60 -3.54 -23.04
N THR A 118 -8.93 -3.00 -21.87
CA THR A 118 -9.52 -1.67 -21.80
C THR A 118 -8.45 -0.56 -21.75
N ILE A 119 -7.25 -0.87 -21.27
CA ILE A 119 -6.19 0.15 -21.25
C ILE A 119 -5.75 0.47 -22.67
N ASN A 120 -5.67 -0.55 -23.53
CA ASN A 120 -5.36 -0.29 -24.94
C ASN A 120 -6.45 0.53 -25.62
N LYS A 121 -7.71 0.30 -25.24
CA LYS A 121 -8.80 1.09 -25.79
C LYS A 121 -8.82 2.51 -25.22
N LEU A 122 -8.40 2.67 -23.96
CA LEU A 122 -8.34 4.00 -23.36
C LEU A 122 -7.30 4.87 -24.04
N VAL A 123 -6.16 4.30 -24.41
CA VAL A 123 -5.09 5.07 -25.04
C VAL A 123 -5.28 5.22 -26.54
N ASN A 124 -6.08 4.35 -27.17
CA ASN A 124 -6.22 4.38 -28.62
C ASN A 124 -7.51 5.05 -29.09
N LYS A 125 -8.64 4.34 -29.02
CA LYS A 125 -9.81 4.75 -29.78
C LYS A 125 -11.02 5.11 -28.92
N ASP A 126 -11.79 4.12 -28.51
CA ASP A 126 -13.18 4.35 -28.11
C ASP A 126 -13.37 4.77 -26.66
N GLN A 127 -12.49 4.37 -25.75
CA GLN A 127 -12.71 4.65 -24.33
C GLN A 127 -12.37 6.09 -23.99
N ALA A 128 -13.15 6.67 -23.08
CA ALA A 128 -13.02 8.08 -22.72
C ALA A 128 -12.04 8.27 -21.57
N VAL A 129 -11.30 9.37 -21.61
CA VAL A 129 -10.30 9.69 -20.60
C VAL A 129 -10.77 10.85 -19.72
N VAL A 130 -11.11 11.98 -20.31
CA VAL A 130 -11.58 13.14 -19.57
C VAL A 130 -13.05 12.89 -19.19
N HIS A 131 -13.29 12.64 -17.90
CA HIS A 131 -14.62 12.28 -17.43
CA HIS A 131 -14.62 12.29 -17.43
C HIS A 131 -14.94 12.93 -16.08
N GLU A 132 -14.30 14.07 -15.78
CA GLU A 132 -14.56 14.70 -14.49
C GLU A 132 -15.94 15.33 -14.45
N ASN A 133 -16.35 16.00 -15.52
CA ASN A 133 -17.68 16.58 -15.61
C ASN A 133 -18.56 15.77 -16.56
N SER A 138 -2.87 19.07 -7.55
CA SER A 138 -2.78 17.99 -8.53
C SER A 138 -1.40 17.98 -9.20
N ASP A 139 -0.38 18.43 -8.46
CA ASP A 139 0.97 18.54 -9.01
C ASP A 139 1.89 17.40 -8.60
N LEU A 140 1.62 16.73 -7.48
CA LEU A 140 2.50 15.66 -7.01
C LEU A 140 2.51 14.51 -8.02
N TYR A 141 3.66 13.87 -8.14
CA TYR A 141 3.82 12.77 -9.10
C TYR A 141 2.90 11.61 -8.76
N ASN A 142 2.84 11.22 -7.49
CA ASN A 142 1.99 10.09 -7.10
C ASN A 142 0.52 10.42 -7.34
N THR A 143 0.15 11.70 -7.22
CA THR A 143 -1.21 12.12 -7.60
C THR A 143 -1.43 11.93 -9.10
N GLN A 144 -0.46 12.37 -9.91
CA GLN A 144 -0.59 12.27 -11.36
C GLN A 144 -0.70 10.82 -11.80
N ARG A 145 0.09 9.94 -11.19
CA ARG A 145 0.01 8.52 -11.54
C ARG A 145 -1.28 7.89 -11.03
N ASP A 146 -1.79 8.37 -9.89
CA ASP A 146 -3.04 7.82 -9.36
C ASP A 146 -4.23 8.21 -10.21
N LEU A 147 -4.17 9.37 -10.88
CA LEU A 147 -5.24 9.77 -11.79
C LEU A 147 -5.48 8.71 -12.85
N THR A 148 -4.40 8.14 -13.41
CA THR A 148 -4.57 7.13 -14.45
C THR A 148 -5.08 5.82 -13.88
N ALA A 149 -4.74 5.50 -12.63
CA ALA A 149 -5.30 4.31 -12.00
C ALA A 149 -6.79 4.46 -11.77
N GLY A 150 -7.24 5.67 -11.43
CA GLY A 150 -8.67 5.89 -11.24
C GLY A 150 -9.44 5.91 -12.54
N ILE A 151 -8.83 6.47 -13.59
CA ILE A 151 -9.45 6.44 -14.92
C ILE A 151 -9.68 5.00 -15.36
N VAL A 152 -8.67 4.15 -15.21
CA VAL A 152 -8.82 2.73 -15.54
C VAL A 152 -9.84 2.08 -14.62
N GLY A 153 -9.77 2.37 -13.32
CA GLY A 153 -10.70 1.76 -12.38
C GLY A 153 -12.14 2.15 -12.63
N LYS A 154 -12.38 3.43 -12.93
CA LYS A 154 -13.74 3.86 -13.21
C LYS A 154 -14.23 3.29 -14.53
N SER A 155 -13.36 3.21 -15.54
CA SER A 155 -13.76 2.65 -16.82
C SER A 155 -14.07 1.16 -16.70
N VAL A 156 -13.23 0.41 -15.96
CA VAL A 156 -13.51 -1.01 -15.74
C VAL A 156 -14.72 -1.18 -14.84
N GLY A 157 -14.84 -0.35 -13.80
CA GLY A 157 -15.92 -0.51 -12.85
C GLY A 157 -17.29 -0.33 -13.47
N LEU A 158 -17.42 0.62 -14.40
CA LEU A 158 -18.70 0.86 -15.05
C LEU A 158 -19.17 -0.36 -15.83
N LYS A 159 -18.24 -1.12 -16.42
CA LYS A 159 -18.60 -2.33 -17.14
C LYS A 159 -18.90 -3.49 -16.20
N MET A 160 -18.43 -3.44 -14.95
CA MET A 160 -18.66 -4.53 -14.02
C MET A 160 -20.02 -4.42 -13.33
N LEU A 161 -20.53 -3.21 -13.16
CA LEU A 161 -21.79 -3.01 -12.46
C LEU A 161 -22.94 -3.62 -13.25
N PRO A 162 -24.01 -4.03 -12.57
CA PRO A 162 -25.26 -4.34 -13.28
C PRO A 162 -25.67 -3.16 -14.14
N PRO A 163 -26.03 -3.40 -15.40
CA PRO A 163 -26.21 -2.27 -16.34
C PRO A 163 -27.18 -1.20 -15.86
N HIS A 164 -28.29 -1.60 -15.24
CA HIS A 164 -29.25 -0.60 -14.78
C HIS A 164 -28.68 0.25 -13.64
N VAL A 165 -27.74 -0.30 -12.87
CA VAL A 165 -27.06 0.50 -11.84
C VAL A 165 -26.12 1.50 -12.49
N ALA A 166 -25.37 1.06 -13.51
CA ALA A 166 -24.46 1.97 -14.20
C ALA A 166 -25.21 3.11 -14.87
N ASN A 167 -26.32 2.79 -15.54
CA ASN A 167 -27.12 3.82 -16.19
C ASN A 167 -27.64 4.83 -15.17
N ALA A 168 -28.15 4.35 -14.04
CA ALA A 168 -28.67 5.24 -13.01
C ALA A 168 -27.57 6.16 -12.47
N HIS A 169 -26.34 5.64 -12.36
CA HIS A 169 -25.25 6.47 -11.86
C HIS A 169 -24.86 7.54 -12.87
N GLN A 170 -24.67 7.16 -14.14
CA GLN A 170 -24.24 8.11 -15.15
C GLN A 170 -25.29 9.19 -15.38
N LYS A 171 -26.57 8.82 -15.37
CA LYS A 171 -27.62 9.82 -15.53
C LYS A 171 -27.69 10.78 -14.34
N GLY A 172 -27.30 10.32 -13.17
CA GLY A 172 -27.43 11.10 -11.96
C GLY A 172 -28.61 10.74 -11.08
N ASP A 173 -29.29 9.62 -11.36
CA ASP A 173 -30.39 9.20 -10.49
C ASP A 173 -29.87 8.72 -9.14
N ILE A 174 -28.75 8.01 -9.14
CA ILE A 174 -28.06 7.61 -7.93
C ILE A 174 -26.59 8.01 -8.06
N HIS A 175 -25.83 7.77 -7.00
CA HIS A 175 -24.38 7.95 -7.02
C HIS A 175 -23.74 6.71 -6.41
N PHE A 176 -23.04 5.95 -7.25
CA PHE A 176 -22.25 4.81 -6.80
C PHE A 176 -20.89 5.33 -6.36
N HIS A 177 -20.66 5.37 -5.04
CA HIS A 177 -19.49 6.05 -4.51
C HIS A 177 -18.21 5.28 -4.78
N ASP A 178 -17.13 6.04 -5.02
CA ASP A 178 -15.76 5.52 -5.07
C ASP A 178 -15.56 4.57 -6.24
N LEU A 179 -15.97 5.01 -7.44
CA LEU A 179 -15.74 4.22 -8.64
C LEU A 179 -14.26 4.07 -8.97
N ASP A 180 -13.42 4.98 -8.47
CA ASP A 180 -11.98 4.86 -8.73
C ASP A 180 -11.40 3.60 -8.12
N TYR A 181 -11.99 3.10 -7.04
CA TYR A 181 -11.47 1.95 -6.31
C TYR A 181 -12.33 0.70 -6.44
N SER A 182 -13.66 0.84 -6.32
CA SER A 182 -14.54 -0.31 -6.45
C SER A 182 -15.57 -0.06 -7.56
N PRO A 183 -16.06 -1.11 -8.21
CA PRO A 183 -15.82 -2.53 -7.97
C PRO A 183 -14.56 -3.08 -8.63
N TYR A 184 -13.66 -2.25 -9.16
CA TYR A 184 -12.44 -2.79 -9.77
C TYR A 184 -11.65 -3.62 -8.76
N THR A 185 -11.42 -3.07 -7.57
CA THR A 185 -10.90 -3.85 -6.47
C THR A 185 -12.02 -4.19 -5.49
N PRO A 186 -11.90 -5.27 -4.72
CA PRO A 186 -12.94 -5.59 -3.73
C PRO A 186 -12.72 -4.85 -2.41
N MET A 187 -12.21 -3.63 -2.49
CA MET A 187 -11.94 -2.84 -1.30
C MET A 187 -13.22 -2.56 -0.51
N THR A 188 -13.05 -2.40 0.81
CA THR A 188 -14.12 -1.94 1.68
C THR A 188 -14.01 -0.42 1.87
N ASN A 189 -14.90 0.12 2.69
CA ASN A 189 -14.96 1.58 2.85
C ASN A 189 -14.23 2.03 4.11
N CYS A 190 -14.97 2.28 5.19
CA CYS A 190 -14.41 2.76 6.44
C CYS A 190 -14.48 1.68 7.50
N CYS A 191 -13.82 1.94 8.63
CA CYS A 191 -13.81 0.97 9.71
C CYS A 191 -13.40 1.65 11.02
N LEU A 192 -13.73 0.98 12.12
CA LEU A 192 -13.11 1.24 13.42
C LEU A 192 -11.99 0.21 13.57
N ILE A 193 -10.74 0.68 13.52
CA ILE A 193 -9.61 -0.24 13.68
C ILE A 193 -9.59 -0.77 15.10
N ASP A 194 -9.42 -2.09 15.23
CA ASP A 194 -9.31 -2.74 16.53
C ASP A 194 -7.86 -2.62 17.01
N PHE A 195 -7.52 -1.40 17.45
CA PHE A 195 -6.17 -1.16 17.96
C PHE A 195 -5.90 -1.95 19.23
N LYS A 196 -6.91 -2.09 20.09
CA LYS A 196 -6.72 -2.80 21.37
C LYS A 196 -6.26 -4.23 21.15
N GLY A 197 -6.82 -4.90 20.14
CA GLY A 197 -6.40 -6.28 19.87
C GLY A 197 -5.04 -6.37 19.20
N MET A 198 -4.74 -5.43 18.30
CA MET A 198 -3.46 -5.47 17.60
C MET A 198 -2.30 -5.15 18.54
N LEU A 199 -2.41 -4.06 19.29
CA LEU A 199 -1.32 -3.64 20.16
C LEU A 199 -1.06 -4.66 21.27
N ALA A 200 -2.11 -5.31 21.78
CA ALA A 200 -1.93 -6.26 22.87
C ALA A 200 -1.24 -7.53 22.38
N ASN A 201 -1.64 -8.05 21.22
CA ASN A 201 -1.18 -9.35 20.75
C ASN A 201 -0.08 -9.24 19.71
N GLY A 202 0.33 -8.04 19.32
CA GLY A 202 1.30 -7.89 18.26
C GLY A 202 0.69 -8.17 16.90
N PHE A 203 1.42 -7.85 15.84
CA PHE A 203 0.90 -7.97 14.49
C PHE A 203 2.05 -7.84 13.51
N LYS A 204 1.80 -8.24 12.27
CA LYS A 204 2.75 -8.05 11.18
C LYS A 204 2.31 -6.86 10.34
N ILE A 205 3.27 -5.98 10.03
CA ILE A 205 3.02 -4.81 9.19
C ILE A 205 4.25 -4.58 8.34
N GLY A 206 4.06 -4.47 7.04
CA GLY A 206 5.19 -4.42 6.13
C GLY A 206 6.01 -5.68 6.25
N ASN A 207 7.30 -5.53 6.54
CA ASN A 207 8.22 -6.65 6.69
C ASN A 207 8.47 -7.02 8.13
N ALA A 208 7.79 -6.38 9.08
CA ALA A 208 8.08 -6.53 10.50
C ALA A 208 6.91 -7.17 11.22
N GLU A 209 7.20 -8.21 12.00
CA GLU A 209 6.23 -8.83 12.90
C GLU A 209 6.47 -8.27 14.30
N VAL A 210 5.90 -7.09 14.55
CA VAL A 210 6.20 -6.34 15.77
C VAL A 210 5.49 -6.95 16.96
N GLU A 211 6.06 -6.73 18.15
CA GLU A 211 5.51 -7.19 19.41
C GLU A 211 4.71 -6.07 20.06
N SER A 212 4.09 -6.37 21.20
CA SER A 212 3.30 -5.40 21.90
C SER A 212 4.17 -4.23 22.36
N PRO A 213 3.64 -3.01 22.35
CA PRO A 213 4.46 -1.86 22.76
C PRO A 213 4.79 -1.90 24.23
N LYS A 214 6.05 -1.57 24.54
CA LYS A 214 6.51 -1.49 25.92
C LYS A 214 6.49 -0.06 26.47
N SER A 215 6.04 0.89 25.67
CA SER A 215 5.88 2.27 26.11
C SER A 215 4.75 2.89 25.32
N ILE A 216 4.28 4.05 25.77
CA ILE A 216 3.26 4.76 25.02
C ILE A 216 3.86 5.39 23.76
N GLN A 217 5.15 5.71 23.77
CA GLN A 217 5.79 6.23 22.56
C GLN A 217 5.80 5.20 21.44
N THR A 218 6.14 3.95 21.77
CA THR A 218 6.08 2.89 20.78
C THR A 218 4.63 2.56 20.41
N ALA A 219 3.70 2.75 21.34
CA ALA A 219 2.30 2.49 21.06
C ALA A 219 1.76 3.45 19.99
N THR A 220 2.03 4.75 20.15
CA THR A 220 1.51 5.71 19.18
C THR A 220 2.25 5.61 17.84
N ALA A 221 3.50 5.17 17.86
CA ALA A 221 4.21 4.95 16.61
C ALA A 221 3.61 3.80 15.82
N GLN A 222 3.24 2.72 16.52
CA GLN A 222 2.57 1.60 15.85
C GLN A 222 1.19 2.00 15.35
N ILE A 223 0.52 2.91 16.05
CA ILE A 223 -0.82 3.34 15.62
C ILE A 223 -0.74 4.06 14.28
N SER A 224 0.18 5.01 14.15
CA SER A 224 0.30 5.77 12.91
C SER A 224 0.71 4.88 11.74
N GLN A 225 1.46 3.81 12.01
CA GLN A 225 1.83 2.90 10.93
C GLN A 225 0.68 1.97 10.58
N ILE A 226 -0.08 1.51 11.57
CA ILE A 226 -1.31 0.77 11.30
C ILE A 226 -2.24 1.62 10.45
N ILE A 227 -2.42 2.88 10.82
CA ILE A 227 -3.31 3.77 10.07
C ILE A 227 -2.85 3.91 8.62
N ALA A 228 -1.54 4.08 8.42
CA ALA A 228 -1.01 4.20 7.06
C ALA A 228 -1.33 2.96 6.23
N ASN A 229 -1.15 1.78 6.83
CA ASN A 229 -1.39 0.54 6.09
C ASN A 229 -2.88 0.28 5.89
N VAL A 230 -3.70 0.60 6.89
CA VAL A 230 -5.14 0.44 6.72
C VAL A 230 -5.68 1.41 5.68
N ALA A 231 -5.17 2.64 5.67
CA ALA A 231 -5.63 3.65 4.71
C ALA A 231 -5.34 3.25 3.27
N SER A 232 -4.39 2.36 3.05
CA SER A 232 -4.10 1.89 1.69
C SER A 232 -4.84 0.61 1.34
N SER A 233 -5.48 -0.02 2.31
CA SER A 233 -6.27 -1.23 2.08
C SER A 233 -7.75 -0.96 1.94
N GLN A 234 -8.16 0.32 1.98
CA GLN A 234 -9.55 0.71 1.89
C GLN A 234 -9.60 2.15 1.38
N TYR A 235 -10.74 2.54 0.82
CA TYR A 235 -10.88 3.87 0.25
C TYR A 235 -11.54 4.88 1.18
N GLY A 236 -11.98 4.43 2.37
CA GLY A 236 -12.61 5.31 3.33
C GLY A 236 -11.75 5.58 4.55
N GLY A 237 -12.31 6.38 5.45
CA GLY A 237 -11.60 6.77 6.65
C GLY A 237 -11.51 5.66 7.68
N CYS A 238 -10.66 5.90 8.68
CA CYS A 238 -10.53 4.99 9.81
C CYS A 238 -10.50 5.80 11.10
N THR A 239 -10.84 5.14 12.20
CA THR A 239 -11.02 5.81 13.48
C THR A 239 -10.43 4.97 14.60
N ALA A 240 -9.75 5.65 15.53
CA ALA A 240 -9.28 5.04 16.76
C ALA A 240 -10.29 5.36 17.85
N ASP A 241 -11.11 4.39 18.20
CA ASP A 241 -12.18 4.59 19.17
C ASP A 241 -11.66 4.40 20.59
N ARG A 242 -12.02 5.33 21.48
CA ARG A 242 -11.63 5.27 22.89
C ARG A 242 -10.10 5.21 23.05
N ILE A 243 -9.41 6.15 22.40
CA ILE A 243 -7.95 6.05 22.33
C ILE A 243 -7.32 6.32 23.69
N ASP A 244 -7.92 7.20 24.49
CA ASP A 244 -7.38 7.46 25.82
C ASP A 244 -7.41 6.22 26.70
N GLU A 245 -8.36 5.30 26.43
CA GLU A 245 -8.53 4.16 27.31
C GLU A 245 -7.56 3.02 26.97
N PHE A 246 -7.43 2.67 25.69
CA PHE A 246 -6.55 1.56 25.35
C PHE A 246 -5.08 1.96 25.33
N LEU A 247 -4.78 3.27 25.27
CA LEU A 247 -3.40 3.72 25.38
C LEU A 247 -2.93 3.80 26.82
N ALA A 248 -3.85 3.91 27.77
CA ALA A 248 -3.47 4.06 29.18
C ALA A 248 -2.60 2.90 29.69
N PRO A 249 -2.90 1.62 29.43
CA PRO A 249 -2.01 0.57 29.91
C PRO A 249 -0.57 0.71 29.42
N TYR A 250 -0.37 1.36 28.28
CA TYR A 250 0.98 1.55 27.78
C TYR A 250 1.66 2.76 28.39
N ALA A 251 0.89 3.81 28.70
CA ALA A 251 1.43 4.91 29.49
C ALA A 251 1.81 4.44 30.90
N GLU A 252 1.08 3.45 31.43
CA GLU A 252 1.39 2.92 32.74
C GLU A 252 2.74 2.19 32.74
N LEU A 253 3.09 1.55 31.63
CA LEU A 253 4.41 0.93 31.52
C LEU A 253 5.51 1.98 31.63
N ASN A 254 5.29 3.16 31.05
CA ASN A 254 6.23 4.26 31.23
C ASN A 254 6.40 4.61 32.70
N TYR A 255 5.29 4.71 33.43
CA TYR A 255 5.36 5.01 34.86
C TYR A 255 6.09 3.91 35.61
N LYS A 256 5.83 2.65 35.24
CA LYS A 256 6.46 1.53 35.94
C LYS A 256 7.97 1.58 35.81
N LYS A 257 8.47 1.84 34.60
CA LYS A 257 9.92 1.86 34.40
C LYS A 257 10.55 3.17 34.89
N HIS A 258 9.79 4.27 34.91
CA HIS A 258 10.30 5.50 35.49
C HIS A 258 10.47 5.38 36.99
N LEU A 259 9.53 4.67 37.66
CA LEU A 259 9.67 4.43 39.08
C LEU A 259 10.83 3.50 39.38
N ALA A 260 11.14 2.58 38.46
CA ALA A 260 12.28 1.69 38.64
C ALA A 260 13.59 2.45 38.49
N ASP A 261 13.69 3.32 37.48
CA ASP A 261 14.87 4.18 37.37
C ASP A 261 15.00 5.09 38.58
N ALA A 262 13.86 5.57 39.11
CA ALA A 262 13.90 6.45 40.27
C ALA A 262 14.53 5.74 41.47
N LYS A 263 14.29 4.43 41.61
CA LYS A 263 14.86 3.69 42.71
C LYS A 263 16.38 3.57 42.61
N GLU A 264 16.95 3.73 41.41
CA GLU A 264 18.39 3.58 41.23
C GLU A 264 19.12 4.91 41.16
N TRP A 265 18.45 6.00 40.76
CA TRP A 265 19.12 7.28 40.56
C TRP A 265 18.57 8.42 41.41
N VAL A 266 17.35 8.33 41.89
CA VAL A 266 16.69 9.44 42.57
C VAL A 266 16.56 9.13 44.05
N THR A 267 16.66 10.19 44.87
CA THR A 267 16.46 10.05 46.30
C THR A 267 15.02 9.65 46.60
N GLU A 268 14.85 8.91 47.71
CA GLU A 268 13.57 8.28 48.00
C GLU A 268 12.44 9.30 48.16
N GLU A 269 12.76 10.51 48.60
CA GLU A 269 11.71 11.51 48.80
C GLU A 269 11.16 12.02 47.47
N LYS A 270 11.96 12.00 46.41
CA LYS A 270 11.55 12.52 45.11
C LYS A 270 11.18 11.43 44.11
N GLN A 271 11.25 10.15 44.51
CA GLN A 271 11.12 9.08 43.54
C GLN A 271 9.74 9.06 42.90
N GLU A 272 8.68 9.30 43.68
CA GLU A 272 7.34 9.25 43.13
C GLU A 272 7.09 10.45 42.20
N ASP A 273 7.54 11.64 42.61
CA ASP A 273 7.35 12.82 41.76
C ASP A 273 8.15 12.71 40.46
N TYR A 274 9.27 12.00 40.48
CA TYR A 274 10.07 11.81 39.28
C TYR A 274 9.32 10.96 38.26
N ALA A 275 8.77 9.82 38.70
CA ALA A 275 8.03 8.95 37.79
C ALA A 275 6.79 9.65 37.24
N ARG A 276 6.12 10.44 38.09
CA ARG A 276 4.92 11.15 37.66
C ARG A 276 5.25 12.19 36.60
N ALA A 277 6.26 13.03 36.87
CA ALA A 277 6.60 14.10 35.93
C ALA A 277 7.08 13.55 34.59
N LYS A 278 7.95 12.53 34.63
CA LYS A 278 8.48 11.97 33.40
C LYS A 278 7.40 11.26 32.59
N THR A 279 6.48 10.57 33.28
CA THR A 279 5.39 9.89 32.56
C THR A 279 4.46 10.89 31.90
N ARG A 280 4.16 11.99 32.59
CA ARG A 280 3.31 13.02 31.98
C ARG A 280 3.96 13.59 30.72
N LYS A 281 5.28 13.76 30.73
CA LYS A 281 5.97 14.25 29.55
C LYS A 281 5.98 13.20 28.44
N ASP A 282 6.18 11.93 28.79
CA ASP A 282 6.14 10.87 27.80
C ASP A 282 4.79 10.81 27.11
N ILE A 283 3.70 10.98 27.87
CA ILE A 283 2.37 10.95 27.29
C ILE A 283 2.21 12.08 26.28
N TYR A 284 2.65 13.29 26.65
CA TYR A 284 2.55 14.42 25.73
C TYR A 284 3.39 14.19 24.48
N ASP A 285 4.62 13.69 24.65
CA ASP A 285 5.48 13.44 23.50
C ASP A 285 4.87 12.40 22.57
N ALA A 286 4.29 11.35 23.13
CA ALA A 286 3.69 10.31 22.31
C ALA A 286 2.51 10.85 21.51
N MET A 287 1.64 11.63 22.15
CA MET A 287 0.51 12.21 21.44
C MET A 287 0.95 13.28 20.44
N GLN A 288 2.06 13.95 20.73
CA GLN A 288 2.64 14.88 19.75
C GLN A 288 3.09 14.14 18.50
N SER A 289 3.72 12.97 18.68
CA SER A 289 4.13 12.18 17.52
C SER A 289 2.94 11.72 16.72
N LEU A 290 1.89 11.24 17.38
CA LEU A 290 0.68 10.81 16.68
C LEU A 290 0.11 11.94 15.82
N GLU A 291 0.11 13.16 16.35
CA GLU A 291 -0.39 14.30 15.60
C GLU A 291 0.45 14.55 14.35
N TYR A 292 1.77 14.70 14.52
CA TYR A 292 2.64 15.05 13.39
C TYR A 292 2.80 13.90 12.41
N GLU A 293 2.82 12.65 12.89
CA GLU A 293 3.02 11.53 11.97
C GLU A 293 1.80 11.28 11.11
N ILE A 294 0.59 11.54 11.63
CA ILE A 294 -0.61 11.39 10.82
C ILE A 294 -0.61 12.39 9.66
N ASN A 295 -0.17 13.61 9.92
CA ASN A 295 -0.20 14.65 8.90
C ASN A 295 0.85 14.44 7.81
N THR A 296 1.89 13.64 8.07
CA THR A 296 2.88 13.32 7.05
C THR A 296 2.52 12.08 6.26
N LEU A 297 1.45 11.37 6.63
CA LEU A 297 1.00 10.22 5.87
C LEU A 297 0.28 10.67 4.61
N PHE A 298 0.21 9.75 3.64
CA PHE A 298 -0.49 10.00 2.39
C PHE A 298 -0.79 8.67 1.72
N THR A 299 -1.90 8.64 0.97
CA THR A 299 -2.28 7.49 0.18
C THR A 299 -1.65 7.61 -1.21
N SER A 300 -2.04 6.73 -2.13
CA SER A 300 -1.45 6.74 -3.46
C SER A 300 -1.80 7.99 -4.26
N ASN A 301 -2.83 8.73 -3.85
CA ASN A 301 -3.18 9.98 -4.52
C ASN A 301 -2.48 11.19 -3.89
N GLY A 302 -1.62 10.99 -2.90
CA GLY A 302 -0.92 12.07 -2.25
C GLY A 302 -1.70 12.78 -1.16
N GLN A 303 -2.96 12.44 -0.95
CA GLN A 303 -3.77 13.09 0.08
C GLN A 303 -3.57 12.43 1.43
N THR A 304 -3.76 13.22 2.49
CA THR A 304 -3.72 12.69 3.83
C THR A 304 -4.91 11.76 4.05
N PRO A 305 -4.72 10.59 4.64
CA PRO A 305 -5.85 9.71 4.93
C PRO A 305 -6.79 10.34 5.95
N PHE A 306 -8.09 10.20 5.71
CA PHE A 306 -9.07 10.69 6.67
C PHE A 306 -9.04 9.80 7.91
N THR A 307 -8.69 10.38 9.04
CA THR A 307 -8.55 9.64 10.29
C THR A 307 -9.22 10.40 11.42
N SER A 308 -9.69 9.66 12.42
CA SER A 308 -10.38 10.23 13.56
C SER A 308 -9.88 9.59 14.84
N LEU A 309 -9.81 10.39 15.89
CA LEU A 309 -9.52 9.91 17.24
C LEU A 309 -10.73 10.23 18.13
N GLY A 310 -11.26 9.20 18.77
CA GLY A 310 -12.35 9.35 19.73
C GLY A 310 -11.84 9.10 21.14
N PHE A 311 -12.27 9.94 22.08
CA PHE A 311 -11.73 9.89 23.43
C PHE A 311 -12.63 10.68 24.35
N GLY A 312 -12.56 10.37 25.64
CA GLY A 312 -13.28 11.14 26.64
C GLY A 312 -13.85 10.35 27.80
N LEU A 313 -13.97 9.03 27.66
CA LEU A 313 -14.59 8.20 28.69
C LEU A 313 -13.60 7.68 29.73
N GLY A 314 -12.31 7.97 29.57
CA GLY A 314 -11.34 7.53 30.55
C GLY A 314 -11.49 8.27 31.87
N THR A 315 -11.14 7.59 32.96
CA THR A 315 -11.29 8.15 34.30
C THR A 315 -9.99 8.24 35.08
N ASN A 316 -9.12 7.25 35.01
CA ASN A 316 -7.95 7.24 35.87
C ASN A 316 -6.93 8.30 35.42
N TRP A 317 -5.82 8.38 36.14
CA TRP A 317 -4.85 9.45 35.91
C TRP A 317 -4.22 9.35 34.53
N PHE A 318 -3.92 8.13 34.08
CA PHE A 318 -3.29 7.96 32.77
C PHE A 318 -4.26 8.33 31.64
N GLU A 319 -5.52 7.88 31.75
CA GLU A 319 -6.52 8.23 30.75
C GLU A 319 -6.75 9.73 30.69
N ARG A 320 -6.82 10.39 31.85
CA ARG A 320 -7.02 11.83 31.86
C ARG A 320 -5.85 12.57 31.21
N GLU A 321 -4.62 12.10 31.44
CA GLU A 321 -3.46 12.77 30.86
C GLU A 321 -3.40 12.58 29.36
N ILE A 322 -3.85 11.43 28.85
CA ILE A 322 -3.87 11.23 27.40
C ILE A 322 -4.87 12.16 26.74
N GLN A 323 -6.05 12.34 27.36
CA GLN A 323 -7.03 13.27 26.82
C GLN A 323 -6.49 14.69 26.80
N LYS A 324 -5.88 15.13 27.90
CA LYS A 324 -5.34 16.48 27.96
C LYS A 324 -4.23 16.68 26.94
N ALA A 325 -3.34 15.69 26.79
CA ALA A 325 -2.26 15.80 25.83
C ALA A 325 -2.78 15.96 24.39
N ILE A 326 -3.81 15.19 24.04
CA ILE A 326 -4.40 15.30 22.70
C ILE A 326 -4.91 16.71 22.47
N LEU A 327 -5.63 17.28 23.45
CA LEU A 327 -6.17 18.61 23.29
C LEU A 327 -5.08 19.68 23.34
N GLN A 328 -4.07 19.49 24.19
CA GLN A 328 -2.99 20.46 24.28
C GLN A 328 -2.20 20.53 22.97
N VAL A 329 -1.87 19.38 22.39
CA VAL A 329 -1.15 19.36 21.12
C VAL A 329 -1.96 20.06 20.03
N ARG A 330 -3.27 19.78 19.97
CA ARG A 330 -4.10 20.42 18.95
C ARG A 330 -4.21 21.92 19.18
N ILE A 331 -4.31 22.35 20.44
CA ILE A 331 -4.36 23.77 20.75
C ILE A 331 -3.09 24.47 20.30
N LEU A 332 -1.93 23.84 20.53
CA LEU A 332 -0.66 24.48 20.23
C LEU A 332 -0.48 24.72 18.73
N GLY A 333 -0.93 23.78 17.91
CA GLY A 333 -0.84 23.92 16.46
C GLY A 333 0.36 23.20 15.89
N LEU A 334 0.50 23.34 14.57
CA LEU A 334 1.55 22.67 13.80
C LEU A 334 2.62 23.66 13.41
N GLY A 335 3.87 23.34 13.72
CA GLY A 335 5.00 24.15 13.29
C GLY A 335 5.14 25.44 14.06
N SER A 336 6.13 26.22 13.65
CA SER A 336 6.41 27.50 14.31
C SER A 336 5.28 28.50 14.09
N GLU A 337 4.55 28.38 12.97
CA GLU A 337 3.42 29.26 12.73
C GLU A 337 2.14 28.81 13.42
N HIS A 338 2.16 27.65 14.07
CA HIS A 338 1.04 27.15 14.86
C HIS A 338 -0.22 27.00 14.00
N ARG A 339 -0.06 26.37 12.85
CA ARG A 339 -1.18 26.12 11.96
C ARG A 339 -2.17 25.16 12.60
N THR A 340 -3.44 25.28 12.20
CA THR A 340 -4.47 24.38 12.68
C THR A 340 -4.35 23.04 11.98
N ALA A 341 -4.22 21.97 12.75
CA ALA A 341 -4.18 20.63 12.19
C ALA A 341 -5.59 20.21 11.78
N ILE A 342 -5.76 19.90 10.49
CA ILE A 342 -7.06 19.45 10.00
C ILE A 342 -7.27 17.96 10.27
N PHE A 343 -6.20 17.18 10.18
CA PHE A 343 -6.24 15.76 10.52
C PHE A 343 -5.32 15.47 11.69
N PRO A 344 -5.67 14.50 12.54
CA PRO A 344 -6.90 13.68 12.51
C PRO A 344 -8.10 14.45 13.07
N LYS A 345 -9.32 14.03 12.74
CA LYS A 345 -10.48 14.61 13.39
C LYS A 345 -10.53 14.18 14.85
N LEU A 346 -10.73 15.14 15.74
CA LEU A 346 -10.90 14.87 17.16
C LEU A 346 -12.40 14.82 17.47
N ILE A 347 -12.81 13.79 18.21
CA ILE A 347 -14.21 13.56 18.54
C ILE A 347 -14.26 13.33 20.04
N PHE A 348 -14.67 14.33 20.81
CA PHE A 348 -14.68 14.28 22.26
C PHE A 348 -16.03 13.77 22.75
N THR A 349 -16.00 12.88 23.74
CA THR A 349 -17.20 12.23 24.24
C THR A 349 -17.68 12.92 25.51
N LEU A 350 -18.81 13.61 25.41
CA LEU A 350 -19.48 14.13 26.59
C LEU A 350 -20.29 13.03 27.24
N LYS A 351 -20.29 12.99 28.56
CA LYS A 351 -21.08 12.02 29.31
C LYS A 351 -21.53 12.65 30.62
N ARG A 352 -22.83 12.66 30.86
CA ARG A 352 -23.37 13.16 32.11
C ARG A 352 -22.85 12.33 33.28
N GLY A 353 -22.28 13.00 34.27
CA GLY A 353 -21.70 12.36 35.42
C GLY A 353 -20.20 12.18 35.35
N LEU A 354 -19.61 12.32 34.17
CA LEU A 354 -18.17 12.18 33.98
C LEU A 354 -17.49 13.49 33.63
N ASN A 355 -18.05 14.25 32.68
CA ASN A 355 -17.43 15.51 32.30
C ASN A 355 -18.44 16.57 31.87
N LEU A 356 -19.74 16.33 32.01
CA LEU A 356 -20.73 17.25 31.46
C LEU A 356 -20.97 18.45 32.37
N GLU A 357 -21.39 18.20 33.61
CA GLU A 357 -21.73 19.28 34.54
C GLU A 357 -20.49 19.75 35.29
N PRO A 358 -20.50 21.00 35.77
CA PRO A 358 -19.28 21.59 36.35
C PRO A 358 -18.72 20.84 37.55
N ASN A 359 -19.50 20.02 38.23
CA ASN A 359 -19.02 19.26 39.37
C ASN A 359 -18.45 17.90 39.00
N SER A 360 -18.46 17.54 37.71
CA SER A 360 -18.02 16.22 37.30
C SER A 360 -16.50 16.11 37.38
N PRO A 361 -15.97 14.89 37.59
CA PRO A 361 -14.53 14.74 37.79
C PRO A 361 -13.68 15.16 36.59
N ASN A 362 -14.18 14.96 35.36
CA ASN A 362 -13.42 15.32 34.17
C ASN A 362 -13.91 16.63 33.55
N TYR A 363 -14.55 17.49 34.34
CA TYR A 363 -15.03 18.76 33.80
C TYR A 363 -13.88 19.67 33.39
N ASP A 364 -12.72 19.52 34.02
CA ASP A 364 -11.55 20.28 33.60
C ASP A 364 -11.16 19.96 32.17
N ILE A 365 -11.36 18.72 31.74
CA ILE A 365 -11.04 18.35 30.37
C ILE A 365 -12.07 18.92 29.40
N LYS A 366 -13.35 18.95 29.80
CA LYS A 366 -14.36 19.59 28.97
C LYS A 366 -14.04 21.06 28.75
N GLN A 367 -13.60 21.76 29.80
CA GLN A 367 -13.17 23.15 29.63
C GLN A 367 -12.02 23.25 28.65
N LEU A 368 -11.06 22.33 28.76
CA LEU A 368 -9.96 22.31 27.80
C LEU A 368 -10.46 22.00 26.39
N ALA A 369 -11.39 21.04 26.27
CA ALA A 369 -11.95 20.72 24.96
C ALA A 369 -12.68 21.91 24.36
N LEU A 370 -13.44 22.64 25.18
CA LEU A 370 -14.15 23.83 24.69
C LEU A 370 -13.18 24.88 24.16
N GLU A 371 -12.07 25.08 24.88
CA GLU A 371 -11.04 26.00 24.39
C GLU A 371 -10.44 25.51 23.09
N CYS A 372 -10.20 24.20 22.99
CA CYS A 372 -9.64 23.64 21.76
C CYS A 372 -10.59 23.80 20.59
N ALA A 373 -11.86 23.41 20.78
CA ALA A 373 -12.83 23.50 19.70
C ALA A 373 -13.05 24.94 19.25
N THR A 374 -12.85 25.90 20.15
CA THR A 374 -12.99 27.31 19.78
C THR A 374 -11.79 27.80 19.00
N LYS A 375 -10.58 27.57 19.51
CA LYS A 375 -9.38 28.07 18.83
C LYS A 375 -9.12 27.30 17.54
N ARG A 376 -9.32 25.99 17.56
CA ARG A 376 -9.31 25.22 16.33
C ARG A 376 -10.75 25.03 15.88
N MET A 377 -11.05 23.92 15.22
CA MET A 377 -12.43 23.56 14.89
C MET A 377 -12.85 22.32 15.66
N TYR A 378 -12.11 21.24 15.51
CA TYR A 378 -12.25 20.08 16.34
C TYR A 378 -11.78 20.41 17.77
N PRO A 379 -12.21 19.63 18.77
CA PRO A 379 -13.02 18.41 18.70
C PRO A 379 -14.52 18.63 18.50
N ASP A 380 -15.13 17.80 17.66
CA ASP A 380 -16.57 17.62 17.71
C ASP A 380 -16.94 16.82 18.95
N VAL A 381 -18.22 16.80 19.28
CA VAL A 381 -18.67 16.13 20.50
C VAL A 381 -19.71 15.08 20.17
N LEU A 382 -19.72 14.03 20.99
CA LEU A 382 -20.72 12.97 20.94
C LEU A 382 -21.48 12.95 22.26
N SER A 383 -22.80 12.93 22.17
CA SER A 383 -23.63 12.70 23.36
C SER A 383 -23.61 11.20 23.65
N TYR A 384 -22.93 10.82 24.74
CA TYR A 384 -22.78 9.41 25.09
C TYR A 384 -24.14 8.71 25.16
N ASP A 385 -25.12 9.35 25.80
CA ASP A 385 -26.43 8.72 25.95
C ASP A 385 -27.19 8.71 24.63
N LYS A 386 -27.16 9.82 23.88
CA LYS A 386 -27.95 9.89 22.64
C LYS A 386 -27.43 8.91 21.60
N ILE A 387 -26.09 8.74 21.51
CA ILE A 387 -25.54 7.78 20.56
C ILE A 387 -25.99 6.37 20.89
N ILE A 388 -26.03 6.02 22.18
CA ILE A 388 -26.52 4.72 22.60
C ILE A 388 -27.98 4.55 22.18
N GLU A 389 -28.78 5.59 22.36
CA GLU A 389 -30.19 5.50 21.98
C GLU A 389 -30.36 5.39 20.47
N LEU A 390 -29.55 6.12 19.71
CA LEU A 390 -29.73 6.17 18.25
C LEU A 390 -29.11 4.97 17.55
N THR A 391 -27.97 4.46 18.04
CA THR A 391 -27.26 3.40 17.33
C THR A 391 -27.19 2.08 18.10
N GLY A 392 -27.81 1.99 19.27
CA GLY A 392 -27.85 0.75 20.03
C GLY A 392 -26.68 0.53 20.96
N SER A 393 -25.57 1.23 20.76
CA SER A 393 -24.42 1.16 21.65
C SER A 393 -23.59 2.42 21.41
N PHE A 394 -22.57 2.59 22.24
CA PHE A 394 -21.69 3.75 22.09
C PHE A 394 -20.46 3.39 21.29
N LYS A 395 -20.12 4.25 20.34
CA LYS A 395 -18.89 4.18 19.55
C LYS A 395 -18.76 5.50 18.80
N ALA A 396 -17.53 5.84 18.46
CA ALA A 396 -17.28 6.99 17.61
C ALA A 396 -17.61 6.65 16.16
N PRO A 397 -17.88 7.66 15.33
CA PRO A 397 -18.16 7.37 13.92
C PRO A 397 -16.92 6.93 13.17
N MET A 398 -17.09 5.97 12.27
CA MET A 398 -16.03 5.60 11.35
C MET A 398 -15.86 6.69 10.30
N GLY A 399 -14.62 7.12 10.08
CA GLY A 399 -14.37 8.13 9.07
C GLY A 399 -15.12 9.41 9.36
N CYS A 400 -15.81 9.93 8.33
CA CYS A 400 -16.58 11.16 8.44
C CYS A 400 -17.66 11.05 9.51
N ARG A 401 -18.70 10.24 9.26
CA ARG A 401 -19.85 10.21 10.17
C ARG A 401 -20.61 8.89 10.10
N SER A 402 -19.95 7.80 9.74
CA SER A 402 -20.61 6.50 9.59
C SER A 402 -20.64 5.78 10.93
N PHE A 403 -21.84 5.48 11.41
CA PHE A 403 -22.05 4.86 12.71
C PHE A 403 -22.40 3.39 12.56
N LEU A 404 -21.72 2.54 13.34
CA LEU A 404 -22.11 1.15 13.47
C LEU A 404 -23.30 1.02 14.40
N GLN A 405 -24.11 -0.02 14.18
CA GLN A 405 -25.21 -0.31 15.08
C GLN A 405 -24.73 -1.25 16.19
N GLY A 406 -25.47 -1.27 17.29
CA GLY A 406 -25.17 -2.19 18.38
C GLY A 406 -25.19 -3.63 17.90
N TRP A 407 -24.16 -4.39 18.27
CA TRP A 407 -24.00 -5.73 17.72
C TRP A 407 -23.19 -6.58 18.68
N LYS A 408 -23.77 -7.71 19.10
CA LYS A 408 -23.05 -8.71 19.88
C LYS A 408 -22.56 -9.80 18.95
N ASP A 409 -21.35 -10.30 19.20
CA ASP A 409 -20.76 -11.33 18.36
C ASP A 409 -21.35 -12.69 18.71
N GLU A 410 -20.76 -13.76 18.16
CA GLU A 410 -21.26 -15.10 18.42
C GLU A 410 -21.09 -15.52 19.87
N ASN A 411 -20.18 -14.88 20.61
CA ASN A 411 -19.98 -15.15 22.03
C ASN A 411 -20.76 -14.20 22.93
N GLY A 412 -21.73 -13.47 22.38
CA GLY A 412 -22.51 -12.54 23.17
C GLY A 412 -21.75 -11.33 23.67
N VAL A 413 -20.56 -11.08 23.15
CA VAL A 413 -19.75 -9.93 23.56
C VAL A 413 -20.06 -8.76 22.63
N GLU A 414 -20.21 -7.56 23.20
CA GLU A 414 -20.41 -6.37 22.39
C GLU A 414 -19.11 -5.99 21.68
N VAL A 415 -19.17 -5.88 20.36
CA VAL A 415 -18.01 -5.55 19.54
C VAL A 415 -18.30 -4.26 18.78
N ASN A 416 -17.40 -3.28 18.91
CA ASN A 416 -17.48 -2.05 18.13
C ASN A 416 -16.26 -1.87 17.25
N SER A 417 -15.06 -1.85 17.84
CA SER A 417 -13.84 -1.75 17.03
C SER A 417 -13.58 -3.07 16.31
N GLY A 418 -13.06 -2.98 15.10
CA GLY A 418 -12.86 -4.13 14.24
C GLY A 418 -13.96 -4.34 13.21
N ARG A 419 -14.97 -3.48 13.18
CA ARG A 419 -16.08 -3.58 12.25
C ARG A 419 -15.98 -2.45 11.22
N MET A 420 -16.71 -2.63 10.11
CA MET A 420 -16.45 -1.83 8.92
C MET A 420 -17.74 -1.59 8.16
N ASN A 421 -17.65 -0.70 7.18
CA ASN A 421 -18.73 -0.42 6.23
C ASN A 421 -18.31 -0.85 4.85
N LEU A 422 -19.25 -1.42 4.08
CA LEU A 422 -18.93 -2.08 2.83
C LEU A 422 -19.21 -1.22 1.59
N GLY A 423 -19.69 0.00 1.75
CA GLY A 423 -19.96 0.84 0.60
C GLY A 423 -21.17 1.74 0.72
N VAL A 424 -21.26 2.76 -0.14
CA VAL A 424 -22.29 3.78 -0.08
C VAL A 424 -22.91 3.96 -1.45
N VAL A 425 -24.23 4.12 -1.50
CA VAL A 425 -24.95 4.49 -2.71
C VAL A 425 -26.01 5.52 -2.32
N THR A 426 -25.99 6.68 -2.97
CA THR A 426 -26.80 7.83 -2.56
C THR A 426 -27.88 8.11 -3.58
N LEU A 427 -29.12 8.25 -3.09
CA LEU A 427 -30.25 8.63 -3.93
C LEU A 427 -30.29 10.13 -4.14
N ASN A 428 -30.54 10.54 -5.39
CA ASN A 428 -30.73 11.95 -5.72
C ASN A 428 -32.20 12.29 -5.47
N LEU A 429 -32.51 12.62 -4.21
CA LEU A 429 -33.90 12.92 -3.84
C LEU A 429 -34.43 14.17 -4.51
N PRO A 430 -33.69 15.30 -4.55
CA PRO A 430 -34.24 16.48 -5.24
C PRO A 430 -34.68 16.22 -6.66
N ARG A 431 -33.96 15.34 -7.38
CA ARG A 431 -34.37 14.99 -8.74
C ARG A 431 -35.74 14.33 -8.74
N ILE A 432 -35.99 13.43 -7.78
CA ILE A 432 -37.27 12.74 -7.73
C ILE A 432 -38.40 13.75 -7.55
N ALA A 433 -38.17 14.77 -6.73
CA ALA A 433 -39.18 15.80 -6.52
C ALA A 433 -39.44 16.59 -7.80
N LEU A 434 -38.37 16.93 -8.54
CA LEU A 434 -38.54 17.66 -9.79
C LEU A 434 -39.24 16.82 -10.84
N GLU A 435 -38.96 15.51 -10.86
CA GLU A 435 -39.63 14.64 -11.81
C GLU A 435 -41.11 14.43 -11.48
N SER A 436 -41.54 14.80 -10.26
CA SER A 436 -42.92 14.57 -9.87
C SER A 436 -43.88 15.53 -10.56
N LYS A 437 -43.39 16.72 -10.94
CA LYS A 437 -44.22 17.76 -11.52
C LYS A 437 -45.32 18.18 -10.54
N GLY A 438 -44.93 18.38 -9.28
CA GLY A 438 -45.80 18.87 -8.24
C GLY A 438 -46.72 17.85 -7.61
N ASP A 439 -46.61 16.58 -7.97
CA ASP A 439 -47.51 15.53 -7.51
C ASP A 439 -46.75 14.55 -6.62
N GLN A 440 -47.03 14.59 -5.32
CA GLN A 440 -46.39 13.67 -4.39
C GLN A 440 -46.75 12.21 -4.67
N ASP A 441 -47.85 11.96 -5.38
CA ASP A 441 -48.19 10.60 -5.75
C ASP A 441 -47.15 10.01 -6.71
N LYS A 442 -46.66 10.83 -7.65
CA LYS A 442 -45.60 10.38 -8.54
C LYS A 442 -44.26 10.31 -7.81
N PHE A 443 -44.07 11.14 -6.79
CA PHE A 443 -42.83 11.10 -6.02
C PHE A 443 -42.61 9.72 -5.40
N TRP A 444 -43.58 9.24 -4.64
CA TRP A 444 -43.44 7.92 -4.02
C TRP A 444 -43.37 6.81 -5.06
N GLU A 445 -43.94 7.03 -6.24
CA GLU A 445 -43.82 6.05 -7.32
C GLU A 445 -42.39 6.02 -7.85
N ILE A 446 -41.82 7.18 -8.16
CA ILE A 446 -40.42 7.25 -8.58
C ILE A 446 -39.50 6.90 -7.43
N PHE A 447 -39.87 7.28 -6.19
CA PHE A 447 -39.03 6.95 -5.04
C PHE A 447 -38.93 5.44 -4.85
N GLU A 448 -40.03 4.72 -5.08
CA GLU A 448 -39.99 3.26 -4.95
C GLU A 448 -39.07 2.63 -6.00
N GLU A 449 -39.02 3.22 -7.20
CA GLU A 449 -38.19 2.67 -8.27
C GLU A 449 -36.71 2.93 -7.99
N ARG A 450 -36.35 4.18 -7.69
CA ARG A 450 -34.96 4.49 -7.34
C ARG A 450 -34.51 3.69 -6.13
N MET A 451 -35.43 3.46 -5.19
CA MET A 451 -35.13 2.63 -4.03
C MET A 451 -34.67 1.24 -4.44
N GLY A 452 -35.40 0.62 -5.36
CA GLY A 452 -35.04 -0.72 -5.81
C GLY A 452 -33.71 -0.74 -6.54
N ILE A 453 -33.43 0.29 -7.33
CA ILE A 453 -32.15 0.36 -8.04
C ILE A 453 -31.01 0.48 -7.03
N ALA A 454 -31.18 1.32 -6.01
CA ALA A 454 -30.15 1.43 -4.98
C ALA A 454 -29.96 0.12 -4.23
N LYS A 455 -31.05 -0.62 -4.02
CA LYS A 455 -30.93 -1.94 -3.40
C LYS A 455 -30.08 -2.87 -4.25
N ASP A 456 -30.29 -2.86 -5.57
CA ASP A 456 -29.51 -3.72 -6.45
C ASP A 456 -28.03 -3.36 -6.41
N ALA A 457 -27.72 -2.06 -6.30
CA ALA A 457 -26.32 -1.64 -6.26
C ALA A 457 -25.66 -2.05 -4.95
N LEU A 458 -26.35 -1.83 -3.83
CA LEU A 458 -25.77 -2.18 -2.53
C LEU A 458 -25.58 -3.69 -2.40
N VAL A 459 -26.55 -4.47 -2.87
CA VAL A 459 -26.40 -5.92 -2.89
C VAL A 459 -25.18 -6.32 -3.71
N TYR A 460 -24.92 -5.58 -4.80
CA TYR A 460 -23.75 -5.88 -5.62
C TYR A 460 -22.46 -5.58 -4.87
N ARG A 461 -22.38 -4.43 -4.19
CA ARG A 461 -21.17 -4.08 -3.46
C ARG A 461 -20.83 -5.13 -2.42
N VAL A 462 -21.83 -5.63 -1.69
CA VAL A 462 -21.60 -6.67 -0.71
C VAL A 462 -21.06 -7.92 -1.38
N GLU A 463 -21.65 -8.31 -2.51
CA GLU A 463 -21.16 -9.46 -3.24
C GLU A 463 -19.74 -9.23 -3.75
N ARG A 464 -19.40 -7.97 -4.06
CA ARG A 464 -18.06 -7.67 -4.57
C ARG A 464 -17.02 -7.74 -3.47
N VAL A 465 -17.28 -7.11 -2.32
CA VAL A 465 -16.28 -7.09 -1.24
C VAL A 465 -16.05 -8.50 -0.71
N LYS A 466 -17.05 -9.38 -0.80
CA LYS A 466 -16.87 -10.76 -0.37
C LYS A 466 -15.91 -11.51 -1.29
N GLU A 467 -15.65 -11.01 -2.50
CA GLU A 467 -14.65 -11.63 -3.37
C GLU A 467 -13.22 -11.37 -2.92
N ALA A 468 -13.02 -10.46 -1.97
CA ALA A 468 -11.67 -10.18 -1.49
C ALA A 468 -11.07 -11.41 -0.82
N THR A 469 -9.76 -11.51 -0.92
CA THR A 469 -9.04 -12.57 -0.22
C THR A 469 -8.28 -11.97 0.95
N PRO A 470 -8.06 -12.74 2.01
CA PRO A 470 -7.25 -12.22 3.14
C PRO A 470 -5.89 -11.69 2.73
N ALA A 471 -5.26 -12.29 1.72
CA ALA A 471 -3.95 -11.83 1.27
C ALA A 471 -4.01 -10.48 0.55
N ASN A 472 -5.19 -10.08 0.07
CA ASN A 472 -5.30 -8.76 -0.57
C ASN A 472 -5.04 -7.63 0.41
N ALA A 473 -5.28 -7.87 1.69
CA ALA A 473 -5.09 -6.84 2.72
C ALA A 473 -4.81 -7.54 4.05
N PRO A 474 -3.56 -7.99 4.24
CA PRO A 474 -3.25 -8.74 5.48
C PRO A 474 -3.43 -7.94 6.74
N ILE A 475 -3.24 -6.62 6.69
CA ILE A 475 -3.40 -5.80 7.89
C ILE A 475 -4.85 -5.83 8.38
N LEU A 476 -5.80 -5.98 7.46
CA LEU A 476 -7.22 -6.01 7.81
C LEU A 476 -7.70 -7.41 8.17
N TYR A 477 -7.37 -8.40 7.33
CA TYR A 477 -7.97 -9.72 7.43
C TYR A 477 -7.10 -10.72 8.20
N GLN A 478 -5.80 -10.49 8.30
CA GLN A 478 -4.90 -11.47 8.90
C GLN A 478 -4.23 -11.00 10.19
N TYR A 479 -4.15 -9.69 10.43
CA TYR A 479 -3.34 -9.21 11.54
C TYR A 479 -4.09 -8.23 12.45
N GLY A 480 -5.41 -8.28 12.47
CA GLY A 480 -6.18 -7.80 13.60
C GLY A 480 -6.96 -6.52 13.42
N ALA A 481 -6.82 -5.80 12.29
CA ALA A 481 -7.54 -4.55 12.15
C ALA A 481 -9.06 -4.75 12.16
N PHE A 482 -9.52 -5.90 11.67
CA PHE A 482 -10.94 -6.22 11.66
C PHE A 482 -11.34 -7.14 12.83
N GLY A 483 -10.52 -7.20 13.88
CA GLY A 483 -10.82 -8.05 15.00
C GLY A 483 -10.22 -9.44 14.87
N GLN A 484 -11.04 -10.38 14.41
CA GLN A 484 -10.58 -11.76 14.23
C GLN A 484 -9.54 -11.84 13.12
N ARG A 485 -8.59 -12.76 13.28
CA ARG A 485 -7.52 -12.96 12.32
C ARG A 485 -7.80 -14.22 11.49
N LEU A 486 -7.78 -14.06 10.17
CA LEU A 486 -8.12 -15.11 9.23
C LEU A 486 -6.87 -15.75 8.64
N ARG A 487 -7.04 -16.97 8.13
CA ARG A 487 -6.00 -17.63 7.36
C ARG A 487 -6.19 -17.35 5.88
N LYS A 488 -5.15 -17.64 5.10
CA LYS A 488 -5.20 -17.37 3.66
C LYS A 488 -6.24 -18.21 2.94
N CYS A 489 -6.68 -19.32 3.54
CA CYS A 489 -7.67 -20.19 2.93
C CYS A 489 -9.08 -19.95 3.49
N ASP A 490 -9.30 -18.85 4.20
CA ASP A 490 -10.61 -18.52 4.74
C ASP A 490 -11.30 -17.46 3.88
N SER A 491 -12.57 -17.24 4.17
CA SER A 491 -13.39 -16.25 3.48
C SER A 491 -13.52 -15.00 4.34
N VAL A 492 -13.39 -13.83 3.71
CA VAL A 492 -13.51 -12.57 4.43
C VAL A 492 -14.92 -12.34 4.94
N ASP A 493 -15.92 -12.99 4.34
CA ASP A 493 -17.30 -12.82 4.74
C ASP A 493 -17.53 -13.18 6.20
N GLN A 494 -16.63 -13.97 6.79
CA GLN A 494 -16.70 -14.30 8.21
C GLN A 494 -16.72 -13.04 9.08
N LEU A 495 -16.10 -11.96 8.60
CA LEU A 495 -16.05 -10.70 9.32
C LEU A 495 -17.12 -9.72 8.89
N PHE A 496 -17.94 -10.07 7.90
CA PHE A 496 -18.99 -9.19 7.40
C PHE A 496 -20.39 -9.65 7.79
N LYS A 497 -20.65 -10.95 7.85
CA LYS A 497 -21.99 -11.49 7.90
C LYS A 497 -22.60 -11.35 9.30
N HIS A 498 -23.88 -11.73 9.40
CA HIS A 498 -24.64 -11.67 10.65
C HIS A 498 -24.70 -10.26 11.20
N ARG A 499 -24.93 -9.29 10.30
CA ARG A 499 -25.08 -7.87 10.62
C ARG A 499 -23.80 -7.25 11.19
N ARG A 500 -22.65 -7.90 11.02
CA ARG A 500 -21.42 -7.37 11.61
C ARG A 500 -20.95 -6.12 10.87
N ALA A 501 -20.99 -6.14 9.55
CA ALA A 501 -20.64 -4.98 8.73
C ALA A 501 -21.91 -4.23 8.35
N THR A 502 -21.76 -2.94 8.09
CA THR A 502 -22.87 -2.09 7.68
C THR A 502 -22.77 -1.79 6.19
N VAL A 503 -23.91 -1.49 5.60
CA VAL A 503 -24.04 -1.05 4.21
C VAL A 503 -24.83 0.24 4.22
N SER A 504 -24.38 1.22 3.44
CA SER A 504 -24.87 2.59 3.55
C SER A 504 -25.80 2.94 2.40
N LEU A 505 -27.05 3.28 2.74
CA LEU A 505 -28.01 3.81 1.79
C LEU A 505 -28.05 5.33 1.97
N GLY A 506 -27.51 6.04 1.00
CA GLY A 506 -27.38 7.48 1.13
C GLY A 506 -28.54 8.25 0.54
N TYR A 507 -28.66 9.50 1.00
CA TYR A 507 -29.65 10.44 0.51
C TYR A 507 -29.08 11.84 0.66
N ILE A 508 -29.79 12.82 0.10
CA ILE A 508 -29.35 14.22 0.17
C ILE A 508 -30.51 15.11 -0.22
N GLY A 509 -30.59 16.28 0.41
CA GLY A 509 -31.47 17.33 -0.08
C GLY A 509 -32.91 17.24 0.36
N LEU A 510 -33.16 16.93 1.64
CA LEU A 510 -34.54 16.93 2.13
C LEU A 510 -35.16 18.32 2.07
N TYR A 511 -34.34 19.37 2.20
CA TYR A 511 -34.85 20.72 2.06
C TYR A 511 -35.37 20.96 0.65
N GLU A 512 -34.60 20.58 -0.36
CA GLU A 512 -35.01 20.79 -1.74
C GLU A 512 -36.29 20.02 -2.06
N VAL A 513 -36.39 18.79 -1.56
CA VAL A 513 -37.57 17.96 -1.81
C VAL A 513 -38.82 18.65 -1.23
N ALA A 514 -38.75 19.04 0.04
CA ALA A 514 -39.89 19.70 0.66
C ALA A 514 -40.21 21.03 0.00
N SER A 515 -39.17 21.78 -0.37
CA SER A 515 -39.39 23.08 -1.00
C SER A 515 -40.13 22.95 -2.32
N VAL A 516 -39.93 21.85 -3.04
CA VAL A 516 -40.63 21.63 -4.30
C VAL A 516 -42.14 21.59 -4.07
N PHE A 517 -42.58 20.88 -3.02
CA PHE A 517 -44.00 20.69 -2.75
C PHE A 517 -44.57 21.68 -1.75
N TYR A 518 -43.73 22.45 -1.06
CA TYR A 518 -44.24 23.32 0.00
C TYR A 518 -43.59 24.71 0.04
N GLY A 519 -42.68 25.03 -0.88
CA GLY A 519 -42.13 26.36 -0.94
C GLY A 519 -40.90 26.56 -0.08
N SER A 520 -40.38 27.79 -0.13
CA SER A 520 -39.09 28.09 0.47
C SER A 520 -39.11 27.98 1.99
N ASP A 521 -40.16 28.50 2.63
CA ASP A 521 -40.22 28.60 4.09
C ASP A 521 -41.06 27.50 4.71
N TRP A 522 -40.87 26.26 4.25
CA TRP A 522 -41.69 25.15 4.71
C TRP A 522 -41.35 24.69 6.13
N GLU A 523 -40.25 25.20 6.71
CA GLU A 523 -39.79 24.67 8.00
C GLU A 523 -40.85 24.79 9.08
N THR A 524 -41.69 25.81 9.00
CA THR A 524 -42.78 26.01 9.96
C THR A 524 -44.05 25.24 9.58
N ASN A 525 -44.10 24.68 8.37
CA ASN A 525 -45.23 23.88 7.94
C ASN A 525 -45.11 22.48 8.54
N LEU A 526 -46.12 22.07 9.31
CA LEU A 526 -46.07 20.79 10.01
C LEU A 526 -46.13 19.62 9.02
N GLU A 527 -46.95 19.74 7.98
CA GLU A 527 -47.07 18.67 7.00
C GLU A 527 -45.88 18.60 6.04
N ALA A 528 -45.16 19.71 5.86
CA ALA A 528 -43.94 19.66 5.06
C ALA A 528 -42.85 18.89 5.77
N LYS A 529 -42.73 19.06 7.09
CA LYS A 529 -41.74 18.30 7.86
C LYS A 529 -42.14 16.83 7.97
N THR A 530 -43.44 16.56 8.15
CA THR A 530 -43.91 15.18 8.20
C THR A 530 -43.58 14.45 6.90
N PHE A 531 -43.66 15.15 5.77
CA PHE A 531 -43.32 14.55 4.49
C PHE A 531 -41.85 14.14 4.45
N THR A 532 -40.95 15.07 4.78
CA THR A 532 -39.52 14.74 4.79
C THR A 532 -39.22 13.65 5.81
N LEU A 533 -39.91 13.66 6.95
CA LEU A 533 -39.71 12.62 7.94
C LEU A 533 -40.24 11.28 7.45
N ASN A 534 -41.26 11.28 6.59
CA ASN A 534 -41.74 10.04 6.01
C ASN A 534 -40.78 9.47 4.98
N ILE A 535 -39.96 10.34 4.37
CA ILE A 535 -38.94 9.85 3.45
C ILE A 535 -37.86 9.09 4.21
N VAL A 536 -37.46 9.61 5.37
CA VAL A 536 -36.48 8.91 6.19
C VAL A 536 -37.06 7.61 6.73
N LYS A 537 -38.32 7.63 7.16
CA LYS A 537 -38.94 6.42 7.69
C LYS A 537 -39.09 5.36 6.61
N ALA A 538 -39.40 5.77 5.38
CA ALA A 538 -39.49 4.81 4.28
C ALA A 538 -38.14 4.17 4.00
N MET A 539 -37.06 4.96 4.11
CA MET A 539 -35.73 4.39 3.94
C MET A 539 -35.35 3.46 5.08
N LYS A 540 -35.67 3.87 6.32
CA LYS A 540 -35.38 3.02 7.48
C LYS A 540 -36.06 1.66 7.35
N ASN A 541 -37.35 1.66 7.01
CA ASN A 541 -38.08 0.40 6.92
C ASN A 541 -37.54 -0.48 5.80
N ALA A 542 -37.20 0.13 4.65
CA ALA A 542 -36.61 -0.63 3.57
C ALA A 542 -35.29 -1.28 4.01
N CYS A 543 -34.43 -0.50 4.67
CA CYS A 543 -33.14 -1.04 5.11
C CYS A 543 -33.32 -2.18 6.11
N GLU A 544 -34.29 -2.05 7.02
CA GLU A 544 -34.58 -3.12 7.97
C GLU A 544 -35.00 -4.38 7.24
N SER A 545 -35.80 -4.24 6.18
CA SER A 545 -36.22 -5.40 5.40
C SER A 545 -35.03 -6.03 4.66
N TRP A 546 -34.18 -5.19 4.05
CA TRP A 546 -32.99 -5.71 3.38
C TRP A 546 -32.07 -6.42 4.37
N SER A 547 -32.01 -5.91 5.60
CA SER A 547 -31.16 -6.54 6.61
C SER A 547 -31.66 -7.93 6.97
N ASP A 548 -32.98 -8.11 7.06
CA ASP A 548 -33.53 -9.44 7.31
C ASP A 548 -33.32 -10.35 6.13
N GLU A 549 -33.32 -9.80 4.91
CA GLU A 549 -33.23 -10.63 3.71
C GLU A 549 -31.82 -11.18 3.51
N TYR A 550 -30.81 -10.30 3.54
CA TYR A 550 -29.44 -10.68 3.19
C TYR A 550 -28.53 -10.88 4.39
N ASP A 551 -28.98 -10.52 5.60
CA ASP A 551 -28.21 -10.68 6.84
C ASP A 551 -26.97 -9.78 6.87
N TYR A 552 -27.06 -8.60 6.28
CA TYR A 552 -26.11 -7.52 6.50
C TYR A 552 -26.90 -6.30 6.97
N HIS A 553 -26.23 -5.41 7.70
CA HIS A 553 -26.93 -4.26 8.29
C HIS A 553 -26.96 -3.13 7.28
N PHE A 554 -28.08 -3.01 6.56
CA PHE A 554 -28.32 -1.85 5.73
C PHE A 554 -28.87 -0.73 6.60
N SER A 555 -28.33 0.48 6.46
CA SER A 555 -28.73 1.59 7.30
C SER A 555 -28.78 2.87 6.48
N VAL A 556 -29.61 3.81 6.93
CA VAL A 556 -29.78 5.08 6.26
C VAL A 556 -28.60 5.98 6.61
N TYR A 557 -27.96 6.54 5.58
CA TYR A 557 -26.68 7.24 5.71
C TYR A 557 -26.83 8.65 5.18
N SER A 558 -26.64 9.65 6.05
CA SER A 558 -26.67 11.06 5.64
C SER A 558 -25.36 11.38 4.94
N THR A 559 -25.35 11.20 3.63
CA THR A 559 -24.14 11.31 2.85
C THR A 559 -23.51 12.69 3.03
N PRO A 560 -22.20 12.77 3.24
CA PRO A 560 -21.53 14.08 3.24
C PRO A 560 -21.64 14.75 1.88
N SER A 561 -21.67 16.09 1.90
CA SER A 561 -21.84 16.84 0.66
C SER A 561 -20.64 16.65 -0.28
N GLU A 562 -19.45 17.05 0.17
CA GLU A 562 -18.21 16.89 -0.58
C GLU A 562 -18.36 17.39 -2.01
N SER A 563 -18.16 16.50 -2.98
CA SER A 563 -18.39 16.82 -4.39
C SER A 563 -19.71 16.27 -4.91
N LEU A 564 -20.34 15.36 -4.17
CA LEU A 564 -21.63 14.80 -4.62
C LEU A 564 -22.69 15.88 -4.72
N THR A 565 -22.70 16.82 -3.77
CA THR A 565 -23.70 17.89 -3.81
C THR A 565 -23.56 18.76 -5.06
N ASP A 566 -22.36 18.79 -5.66
CA ASP A 566 -22.17 19.51 -6.91
C ASP A 566 -22.49 18.65 -8.13
N ARG A 567 -22.28 17.34 -8.04
CA ARG A 567 -22.59 16.46 -9.17
C ARG A 567 -24.09 16.36 -9.40
N PHE A 568 -24.86 16.12 -8.34
CA PHE A 568 -26.31 16.02 -8.47
C PHE A 568 -26.90 17.34 -8.95
N CYS A 569 -26.44 18.46 -8.38
CA CYS A 569 -27.01 19.76 -8.76
C CYS A 569 -26.63 20.12 -10.19
N ARG A 570 -25.40 19.82 -10.60
CA ARG A 570 -24.98 20.13 -11.95
C ARG A 570 -25.71 19.29 -12.98
N LEU A 571 -25.88 17.99 -12.70
CA LEU A 571 -26.60 17.12 -13.62
C LEU A 571 -28.08 17.47 -13.68
N ASP A 572 -28.66 17.90 -12.56
CA ASP A 572 -30.07 18.30 -12.58
C ASP A 572 -30.26 19.63 -13.29
N THR A 573 -29.30 20.55 -13.19
CA THR A 573 -29.41 21.81 -13.90
C THR A 573 -29.40 21.57 -15.41
N GLU A 574 -28.62 20.59 -15.87
CA GLU A 574 -28.67 20.24 -17.28
C GLU A 574 -29.99 19.58 -17.65
N LYS A 575 -30.61 18.88 -16.71
CA LYS A 575 -31.84 18.14 -16.99
C LYS A 575 -33.09 18.99 -16.80
N PHE A 576 -33.14 19.81 -15.74
CA PHE A 576 -34.34 20.56 -15.42
C PHE A 576 -34.17 22.07 -15.55
N GLY A 577 -32.95 22.56 -15.79
CA GLY A 577 -32.73 23.99 -15.86
C GLY A 577 -32.57 24.63 -14.50
N VAL A 578 -32.66 25.96 -14.50
CA VAL A 578 -32.53 26.76 -13.28
C VAL A 578 -33.89 26.76 -12.59
N VAL A 579 -34.06 25.89 -11.60
CA VAL A 579 -35.28 25.83 -10.81
C VAL A 579 -35.13 26.71 -9.58
N THR A 580 -36.15 27.51 -9.29
CA THR A 580 -36.08 28.46 -8.19
C THR A 580 -35.96 27.71 -6.87
N ASP A 581 -34.98 28.12 -6.05
CA ASP A 581 -34.69 27.62 -4.71
C ASP A 581 -34.10 26.21 -4.73
N ILE A 582 -34.01 25.56 -5.90
CA ILE A 582 -33.52 24.18 -5.97
C ILE A 582 -32.11 24.17 -6.58
N THR A 583 -32.03 24.36 -7.89
CA THR A 583 -30.75 24.34 -8.59
C THR A 583 -30.18 25.73 -8.85
N ASP A 584 -30.94 26.79 -8.54
CA ASP A 584 -30.43 28.14 -8.79
C ASP A 584 -29.26 28.49 -7.89
N LYS A 585 -29.20 27.91 -6.69
CA LYS A 585 -28.10 28.18 -5.77
C LYS A 585 -26.87 27.33 -6.05
N GLU A 586 -26.92 26.44 -7.03
CA GLU A 586 -25.77 25.65 -7.48
C GLU A 586 -25.26 24.68 -6.41
N TYR A 587 -26.14 24.24 -5.51
CA TYR A 587 -25.78 23.23 -4.52
C TYR A 587 -27.06 22.65 -3.93
N TYR A 588 -26.95 21.43 -3.42
CA TYR A 588 -28.04 20.80 -2.68
C TYR A 588 -27.71 20.79 -1.19
N THR A 589 -28.72 21.10 -0.38
CA THR A 589 -28.55 21.07 1.07
C THR A 589 -28.27 19.65 1.53
N ASN A 590 -27.33 19.51 2.47
CA ASN A 590 -26.90 18.19 2.89
C ASN A 590 -27.99 17.48 3.67
N SER A 591 -28.29 16.24 3.26
CA SER A 591 -29.19 15.32 3.96
C SER A 591 -30.45 15.99 4.51
N PHE A 592 -30.53 16.08 5.83
CA PHE A 592 -31.68 16.67 6.51
C PHE A 592 -31.39 18.04 7.09
N HIS A 593 -30.23 18.62 6.78
CA HIS A 593 -29.79 19.83 7.45
C HIS A 593 -30.71 21.01 7.14
N TYR A 594 -30.75 21.95 8.08
CA TYR A 594 -31.49 23.19 7.90
C TYR A 594 -30.90 23.98 6.73
N ASP A 595 -31.75 24.75 6.06
CA ASP A 595 -31.31 25.59 4.96
C ASP A 595 -30.14 26.47 5.39
N VAL A 596 -29.03 26.36 4.67
CA VAL A 596 -27.84 27.13 5.04
C VAL A 596 -28.06 28.61 4.83
N ARG A 597 -28.96 28.98 3.91
CA ARG A 597 -29.24 30.39 3.67
C ARG A 597 -30.02 31.02 4.81
N LYS A 598 -30.79 30.22 5.55
CA LYS A 598 -31.51 30.70 6.71
C LYS A 598 -30.61 30.64 7.94
N ASN A 599 -30.92 31.48 8.93
CA ASN A 599 -30.03 31.68 10.08
C ASN A 599 -30.80 31.47 11.38
N PRO A 600 -31.12 30.22 11.71
CA PRO A 600 -31.71 29.93 13.02
C PRO A 600 -30.65 29.91 14.11
N THR A 601 -31.11 30.10 15.34
CA THR A 601 -30.22 29.99 16.49
C THR A 601 -29.79 28.53 16.65
N PRO A 602 -28.68 28.29 17.37
CA PRO A 602 -28.26 26.89 17.58
C PRO A 602 -29.33 26.03 18.22
N PHE A 603 -30.08 26.60 19.18
CA PHE A 603 -31.12 25.83 19.86
C PHE A 603 -32.30 25.55 18.94
N GLU A 604 -32.65 26.52 18.09
CA GLU A 604 -33.70 26.29 17.10
C GLU A 604 -33.27 25.22 16.09
N LYS A 605 -32.04 25.32 15.60
CA LYS A 605 -31.56 24.37 14.59
C LYS A 605 -31.56 22.95 15.12
N LEU A 606 -31.00 22.75 16.32
CA LEU A 606 -30.90 21.40 16.89
C LEU A 606 -32.27 20.83 17.24
N GLU A 607 -33.21 21.68 17.64
CA GLU A 607 -34.56 21.20 17.94
C GLU A 607 -35.27 20.72 16.68
N PHE A 608 -35.02 21.41 15.56
CA PHE A 608 -35.64 21.01 14.29
C PHE A 608 -34.99 19.75 13.73
N GLU A 609 -33.66 19.64 13.83
CA GLU A 609 -32.94 18.57 13.16
C GLU A 609 -32.93 17.26 13.94
N LYS A 610 -33.24 17.29 15.23
CA LYS A 610 -33.10 16.09 16.05
C LYS A 610 -34.06 14.98 15.65
N ASP A 611 -35.15 15.30 14.94
CA ASP A 611 -36.14 14.29 14.61
C ASP A 611 -35.63 13.30 13.57
N TYR A 612 -34.68 13.72 12.73
CA TYR A 612 -34.33 12.94 11.55
C TYR A 612 -33.49 11.70 11.90
N PRO A 613 -32.46 11.80 12.74
CA PRO A 613 -31.85 10.55 13.24
C PRO A 613 -32.83 9.72 14.04
N GLU A 614 -33.73 10.37 14.79
CA GLU A 614 -34.77 9.64 15.52
C GLU A 614 -35.73 8.93 14.58
N ALA A 615 -35.86 9.41 13.35
CA ALA A 615 -36.77 8.78 12.39
C ALA A 615 -36.17 7.59 11.67
N GLY A 616 -34.83 7.44 11.69
CA GLY A 616 -34.20 6.29 11.07
C GLY A 616 -32.90 6.58 10.35
N ALA A 617 -32.47 7.84 10.35
CA ALA A 617 -31.20 8.23 9.72
C ALA A 617 -30.07 8.09 10.75
N THR A 618 -29.74 6.84 11.05
CA THR A 618 -28.78 6.53 12.10
C THR A 618 -27.51 5.85 11.62
N GLY A 619 -27.45 5.39 10.37
CA GLY A 619 -26.20 4.87 9.84
C GLY A 619 -25.16 5.94 9.61
N GLY A 620 -25.60 7.19 9.51
CA GLY A 620 -24.71 8.32 9.34
C GLY A 620 -25.45 9.63 9.54
N PHE A 621 -24.90 10.52 10.35
CA PHE A 621 -25.56 11.79 10.65
C PHE A 621 -24.57 12.69 11.39
N ILE A 622 -24.82 13.99 11.30
CA ILE A 622 -24.08 14.97 12.08
C ILE A 622 -24.93 16.24 12.11
N HIS A 623 -24.65 17.11 13.07
CA HIS A 623 -25.36 18.38 13.20
C HIS A 623 -24.33 19.50 13.22
N TYR A 624 -24.46 20.41 12.26
CA TYR A 624 -23.55 21.55 12.12
C TYR A 624 -24.21 22.80 12.68
N CYS A 625 -23.44 23.56 13.45
CA CYS A 625 -23.89 24.85 13.98
CA CYS A 625 -23.89 24.85 13.98
C CYS A 625 -22.83 25.89 13.66
N GLU A 626 -23.21 26.88 12.85
CA GLU A 626 -22.33 27.99 12.47
C GLU A 626 -23.05 29.27 12.87
N TYR A 627 -22.83 29.70 14.11
CA TYR A 627 -23.50 30.86 14.67
C TYR A 627 -22.46 31.91 15.04
N PRO A 628 -22.66 33.17 14.66
CA PRO A 628 -21.61 34.18 14.89
C PRO A 628 -21.22 34.36 16.35
N VAL A 629 -22.15 34.17 17.28
CA VAL A 629 -21.84 34.38 18.68
C VAL A 629 -20.84 33.35 19.19
N LEU A 630 -20.77 32.18 18.55
CA LEU A 630 -19.87 31.13 18.99
C LEU A 630 -18.40 31.44 18.69
N GLN A 631 -18.11 32.47 17.90
CA GLN A 631 -16.73 32.74 17.52
C GLN A 631 -15.95 33.28 18.71
N GLN A 632 -14.81 32.64 18.99
CA GLN A 632 -13.91 33.06 20.08
C GLN A 632 -14.67 33.22 21.39
N ASN A 633 -15.57 32.29 21.67
CA ASN A 633 -16.46 32.38 22.83
C ASN A 633 -16.69 30.98 23.39
N PRO A 634 -15.80 30.51 24.27
CA PRO A 634 -15.98 29.16 24.84
C PRO A 634 -17.27 29.00 25.63
N LYS A 635 -17.71 30.05 26.34
CA LYS A 635 -18.94 29.96 27.11
C LYS A 635 -20.14 29.67 26.21
N ALA A 636 -20.26 30.41 25.10
CA ALA A 636 -21.36 30.19 24.18
C ALA A 636 -21.34 28.77 23.62
N LEU A 637 -20.14 28.26 23.30
CA LEU A 637 -20.04 26.91 22.78
C LEU A 637 -20.52 25.89 23.81
N GLU A 638 -20.24 26.12 25.09
CA GLU A 638 -20.68 25.19 26.12
C GLU A 638 -22.20 25.15 26.23
N ALA A 639 -22.86 26.26 25.96
CA ALA A 639 -24.33 26.25 25.95
C ALA A 639 -24.87 25.35 24.85
N VAL A 640 -24.23 25.36 23.68
CA VAL A 640 -24.69 24.53 22.58
C VAL A 640 -24.40 23.05 22.87
N TRP A 641 -23.21 22.74 23.40
CA TRP A 641 -22.91 21.36 23.78
C TRP A 641 -23.92 20.83 24.78
N ASP A 642 -24.18 21.61 25.85
CA ASP A 642 -25.10 21.17 26.89
C ASP A 642 -26.51 20.97 26.34
N PHE A 643 -26.98 21.94 25.54
CA PHE A 643 -28.30 21.82 24.94
C PHE A 643 -28.38 20.63 23.99
N ALA A 644 -27.27 20.30 23.33
CA ALA A 644 -27.27 19.21 22.36
C ALA A 644 -27.19 17.84 23.02
N TYR A 645 -26.73 17.75 24.27
CA TYR A 645 -26.46 16.44 24.87
C TYR A 645 -27.70 15.57 24.91
N ASP A 646 -28.85 16.15 25.22
CA ASP A 646 -30.08 15.38 25.36
C ASP A 646 -30.89 15.28 24.08
N ARG A 647 -30.49 15.97 23.02
CA ARG A 647 -31.30 16.05 21.81
C ARG A 647 -30.63 15.41 20.59
N VAL A 648 -29.37 15.72 20.31
CA VAL A 648 -28.68 15.16 19.15
C VAL A 648 -27.50 14.33 19.62
N GLY A 649 -26.90 13.59 18.69
CA GLY A 649 -25.88 12.64 19.02
C GLY A 649 -24.46 13.05 18.65
N TYR A 650 -24.32 13.88 17.64
CA TYR A 650 -23.00 14.18 17.06
C TYR A 650 -23.03 15.61 16.54
N LEU A 651 -22.24 16.49 17.14
CA LEU A 651 -22.31 17.92 16.88
C LEU A 651 -20.94 18.47 16.50
N GLY A 652 -20.90 19.27 15.44
CA GLY A 652 -19.68 19.97 15.03
C GLY A 652 -19.94 21.46 14.95
N THR A 653 -19.01 22.24 15.48
CA THR A 653 -19.21 23.67 15.68
C THR A 653 -18.57 24.47 14.54
N ASN A 654 -18.31 25.75 14.79
CA ASN A 654 -17.81 26.65 13.76
C ASN A 654 -16.42 26.24 13.29
N THR A 655 -16.14 26.57 12.03
CA THR A 655 -14.76 26.53 11.56
C THR A 655 -14.00 27.71 12.17
N PRO A 656 -12.69 27.56 12.39
CA PRO A 656 -11.92 28.67 12.95
C PRO A 656 -11.62 29.73 11.90
N ILE A 657 -11.25 30.91 12.39
CA ILE A 657 -10.98 32.03 11.51
C ILE A 657 -9.80 31.70 10.59
N ASP A 658 -9.99 31.93 9.30
CA ASP A 658 -8.90 31.74 8.35
C ASP A 658 -7.84 32.82 8.56
N LYS A 659 -6.59 32.39 8.63
CA LYS A 659 -5.48 33.27 8.96
C LYS A 659 -4.60 33.51 7.75
N CYS A 660 -4.29 34.77 7.48
CA CYS A 660 -3.29 35.14 6.50
C CYS A 660 -1.99 35.42 7.25
N TYR A 661 -0.96 34.61 7.01
CA TYR A 661 0.27 34.73 7.78
C TYR A 661 1.08 35.96 7.37
N LYS A 662 0.92 36.41 6.13
CA LYS A 662 1.30 37.78 5.79
C LYS A 662 0.20 38.72 6.25
N CYS A 663 0.58 39.97 6.53
CA CYS A 663 -0.34 41.03 6.94
C CYS A 663 -1.08 40.73 8.24
N ASP A 664 -1.10 39.47 8.67
CA ASP A 664 -1.67 39.05 9.95
C ASP A 664 -3.15 39.47 10.07
N PHE A 665 -3.98 38.91 9.21
CA PHE A 665 -5.42 39.09 9.27
C PHE A 665 -6.09 37.79 9.66
N GLU A 666 -7.20 37.91 10.39
CA GLU A 666 -7.98 36.77 10.82
C GLU A 666 -9.44 36.99 10.45
N GLY A 667 -10.03 36.03 9.76
CA GLY A 667 -11.42 36.13 9.34
C GLY A 667 -11.87 34.91 8.55
N ASP A 668 -12.74 35.12 7.56
CA ASP A 668 -13.21 34.04 6.69
C ASP A 668 -12.85 34.26 5.24
N PHE A 669 -12.05 35.29 4.94
CA PHE A 669 -11.59 35.58 3.58
C PHE A 669 -12.73 35.82 2.61
N PHE A 676 -8.80 30.97 -1.70
CA PHE A 676 -9.48 32.26 -1.60
C PHE A 676 -8.45 33.37 -1.39
N MET A 677 -8.93 34.62 -1.33
CA MET A 677 -8.08 35.78 -1.17
C MET A 677 -8.00 36.17 0.30
N CYS A 678 -7.60 37.41 0.57
CA CYS A 678 -7.48 37.93 1.93
C CYS A 678 -8.03 39.36 1.94
N PRO A 679 -8.91 39.69 2.88
CA PRO A 679 -9.47 41.05 2.90
C PRO A 679 -8.43 42.14 3.17
N ASN A 680 -7.46 41.87 4.04
CA ASN A 680 -6.47 42.89 4.39
C ASN A 680 -5.40 43.07 3.32
N CYS A 681 -5.27 42.13 2.38
CA CYS A 681 -4.28 42.30 1.31
C CYS A 681 -4.77 41.64 0.01
N GLY A 682 -5.07 40.35 0.06
CA GLY A 682 -5.50 39.64 -1.13
C GLY A 682 -4.61 38.47 -1.46
N ASN A 683 -3.93 37.94 -0.46
CA ASN A 683 -3.00 36.83 -0.67
C ASN A 683 -3.76 35.55 -1.02
N THR A 684 -3.14 34.74 -1.87
CA THR A 684 -3.70 33.45 -2.27
C THR A 684 -2.69 32.32 -2.16
N ASP A 685 -1.47 32.60 -1.71
CA ASP A 685 -0.46 31.56 -1.58
C ASP A 685 -0.77 30.66 -0.39
N PRO A 686 -1.06 29.38 -0.59
CA PRO A 686 -1.38 28.50 0.56
C PRO A 686 -0.22 28.31 1.53
N LYS A 687 0.98 28.79 1.21
CA LYS A 687 2.10 28.69 2.14
C LYS A 687 2.01 29.74 3.24
N THR A 688 1.50 30.94 2.92
CA THR A 688 1.31 32.00 3.90
C THR A 688 -0.17 32.18 4.26
N VAL A 689 -0.99 31.17 3.99
CA VAL A 689 -2.42 31.22 4.25
C VAL A 689 -2.84 29.90 4.91
N ASP A 690 -3.66 30.01 5.96
CA ASP A 690 -4.16 28.84 6.70
C ASP A 690 -5.68 28.90 6.68
N VAL A 691 -6.29 28.22 5.72
CA VAL A 691 -7.74 28.14 5.59
C VAL A 691 -8.19 26.78 6.12
N VAL A 692 -9.17 26.78 7.02
CA VAL A 692 -9.67 25.57 7.65
C VAL A 692 -11.07 25.31 7.13
N LYS A 693 -11.27 24.12 6.54
CA LYS A 693 -12.58 23.69 6.06
C LYS A 693 -12.78 22.23 6.45
N ARG A 694 -14.04 21.85 6.65
CA ARG A 694 -14.37 20.47 6.96
C ARG A 694 -14.24 19.62 5.71
N THR A 695 -13.52 18.50 5.83
CA THR A 695 -13.28 17.63 4.68
C THR A 695 -14.58 17.09 4.11
N CYS A 696 -15.48 16.64 4.97
CA CYS A 696 -16.79 16.17 4.55
C CYS A 696 -17.76 17.35 4.47
N ASP B 14 -13.40 -31.54 9.51
CA ASP B 14 -12.94 -31.32 8.14
C ASP B 14 -13.83 -32.03 7.13
N ILE B 15 -14.04 -31.39 5.99
CA ILE B 15 -14.97 -31.87 4.98
C ILE B 15 -14.34 -33.04 4.22
N LYS B 16 -15.17 -34.04 3.91
CA LYS B 16 -14.72 -35.22 3.18
C LYS B 16 -15.07 -35.11 1.71
N VAL B 17 -14.32 -35.84 0.88
CA VAL B 17 -14.44 -35.78 -0.57
C VAL B 17 -15.09 -37.06 -1.06
N ILE B 18 -16.14 -36.92 -1.87
CA ILE B 18 -16.82 -38.05 -2.47
C ILE B 18 -16.20 -38.29 -3.85
N LYS B 19 -15.53 -39.43 -4.02
CA LYS B 19 -14.96 -39.78 -5.30
C LYS B 19 -16.07 -40.03 -6.33
N ARG B 20 -15.67 -40.17 -7.59
CA ARG B 20 -16.64 -40.41 -8.64
C ARG B 20 -17.29 -41.79 -8.51
N ASP B 21 -16.59 -42.75 -7.91
CA ASP B 21 -17.15 -44.08 -7.75
C ASP B 21 -18.09 -44.17 -6.55
N GLY B 22 -17.92 -43.29 -5.57
CA GLY B 22 -18.83 -43.25 -4.43
C GLY B 22 -18.14 -43.26 -3.09
N ARG B 23 -16.91 -43.74 -3.04
CA ARG B 23 -16.19 -43.83 -1.77
C ARG B 23 -15.77 -42.45 -1.30
N MET B 24 -15.69 -42.29 0.02
CA MET B 24 -15.32 -41.02 0.64
C MET B 24 -13.86 -41.07 1.07
N VAL B 25 -13.08 -40.08 0.64
CA VAL B 25 -11.67 -39.98 0.97
C VAL B 25 -11.45 -38.72 1.81
N THR B 26 -10.24 -38.60 2.34
CA THR B 26 -9.88 -37.45 3.13
C THR B 26 -9.52 -36.27 2.22
N PHE B 27 -9.83 -35.07 2.68
CA PHE B 27 -9.56 -33.87 1.89
C PHE B 27 -8.05 -33.64 1.83
N ASP B 28 -7.47 -33.85 0.65
CA ASP B 28 -6.04 -33.62 0.41
C ASP B 28 -5.93 -32.37 -0.46
N SER B 29 -5.51 -31.27 0.16
CA SER B 29 -5.51 -29.98 -0.52
C SER B 29 -4.54 -29.95 -1.70
N SER B 30 -3.49 -30.78 -1.67
CA SER B 30 -2.51 -30.75 -2.75
C SER B 30 -3.06 -31.33 -4.05
N LYS B 31 -4.13 -32.14 -3.98
CA LYS B 31 -4.74 -32.66 -5.20
C LYS B 31 -5.32 -31.53 -6.04
N ILE B 32 -5.71 -30.43 -5.41
CA ILE B 32 -6.18 -29.26 -6.16
C ILE B 32 -5.01 -28.52 -6.77
N TYR B 33 -3.96 -28.27 -5.98
CA TYR B 33 -2.78 -27.57 -6.50
C TYR B 33 -2.16 -28.33 -7.67
N GLU B 34 -1.92 -29.63 -7.48
CA GLU B 34 -1.25 -30.42 -8.52
C GLU B 34 -2.08 -30.51 -9.79
N ALA B 35 -3.41 -30.48 -9.66
CA ALA B 35 -4.26 -30.43 -10.84
C ALA B 35 -4.06 -29.13 -11.61
N ILE B 36 -4.11 -28.00 -10.90
CA ILE B 36 -3.89 -26.70 -11.53
C ILE B 36 -2.48 -26.63 -12.12
N LEU B 37 -1.51 -27.24 -11.44
CA LEU B 37 -0.13 -27.22 -11.93
C LEU B 37 -0.02 -27.89 -13.30
N LYS B 38 -0.65 -29.06 -13.45
CA LYS B 38 -0.58 -29.78 -14.72
C LYS B 38 -1.15 -28.93 -15.85
N ALA B 39 -2.20 -28.17 -15.59
CA ALA B 39 -2.77 -27.31 -16.62
C ALA B 39 -1.84 -26.16 -16.96
N SER B 40 -1.13 -25.63 -15.96
CA SER B 40 -0.20 -24.53 -16.23
C SER B 40 1.03 -25.02 -16.96
N GLU B 41 1.51 -26.24 -16.64
CA GLU B 41 2.72 -26.75 -17.25
C GLU B 41 2.55 -27.01 -18.75
N THR B 42 1.33 -27.27 -19.21
CA THR B 42 1.10 -27.44 -20.64
C THR B 42 1.28 -26.14 -21.41
N ILE B 43 1.31 -24.99 -20.73
CA ILE B 43 1.49 -23.70 -21.38
C ILE B 43 2.94 -23.24 -21.28
N THR B 44 3.55 -23.38 -20.11
CA THR B 44 4.90 -22.88 -19.86
C THR B 44 5.45 -23.57 -18.62
N PRO B 45 6.76 -23.76 -18.52
CA PRO B 45 7.33 -24.42 -17.34
C PRO B 45 7.09 -23.62 -16.08
N ILE B 46 7.10 -24.34 -14.95
CA ILE B 46 6.86 -23.71 -13.66
C ILE B 46 8.00 -22.76 -13.32
N THR B 47 7.66 -21.64 -12.70
CA THR B 47 8.61 -20.64 -12.23
C THR B 47 8.24 -20.25 -10.82
N PRO B 48 9.16 -19.62 -10.07
CA PRO B 48 8.78 -19.13 -8.74
C PRO B 48 7.55 -18.23 -8.74
N LEU B 49 7.41 -17.37 -9.75
CA LEU B 49 6.26 -16.46 -9.79
C LEU B 49 4.97 -17.21 -10.06
N ILE B 50 4.99 -18.19 -10.98
CA ILE B 50 3.80 -18.99 -11.25
C ILE B 50 3.44 -19.82 -10.02
N GLU B 51 4.44 -20.26 -9.25
CA GLU B 51 4.18 -21.07 -8.08
C GLU B 51 3.27 -20.36 -7.08
N THR B 52 3.60 -19.10 -6.74
CA THR B 52 2.77 -18.36 -5.81
C THR B 52 1.41 -18.02 -6.42
N LYS B 53 1.36 -17.80 -7.74
CA LYS B 53 0.08 -17.59 -8.41
C LYS B 53 -0.82 -18.81 -8.23
N LEU B 54 -0.26 -20.00 -8.45
CA LEU B 54 -1.06 -21.23 -8.30
C LEU B 54 -1.46 -21.45 -6.85
N GLU B 55 -0.55 -21.18 -5.91
CA GLU B 55 -0.86 -21.39 -4.50
C GLU B 55 -1.97 -20.45 -4.04
N GLY B 56 -1.97 -19.21 -4.53
CA GLY B 56 -3.04 -18.29 -4.19
C GLY B 56 -4.38 -18.72 -4.74
N ILE B 57 -4.41 -19.20 -5.99
CA ILE B 57 -5.63 -19.71 -6.58
C ILE B 57 -6.09 -20.96 -5.85
N ALA B 58 -5.14 -21.79 -5.40
CA ALA B 58 -5.50 -22.99 -4.65
C ALA B 58 -6.15 -22.64 -3.33
N ASN B 59 -5.69 -21.56 -2.68
CA ASN B 59 -6.29 -21.14 -1.41
C ASN B 59 -7.73 -20.68 -1.59
N ARG B 60 -8.00 -19.95 -2.68
CA ARG B 60 -9.37 -19.50 -2.93
C ARG B 60 -10.30 -20.68 -3.18
N VAL B 61 -9.81 -21.71 -3.86
CA VAL B 61 -10.61 -22.92 -4.07
C VAL B 61 -11.01 -23.53 -2.73
N VAL B 62 -10.05 -23.67 -1.82
CA VAL B 62 -10.34 -24.22 -0.50
C VAL B 62 -11.33 -23.33 0.24
N ALA B 63 -11.18 -22.01 0.11
CA ALA B 63 -12.10 -21.09 0.77
C ALA B 63 -13.52 -21.27 0.28
N GLU B 64 -13.69 -21.34 -1.04
CA GLU B 64 -15.03 -21.50 -1.62
C GLU B 64 -15.64 -22.85 -1.27
N ILE B 65 -14.81 -23.90 -1.19
CA ILE B 65 -15.31 -25.22 -0.84
C ILE B 65 -15.93 -25.20 0.56
N ASN B 66 -15.21 -24.66 1.54
CA ASN B 66 -15.74 -24.59 2.89
C ASN B 66 -16.86 -23.56 3.03
N ASP B 67 -16.92 -22.59 2.13
CA ASP B 67 -17.99 -21.59 2.18
C ASP B 67 -19.27 -22.09 1.54
N ARG B 68 -19.20 -23.07 0.64
CA ARG B 68 -20.37 -23.56 -0.08
C ARG B 68 -20.77 -24.98 0.30
N PHE B 69 -19.93 -25.71 1.02
CA PHE B 69 -20.24 -27.07 1.44
C PHE B 69 -19.78 -27.26 2.88
N SER B 70 -20.49 -28.14 3.60
CA SER B 70 -20.23 -28.34 5.02
C SER B 70 -19.67 -29.72 5.31
N HIS B 71 -20.41 -30.78 4.99
CA HIS B 71 -20.03 -32.13 5.40
C HIS B 71 -19.26 -32.91 4.34
N ASN B 72 -19.64 -32.78 3.07
CA ASN B 72 -18.96 -33.49 2.00
C ASN B 72 -19.08 -32.70 0.72
N ILE B 73 -18.25 -33.06 -0.26
CA ILE B 73 -18.25 -32.41 -1.56
C ILE B 73 -17.83 -33.44 -2.61
N LYS B 74 -18.48 -33.37 -3.78
CA LYS B 74 -18.21 -34.31 -4.86
C LYS B 74 -17.09 -33.80 -5.76
N ILE B 75 -16.53 -34.73 -6.55
CA ILE B 75 -15.41 -34.38 -7.41
C ILE B 75 -15.79 -33.31 -8.41
N TYR B 76 -16.92 -33.51 -9.12
CA TYR B 76 -17.33 -32.53 -10.11
C TYR B 76 -17.70 -31.19 -9.48
N GLU B 77 -18.07 -31.18 -8.19
CA GLU B 77 -18.29 -29.92 -7.50
C GLU B 77 -16.97 -29.19 -7.26
N ILE B 78 -15.91 -29.94 -6.92
CA ILE B 78 -14.60 -29.33 -6.76
C ILE B 78 -14.09 -28.80 -8.10
N GLN B 79 -14.34 -29.54 -9.18
CA GLN B 79 -13.87 -29.11 -10.50
C GLN B 79 -14.54 -27.81 -10.94
N SER B 80 -15.84 -27.65 -10.64
CA SER B 80 -16.52 -26.43 -11.01
C SER B 80 -16.00 -25.23 -10.23
N ILE B 81 -15.53 -25.45 -9.00
CA ILE B 81 -14.96 -24.35 -8.22
C ILE B 81 -13.57 -24.00 -8.75
N VAL B 82 -12.77 -25.00 -9.09
CA VAL B 82 -11.43 -24.74 -9.62
C VAL B 82 -11.52 -23.91 -10.90
N GLU B 83 -12.39 -24.31 -11.83
CA GLU B 83 -12.56 -23.54 -13.05
C GLU B 83 -13.16 -22.17 -12.77
N HIS B 84 -14.09 -22.11 -11.80
CA HIS B 84 -14.69 -20.83 -11.44
C HIS B 84 -13.64 -19.87 -10.86
N GLU B 85 -12.78 -20.38 -9.97
CA GLU B 85 -11.77 -19.52 -9.36
C GLU B 85 -10.70 -19.11 -10.36
N LEU B 86 -10.43 -19.95 -11.37
CA LEU B 86 -9.48 -19.58 -12.41
C LEU B 86 -10.00 -18.40 -13.22
N LEU B 87 -11.31 -18.38 -13.50
CA LEU B 87 -11.90 -17.26 -14.22
C LEU B 87 -12.07 -16.03 -13.33
N GLU B 88 -12.29 -16.24 -12.03
CA GLU B 88 -12.35 -15.11 -11.11
C GLU B 88 -10.99 -14.45 -10.94
N ALA B 89 -9.91 -15.21 -11.08
CA ALA B 89 -8.56 -14.68 -11.02
C ALA B 89 -8.07 -14.14 -12.36
N ASN B 90 -8.92 -14.19 -13.40
CA ASN B 90 -8.61 -13.71 -14.74
C ASN B 90 -7.46 -14.47 -15.39
N GLU B 91 -7.23 -15.71 -14.98
CA GLU B 91 -6.19 -16.55 -15.59
C GLU B 91 -6.81 -17.32 -16.75
N TYR B 92 -6.99 -16.61 -17.87
CA TYR B 92 -7.73 -17.19 -18.99
C TYR B 92 -6.96 -18.33 -19.66
N ALA B 93 -5.64 -18.21 -19.72
CA ALA B 93 -4.84 -19.23 -20.41
C ALA B 93 -4.87 -20.56 -19.65
N ILE B 94 -4.64 -20.52 -18.34
CA ILE B 94 -4.70 -21.75 -17.55
C ILE B 94 -6.13 -22.28 -17.51
N ALA B 95 -7.12 -21.39 -17.52
CA ALA B 95 -8.52 -21.83 -17.49
C ALA B 95 -8.90 -22.55 -18.78
N GLN B 96 -8.48 -22.03 -19.92
CA GLN B 96 -8.80 -22.68 -21.19
C GLN B 96 -8.21 -24.08 -21.26
N GLU B 97 -7.00 -24.26 -20.75
CA GLU B 97 -6.39 -25.59 -20.73
C GLU B 97 -7.12 -26.51 -19.76
N TYR B 98 -7.42 -26.02 -18.56
CA TYR B 98 -8.05 -26.86 -17.54
C TYR B 98 -9.45 -27.30 -17.97
N ILE B 99 -10.23 -26.38 -18.52
CA ILE B 99 -11.62 -26.69 -18.86
C ILE B 99 -11.68 -27.72 -19.99
N ASN B 100 -10.88 -27.53 -21.04
CA ASN B 100 -10.90 -28.46 -22.17
C ASN B 100 -10.48 -29.86 -21.74
N TYR B 101 -9.43 -29.96 -20.92
CA TYR B 101 -8.96 -31.28 -20.50
C TYR B 101 -9.94 -31.94 -19.54
N ARG B 102 -10.44 -31.18 -18.56
CA ARG B 102 -11.40 -31.74 -17.61
C ARG B 102 -12.68 -32.17 -18.33
N THR B 103 -13.12 -31.39 -19.32
CA THR B 103 -14.31 -31.76 -20.07
C THR B 103 -14.06 -33.00 -20.92
N LYS B 104 -12.87 -33.10 -21.53
CA LYS B 104 -12.55 -34.26 -22.34
C LYS B 104 -12.58 -35.54 -21.51
N ARG B 105 -12.08 -35.48 -20.27
CA ARG B 105 -12.09 -36.67 -19.42
C ARG B 105 -13.49 -37.04 -18.98
N ASP B 106 -14.38 -36.05 -18.77
CA ASP B 106 -15.75 -36.35 -18.40
C ASP B 106 -16.52 -37.01 -19.55
N PHE B 107 -16.22 -36.61 -20.79
CA PHE B 107 -16.86 -37.26 -21.93
C PHE B 107 -16.34 -38.67 -22.14
N GLU B 108 -15.07 -38.92 -21.83
CA GLU B 108 -14.49 -40.25 -22.03
C GLU B 108 -14.95 -41.23 -20.96
N ARG B 109 -15.02 -40.80 -19.70
CA ARG B 109 -15.43 -41.70 -18.63
C ARG B 109 -16.86 -42.16 -18.79
N SER B 110 -17.70 -41.40 -19.49
CA SER B 110 -19.11 -41.74 -19.64
C SER B 110 -19.40 -42.49 -20.93
N GLN B 111 -18.58 -42.32 -21.96
CA GLN B 111 -18.79 -43.01 -23.23
C GLN B 111 -18.31 -44.46 -23.17
N THR B 118 -10.29 -31.01 -28.08
CA THR B 118 -10.68 -29.68 -27.63
C THR B 118 -12.20 -29.52 -27.66
N ILE B 119 -12.72 -28.64 -26.80
CA ILE B 119 -14.15 -28.36 -26.76
C ILE B 119 -14.46 -26.91 -27.12
N ASN B 120 -13.52 -25.98 -26.98
CA ASN B 120 -13.77 -24.57 -27.28
C ASN B 120 -12.44 -23.86 -27.45
N LYS B 121 -12.51 -22.63 -27.98
CA LYS B 121 -11.34 -21.78 -28.12
C LYS B 121 -11.82 -20.34 -27.97
N LEU B 122 -11.37 -19.67 -26.90
CA LEU B 122 -11.98 -18.41 -26.50
C LEU B 122 -10.97 -17.54 -25.75
N VAL B 123 -9.80 -17.34 -26.35
CA VAL B 123 -8.73 -16.55 -25.73
C VAL B 123 -7.97 -15.83 -26.84
N ASN B 124 -7.82 -14.51 -26.71
CA ASN B 124 -7.09 -13.74 -27.68
C ASN B 124 -5.57 -13.92 -27.48
N LYS B 125 -4.80 -13.44 -28.46
CA LYS B 125 -3.37 -13.71 -28.48
C LYS B 125 -2.65 -13.16 -27.25
N ASP B 126 -3.13 -12.05 -26.69
CA ASP B 126 -2.47 -11.44 -25.54
C ASP B 126 -2.89 -12.06 -24.21
N GLN B 127 -4.01 -12.77 -24.17
CA GLN B 127 -4.48 -13.45 -22.97
C GLN B 127 -4.06 -14.91 -22.92
N ALA B 128 -3.37 -15.41 -23.95
CA ALA B 128 -2.91 -16.79 -23.98
C ALA B 128 -1.61 -17.01 -23.21
N VAL B 129 -1.05 -15.97 -22.60
CA VAL B 129 0.19 -16.06 -21.85
C VAL B 129 -0.12 -15.81 -20.38
N VAL B 130 0.59 -16.51 -19.51
CA VAL B 130 0.43 -16.34 -18.06
C VAL B 130 1.19 -15.11 -17.62
N HIS B 131 0.48 -14.14 -17.06
CA HIS B 131 1.09 -12.91 -16.56
C HIS B 131 1.58 -13.16 -15.14
N GLU B 132 2.90 -13.22 -14.97
CA GLU B 132 3.47 -13.68 -13.70
C GLU B 132 3.42 -12.61 -12.61
N ASN B 133 3.47 -11.33 -12.98
CA ASN B 133 3.53 -10.25 -12.00
C ASN B 133 2.15 -9.71 -11.63
N ALA B 134 1.09 -10.44 -11.94
CA ALA B 134 -0.27 -9.98 -11.69
C ALA B 134 -1.08 -11.14 -11.12
N ASN B 135 -1.38 -11.08 -9.83
CA ASN B 135 -2.15 -12.11 -9.14
C ASN B 135 -3.30 -11.43 -8.42
N LYS B 136 -4.51 -11.56 -8.97
CA LYS B 136 -5.67 -10.91 -8.39
C LYS B 136 -5.96 -11.42 -6.98
N ASP B 137 -5.63 -12.68 -6.70
CA ASP B 137 -5.94 -13.31 -5.42
C ASP B 137 -4.83 -13.15 -4.38
N SER B 138 -3.68 -12.60 -4.76
CA SER B 138 -2.53 -12.54 -3.86
C SER B 138 -2.01 -11.13 -3.62
N ASP B 139 -2.22 -10.20 -4.55
CA ASP B 139 -1.55 -8.91 -4.51
C ASP B 139 -2.30 -7.90 -3.65
N LEU B 140 -1.54 -6.99 -3.05
CA LEU B 140 -2.12 -5.89 -2.31
C LEU B 140 -2.94 -5.00 -3.25
N TYR B 141 -3.89 -4.27 -2.66
CA TYR B 141 -4.77 -3.41 -3.46
C TYR B 141 -3.97 -2.31 -4.16
N ASN B 142 -3.12 -1.61 -3.41
CA ASN B 142 -2.34 -0.54 -4.02
C ASN B 142 -1.36 -1.09 -5.06
N THR B 143 -0.87 -2.31 -4.85
CA THR B 143 -0.08 -2.97 -5.88
C THR B 143 -0.91 -3.17 -7.15
N GLN B 144 -2.17 -3.58 -7.00
CA GLN B 144 -3.02 -3.86 -8.15
C GLN B 144 -3.37 -2.58 -8.91
N ARG B 145 -3.69 -1.50 -8.19
CA ARG B 145 -4.07 -0.28 -8.87
C ARG B 145 -2.87 0.44 -9.47
N ASP B 146 -1.71 0.41 -8.78
CA ASP B 146 -0.51 0.98 -9.36
C ASP B 146 -0.05 0.22 -10.59
N LEU B 147 -0.38 -1.07 -10.67
CA LEU B 147 -0.08 -1.84 -11.88
C LEU B 147 -0.74 -1.19 -13.10
N THR B 148 -1.99 -0.76 -12.96
CA THR B 148 -2.67 -0.11 -14.08
C THR B 148 -2.05 1.24 -14.41
N ALA B 149 -1.57 1.97 -13.39
CA ALA B 149 -0.87 3.23 -13.65
C ALA B 149 0.43 2.99 -14.41
N GLY B 150 1.11 1.89 -14.11
CA GLY B 150 2.36 1.58 -14.79
C GLY B 150 2.13 1.14 -16.23
N ILE B 151 1.04 0.41 -16.48
CA ILE B 151 0.71 0.00 -17.85
C ILE B 151 0.40 1.23 -18.70
N VAL B 152 -0.44 2.12 -18.18
CA VAL B 152 -0.72 3.37 -18.89
C VAL B 152 0.55 4.19 -19.05
N GLY B 153 1.33 4.30 -17.98
CA GLY B 153 2.57 5.07 -18.04
C GLY B 153 3.54 4.53 -19.08
N LYS B 154 3.74 3.22 -19.09
CA LYS B 154 4.66 2.63 -20.06
C LYS B 154 4.14 2.77 -21.48
N SER B 155 2.84 2.55 -21.68
CA SER B 155 2.26 2.63 -23.02
C SER B 155 2.35 4.05 -23.57
N VAL B 156 1.91 5.04 -22.79
CA VAL B 156 2.02 6.43 -23.23
C VAL B 156 3.48 6.84 -23.32
N GLY B 157 4.31 6.35 -22.41
CA GLY B 157 5.72 6.75 -22.41
C GLY B 157 6.46 6.30 -23.65
N LEU B 158 6.13 5.10 -24.17
CA LEU B 158 6.79 4.60 -25.35
C LEU B 158 6.54 5.48 -26.57
N LYS B 159 5.40 6.19 -26.60
CA LYS B 159 5.11 7.12 -27.68
C LYS B 159 5.77 8.47 -27.48
N MET B 160 6.16 8.80 -26.25
CA MET B 160 6.86 10.05 -25.98
C MET B 160 8.34 9.96 -26.33
N LEU B 161 8.93 8.76 -26.32
CA LEU B 161 10.32 8.59 -26.65
C LEU B 161 10.55 8.89 -28.13
N PRO B 162 11.77 9.26 -28.50
CA PRO B 162 12.17 9.21 -29.90
C PRO B 162 11.94 7.82 -30.46
N PRO B 163 11.31 7.71 -31.63
CA PRO B 163 10.88 6.38 -32.11
C PRO B 163 12.02 5.36 -32.19
N HIS B 164 13.22 5.79 -32.61
CA HIS B 164 14.32 4.84 -32.70
C HIS B 164 14.80 4.39 -31.32
N VAL B 165 14.74 5.27 -30.32
CA VAL B 165 15.03 4.85 -28.96
C VAL B 165 13.97 3.87 -28.47
N ALA B 166 12.70 4.16 -28.75
CA ALA B 166 11.62 3.26 -28.35
C ALA B 166 11.73 1.92 -29.07
N ASN B 167 12.10 1.94 -30.35
CA ASN B 167 12.26 0.69 -31.09
C ASN B 167 13.42 -0.14 -30.53
N ALA B 168 14.54 0.51 -30.23
CA ALA B 168 15.69 -0.22 -29.68
C ALA B 168 15.36 -0.84 -28.33
N HIS B 169 14.56 -0.15 -27.52
CA HIS B 169 14.13 -0.74 -26.25
C HIS B 169 13.25 -1.97 -26.48
N GLN B 170 12.28 -1.86 -27.39
CA GLN B 170 11.35 -2.97 -27.62
C GLN B 170 12.07 -4.17 -28.20
N LYS B 171 12.96 -3.95 -29.18
CA LYS B 171 13.72 -5.06 -29.76
C LYS B 171 14.62 -5.73 -28.73
N GLY B 172 15.13 -4.96 -27.77
CA GLY B 172 16.09 -5.46 -26.81
C GLY B 172 17.51 -5.03 -27.06
N ASP B 173 17.75 -4.10 -27.99
CA ASP B 173 19.09 -3.58 -28.19
C ASP B 173 19.57 -2.81 -26.97
N ILE B 174 18.69 -1.97 -26.40
CA ILE B 174 18.95 -1.24 -25.18
C ILE B 174 17.83 -1.53 -24.20
N HIS B 175 17.93 -0.96 -23.01
CA HIS B 175 16.85 -0.98 -22.03
C HIS B 175 16.67 0.41 -21.46
N PHE B 176 15.53 1.01 -21.73
CA PHE B 176 15.13 2.29 -21.14
C PHE B 176 14.48 1.99 -19.80
N HIS B 177 15.14 2.37 -18.72
CA HIS B 177 14.73 1.95 -17.38
C HIS B 177 13.54 2.74 -16.87
N ASP B 178 12.69 2.07 -16.10
CA ASP B 178 11.60 2.69 -15.35
C ASP B 178 10.57 3.34 -16.28
N LEU B 179 10.15 2.59 -17.30
CA LEU B 179 9.11 3.08 -18.19
C LEU B 179 7.77 3.25 -17.50
N ASP B 180 7.54 2.54 -16.39
CA ASP B 180 6.31 2.72 -15.63
C ASP B 180 6.18 4.13 -15.08
N TYR B 181 7.29 4.85 -14.92
CA TYR B 181 7.28 6.18 -14.32
C TYR B 181 7.81 7.26 -15.26
N SER B 182 8.79 6.94 -16.10
CA SER B 182 9.44 7.89 -16.98
C SER B 182 9.39 7.37 -18.41
N PRO B 183 9.13 8.25 -19.40
CA PRO B 183 8.95 9.70 -19.30
C PRO B 183 7.52 10.15 -19.03
N TYR B 184 6.62 9.28 -18.57
CA TYR B 184 5.26 9.73 -18.30
C TYR B 184 5.25 10.89 -17.31
N THR B 185 6.07 10.80 -16.27
CA THR B 185 6.33 11.90 -15.38
C THR B 185 7.77 12.36 -15.53
N PRO B 186 8.07 13.63 -15.23
CA PRO B 186 9.48 14.08 -15.25
C PRO B 186 10.23 13.72 -13.98
N MET B 187 9.97 12.53 -13.44
CA MET B 187 10.62 12.08 -12.22
C MET B 187 12.11 11.88 -12.43
N THR B 188 12.87 12.03 -11.34
CA THR B 188 14.29 11.71 -11.34
C THR B 188 14.50 10.27 -10.86
N ASN B 189 15.76 9.85 -10.79
CA ASN B 189 16.09 8.49 -10.41
C ASN B 189 16.36 8.41 -8.91
N CYS B 190 17.62 8.47 -8.52
CA CYS B 190 18.05 8.32 -7.14
C CYS B 190 18.72 9.62 -6.67
N CYS B 191 19.05 9.66 -5.39
CA CYS B 191 19.67 10.86 -4.82
C CYS B 191 20.25 10.54 -3.45
N LEU B 192 21.17 11.40 -3.02
CA LEU B 192 21.58 11.47 -1.62
C LEU B 192 20.77 12.60 -0.99
N ILE B 193 19.88 12.23 -0.06
CA ILE B 193 19.05 13.23 0.62
C ILE B 193 19.93 14.08 1.51
N ASP B 194 19.83 15.40 1.37
CA ASP B 194 20.52 16.34 2.26
C ASP B 194 19.74 16.44 3.57
N PHE B 195 19.85 15.39 4.38
CA PHE B 195 19.20 15.37 5.68
C PHE B 195 19.73 16.49 6.58
N LYS B 196 21.03 16.78 6.49
CA LYS B 196 21.62 17.79 7.35
C LYS B 196 20.95 19.15 7.16
N GLY B 197 20.75 19.54 5.90
CA GLY B 197 20.09 20.82 5.64
C GLY B 197 18.63 20.83 6.00
N MET B 198 17.93 19.69 5.82
CA MET B 198 16.50 19.65 6.10
C MET B 198 16.21 19.70 7.59
N LEU B 199 16.83 18.80 8.36
CA LEU B 199 16.57 18.76 9.80
C LEU B 199 17.00 20.04 10.49
N ALA B 200 17.99 20.74 9.94
CA ALA B 200 18.51 21.94 10.58
C ALA B 200 17.49 23.07 10.57
N ASN B 201 16.99 23.42 9.39
CA ASN B 201 16.11 24.57 9.22
C ASN B 201 14.63 24.22 9.34
N GLY B 202 14.29 22.96 9.56
CA GLY B 202 12.91 22.53 9.46
C GLY B 202 12.49 22.44 8.00
N PHE B 203 11.26 21.99 7.79
CA PHE B 203 10.76 21.76 6.44
C PHE B 203 9.26 21.52 6.50
N LYS B 204 8.60 21.74 5.37
CA LYS B 204 7.18 21.44 5.21
C LYS B 204 7.02 20.09 4.55
N ILE B 205 6.26 19.20 5.18
CA ILE B 205 6.01 17.86 4.66
C ILE B 205 4.56 17.52 4.94
N GLY B 206 3.82 17.14 3.90
CA GLY B 206 2.39 16.95 4.07
C GLY B 206 1.71 18.26 4.42
N ASN B 207 0.90 18.23 5.48
CA ASN B 207 0.20 19.43 5.92
C ASN B 207 0.98 20.22 6.96
N ALA B 208 1.95 19.61 7.63
CA ALA B 208 2.71 20.24 8.69
C ALA B 208 4.05 20.74 8.17
N GLU B 209 4.52 21.84 8.77
CA GLU B 209 5.86 22.37 8.52
C GLU B 209 6.63 22.22 9.84
N VAL B 210 7.31 21.08 10.00
CA VAL B 210 7.97 20.78 11.25
C VAL B 210 9.20 21.68 11.44
N GLU B 211 9.60 21.82 12.70
CA GLU B 211 10.78 22.58 13.06
C GLU B 211 11.95 21.63 13.28
N SER B 212 13.12 22.20 13.57
CA SER B 212 14.31 21.39 13.80
C SER B 212 14.09 20.47 14.99
N PRO B 213 14.45 19.19 14.87
CA PRO B 213 14.24 18.28 16.01
C PRO B 213 15.07 18.67 17.22
N LYS B 214 14.52 18.45 18.40
CA LYS B 214 15.19 18.74 19.67
C LYS B 214 15.67 17.49 20.37
N SER B 215 15.69 16.36 19.68
CA SER B 215 16.18 15.10 20.22
C SER B 215 16.42 14.15 19.06
N ILE B 216 17.10 13.04 19.35
CA ILE B 216 17.40 12.10 18.28
C ILE B 216 16.18 11.24 17.94
N GLN B 217 15.27 11.02 18.89
CA GLN B 217 14.04 10.30 18.56
C GLN B 217 13.20 11.08 17.55
N THR B 218 13.00 12.37 17.79
CA THR B 218 12.30 13.20 16.82
C THR B 218 13.07 13.27 15.50
N ALA B 219 14.40 13.18 15.55
CA ALA B 219 15.20 13.28 14.35
C ALA B 219 15.04 12.05 13.46
N THR B 220 15.12 10.85 14.04
CA THR B 220 14.94 9.64 13.25
C THR B 220 13.50 9.49 12.77
N ALA B 221 12.54 10.04 13.51
CA ALA B 221 11.16 10.06 13.02
C ALA B 221 11.04 10.92 11.77
N GLN B 222 11.63 12.11 11.80
CA GLN B 222 11.60 12.99 10.63
C GLN B 222 12.35 12.39 9.45
N ILE B 223 13.41 11.62 9.72
CA ILE B 223 14.17 11.01 8.63
C ILE B 223 13.29 10.04 7.85
N SER B 224 12.60 9.14 8.56
CA SER B 224 11.77 8.15 7.88
C SER B 224 10.61 8.81 7.14
N GLN B 225 10.07 9.91 7.68
CA GLN B 225 9.01 10.62 6.99
C GLN B 225 9.54 11.34 5.76
N ILE B 226 10.78 11.84 5.83
CA ILE B 226 11.42 12.40 4.64
C ILE B 226 11.63 11.31 3.59
N ILE B 227 12.07 10.12 4.03
CA ILE B 227 12.32 9.02 3.08
C ILE B 227 11.03 8.61 2.40
N ALA B 228 9.94 8.46 3.18
CA ALA B 228 8.66 8.08 2.60
C ALA B 228 8.23 9.08 1.54
N ASN B 229 8.47 10.36 1.77
CA ASN B 229 8.11 11.38 0.79
C ASN B 229 9.02 11.32 -0.43
N VAL B 230 10.34 11.27 -0.20
CA VAL B 230 11.29 11.22 -1.32
C VAL B 230 11.05 9.97 -2.17
N ALA B 231 10.69 8.85 -1.52
CA ALA B 231 10.51 7.60 -2.25
C ALA B 231 9.37 7.69 -3.26
N SER B 232 8.39 8.57 -3.04
CA SER B 232 7.26 8.71 -3.94
C SER B 232 7.40 9.89 -4.89
N SER B 233 8.48 10.64 -4.81
CA SER B 233 8.77 11.72 -5.75
C SER B 233 9.82 11.32 -6.77
N GLN B 234 10.29 10.07 -6.74
CA GLN B 234 11.35 9.60 -7.63
C GLN B 234 11.20 8.09 -7.77
N TYR B 235 11.65 7.56 -8.89
CA TYR B 235 11.51 6.13 -9.15
C TYR B 235 12.71 5.31 -8.68
N GLY B 236 13.72 5.94 -8.08
CA GLY B 236 14.88 5.24 -7.58
C GLY B 236 15.01 5.34 -6.08
N GLY B 237 16.10 4.75 -5.57
CA GLY B 237 16.36 4.71 -4.15
C GLY B 237 16.98 5.99 -3.63
N CYS B 238 17.17 6.03 -2.32
CA CYS B 238 17.72 7.21 -1.66
C CYS B 238 18.55 6.76 -0.47
N THR B 239 19.55 7.56 -0.14
CA THR B 239 20.55 7.19 0.86
C THR B 239 20.73 8.31 1.88
N ALA B 240 20.96 7.91 3.13
CA ALA B 240 21.34 8.83 4.20
C ALA B 240 22.85 8.71 4.39
N ASP B 241 23.60 9.61 3.75
CA ASP B 241 25.06 9.58 3.83
C ASP B 241 25.53 10.12 5.18
N ARG B 242 26.48 9.41 5.80
CA ARG B 242 27.11 9.84 7.04
C ARG B 242 26.07 10.10 8.13
N ILE B 243 25.18 9.12 8.35
CA ILE B 243 24.05 9.35 9.24
C ILE B 243 24.51 9.47 10.69
N ASP B 244 25.56 8.74 11.08
CA ASP B 244 26.08 8.89 12.44
C ASP B 244 26.58 10.29 12.72
N GLU B 245 26.95 11.05 11.69
CA GLU B 245 27.54 12.36 11.87
C GLU B 245 26.50 13.47 11.98
N PHE B 246 25.51 13.50 11.08
CA PHE B 246 24.50 14.55 11.21
C PHE B 246 23.44 14.23 12.27
N LEU B 247 23.36 12.98 12.73
CA LEU B 247 22.44 12.66 13.82
C LEU B 247 23.05 12.93 15.19
N ALA B 248 24.37 12.89 15.30
CA ALA B 248 25.02 13.07 16.60
C ALA B 248 24.69 14.40 17.28
N PRO B 249 24.65 15.54 16.59
CA PRO B 249 24.25 16.79 17.29
C PRO B 249 22.90 16.69 17.97
N TYR B 250 21.95 15.96 17.38
CA TYR B 250 20.64 15.82 18.01
C TYR B 250 20.69 14.89 19.22
N ALA B 251 21.63 13.95 19.23
CA ALA B 251 21.83 13.13 20.42
C ALA B 251 22.53 13.90 21.53
N GLU B 252 23.30 14.94 21.18
CA GLU B 252 23.87 15.80 22.21
C GLU B 252 22.77 16.59 22.93
N LEU B 253 21.70 16.95 22.21
CA LEU B 253 20.56 17.58 22.86
C LEU B 253 19.96 16.65 23.91
N ASN B 254 19.93 15.35 23.62
CA ASN B 254 19.43 14.38 24.60
C ASN B 254 20.29 14.37 25.86
N TYR B 255 21.61 14.38 25.68
CA TYR B 255 22.52 14.37 26.83
C TYR B 255 22.30 15.62 27.69
N LYS B 256 22.22 16.79 27.06
CA LYS B 256 21.98 18.02 27.80
C LYS B 256 20.65 17.96 28.55
N LYS B 257 19.61 17.43 27.90
CA LYS B 257 18.33 17.22 28.59
C LYS B 257 18.51 16.38 29.83
N HIS B 258 19.03 15.15 29.68
CA HIS B 258 19.18 14.26 30.81
C HIS B 258 20.11 14.82 31.87
N LEU B 259 21.10 15.61 31.45
CA LEU B 259 22.00 16.22 32.43
C LEU B 259 21.27 17.25 33.28
N ALA B 260 20.38 18.04 32.65
CA ALA B 260 19.58 19.01 33.41
C ALA B 260 18.60 18.30 34.33
N ASP B 261 18.01 17.19 33.87
CA ASP B 261 17.14 16.41 34.73
C ASP B 261 17.90 15.82 35.91
N ALA B 262 19.18 15.46 35.71
CA ALA B 262 19.98 14.91 36.79
C ALA B 262 20.23 15.92 37.89
N LYS B 263 20.28 17.21 37.55
CA LYS B 263 20.47 18.24 38.57
C LYS B 263 19.29 18.27 39.55
N GLU B 264 18.07 18.08 39.05
CA GLU B 264 16.89 18.21 39.89
C GLU B 264 16.65 16.95 40.73
N TRP B 265 16.88 15.77 40.15
CA TRP B 265 16.43 14.53 40.78
C TRP B 265 17.55 13.61 41.22
N VAL B 266 18.69 13.60 40.53
CA VAL B 266 19.71 12.59 40.73
C VAL B 266 20.77 13.10 41.71
N THR B 267 21.36 12.16 42.45
CA THR B 267 22.46 12.49 43.34
C THR B 267 23.62 13.10 42.57
N GLU B 268 24.35 14.00 43.24
CA GLU B 268 25.43 14.72 42.58
C GLU B 268 26.51 13.77 42.06
N GLU B 269 26.79 12.70 42.80
CA GLU B 269 27.80 11.74 42.39
C GLU B 269 27.34 10.83 41.27
N LYS B 270 26.07 10.91 40.86
CA LYS B 270 25.52 10.06 39.82
C LYS B 270 25.02 10.82 38.60
N GLN B 271 25.13 12.15 38.59
CA GLN B 271 24.49 12.95 37.55
C GLN B 271 25.10 12.67 36.18
N GLU B 272 26.42 12.46 36.12
CA GLU B 272 27.05 12.21 34.82
C GLU B 272 26.78 10.80 34.33
N ASP B 273 26.80 9.81 35.23
CA ASP B 273 26.46 8.45 34.84
C ASP B 273 24.99 8.34 34.43
N TYR B 274 24.12 9.15 35.05
CA TYR B 274 22.71 9.12 34.69
C TYR B 274 22.49 9.62 33.27
N ALA B 275 23.03 10.81 32.95
CA ALA B 275 22.85 11.36 31.61
C ALA B 275 23.53 10.51 30.56
N ARG B 276 24.67 9.90 30.88
CA ARG B 276 25.36 9.06 29.92
C ARG B 276 24.57 7.78 29.64
N ALA B 277 24.00 7.18 30.68
CA ALA B 277 23.28 5.93 30.49
C ALA B 277 21.94 6.15 29.79
N LYS B 278 21.25 7.25 30.11
CA LYS B 278 19.97 7.52 29.48
C LYS B 278 20.13 7.89 28.01
N THR B 279 21.19 8.64 27.69
CA THR B 279 21.43 8.99 26.29
C THR B 279 21.79 7.76 25.46
N ARG B 280 22.48 6.78 26.06
CA ARG B 280 22.76 5.53 25.35
C ARG B 280 21.46 4.85 24.93
N LYS B 281 20.51 4.71 25.87
CA LYS B 281 19.24 4.09 25.54
C LYS B 281 18.46 4.91 24.52
N ASP B 282 18.50 6.23 24.65
CA ASP B 282 17.81 7.09 23.70
C ASP B 282 18.34 6.88 22.27
N ILE B 283 19.66 6.76 22.13
CA ILE B 283 20.24 6.55 20.81
C ILE B 283 19.80 5.20 20.25
N TYR B 284 19.77 4.16 21.10
CA TYR B 284 19.33 2.85 20.64
C TYR B 284 17.86 2.87 20.24
N ASP B 285 17.02 3.52 21.04
CA ASP B 285 15.59 3.58 20.71
C ASP B 285 15.36 4.35 19.41
N ALA B 286 16.12 5.43 19.19
CA ALA B 286 15.94 6.22 17.98
C ALA B 286 16.28 5.42 16.73
N MET B 287 17.38 4.66 16.77
CA MET B 287 17.73 3.83 15.63
C MET B 287 16.84 2.60 15.54
N GLN B 288 16.32 2.12 16.68
CA GLN B 288 15.31 1.07 16.63
C GLN B 288 14.06 1.55 15.91
N SER B 289 13.65 2.79 16.16
CA SER B 289 12.50 3.35 15.46
C SER B 289 12.78 3.50 13.97
N LEU B 290 13.98 3.96 13.62
CA LEU B 290 14.32 4.11 12.21
C LEU B 290 14.26 2.78 11.47
N GLU B 291 14.70 1.71 12.14
CA GLU B 291 14.68 0.38 11.51
C GLU B 291 13.25 -0.07 11.25
N TYR B 292 12.40 -0.04 12.28
CA TYR B 292 11.06 -0.56 12.15
C TYR B 292 10.20 0.30 11.23
N GLU B 293 10.32 1.62 11.34
CA GLU B 293 9.48 2.51 10.54
C GLU B 293 9.80 2.38 9.05
N ILE B 294 11.08 2.28 8.70
CA ILE B 294 11.44 2.09 7.30
C ILE B 294 10.83 0.80 6.75
N ASN B 295 10.76 -0.24 7.59
CA ASN B 295 10.18 -1.51 7.16
C ASN B 295 8.65 -1.51 7.15
N THR B 296 8.00 -0.45 7.63
CA THR B 296 6.56 -0.31 7.48
C THR B 296 6.18 0.70 6.40
N LEU B 297 7.14 1.44 5.86
CA LEU B 297 6.85 2.35 4.75
C LEU B 297 6.62 1.56 3.47
N PHE B 298 6.00 2.22 2.50
CA PHE B 298 5.73 1.59 1.20
C PHE B 298 5.42 2.68 0.19
N THR B 299 5.77 2.39 -1.07
CA THR B 299 5.42 3.26 -2.18
C THR B 299 4.10 2.80 -2.79
N SER B 300 3.71 3.44 -3.89
CA SER B 300 2.40 3.17 -4.49
C SER B 300 2.25 1.72 -4.93
N ASN B 301 3.35 1.04 -5.25
CA ASN B 301 3.29 -0.35 -5.67
C ASN B 301 3.24 -1.33 -4.49
N GLY B 302 3.16 -0.82 -3.26
CA GLY B 302 3.10 -1.68 -2.09
C GLY B 302 4.44 -2.13 -1.55
N GLN B 303 5.52 -1.97 -2.31
CA GLN B 303 6.84 -2.39 -1.86
C GLN B 303 7.49 -1.32 -0.99
N THR B 304 8.36 -1.76 -0.08
CA THR B 304 9.05 -0.85 0.80
C THR B 304 10.00 0.05 -0.01
N PRO B 305 10.28 1.25 0.47
CA PRO B 305 11.23 2.12 -0.24
C PRO B 305 12.63 1.54 -0.24
N PHE B 306 13.35 1.76 -1.34
CA PHE B 306 14.74 1.33 -1.46
C PHE B 306 15.63 2.36 -0.77
N THR B 307 16.16 2.00 0.40
CA THR B 307 16.84 2.95 1.27
C THR B 307 18.21 2.41 1.65
N SER B 308 19.16 3.33 1.82
CA SER B 308 20.51 3.00 2.25
C SER B 308 20.94 3.91 3.39
N LEU B 309 21.62 3.33 4.39
CA LEU B 309 22.21 4.08 5.48
C LEU B 309 23.73 3.91 5.41
N GLY B 310 24.44 5.04 5.38
CA GLY B 310 25.90 5.03 5.38
C GLY B 310 26.42 5.68 6.64
N PHE B 311 27.45 5.06 7.22
CA PHE B 311 27.98 5.49 8.51
C PHE B 311 29.38 4.90 8.68
N GLY B 312 30.10 5.43 9.68
CA GLY B 312 31.38 4.87 10.02
C GLY B 312 32.50 5.88 10.26
N LEU B 313 32.33 7.10 9.77
CA LEU B 313 33.38 8.11 9.85
C LEU B 313 33.27 8.98 11.10
N GLY B 314 32.30 8.74 11.97
CA GLY B 314 32.21 9.50 13.19
C GLY B 314 33.22 9.04 14.23
N THR B 315 33.68 9.98 15.04
CA THR B 315 34.75 9.72 16.00
C THR B 315 34.37 9.98 17.45
N ASN B 316 33.48 10.93 17.74
CA ASN B 316 33.18 11.24 19.13
C ASN B 316 32.19 10.22 19.70
N TRP B 317 31.85 10.40 20.97
CA TRP B 317 31.07 9.39 21.68
C TRP B 317 29.67 9.23 21.09
N PHE B 318 29.03 10.35 20.71
CA PHE B 318 27.70 10.26 20.13
C PHE B 318 27.72 9.60 18.77
N GLU B 319 28.69 10.00 17.93
CA GLU B 319 28.81 9.39 16.61
C GLU B 319 29.10 7.89 16.72
N ARG B 320 29.91 7.50 17.70
CA ARG B 320 30.22 6.08 17.88
C ARG B 320 29.00 5.31 18.37
N GLU B 321 28.22 5.89 19.27
CA GLU B 321 27.04 5.20 19.79
C GLU B 321 25.97 5.01 18.72
N ILE B 322 25.83 6.00 17.82
CA ILE B 322 24.87 5.86 16.72
C ILE B 322 25.30 4.72 15.80
N GLN B 323 26.60 4.62 15.51
CA GLN B 323 27.09 3.50 14.71
C GLN B 323 26.79 2.17 15.40
N LYS B 324 27.08 2.10 16.70
CA LYS B 324 26.85 0.84 17.43
C LYS B 324 25.38 0.50 17.50
N ALA B 325 24.52 1.49 17.77
CA ALA B 325 23.09 1.23 17.87
C ALA B 325 22.52 0.73 16.55
N ILE B 326 23.01 1.25 15.43
CA ILE B 326 22.54 0.78 14.12
C ILE B 326 22.88 -0.69 13.93
N LEU B 327 24.11 -1.08 14.28
CA LEU B 327 24.55 -2.44 14.04
C LEU B 327 23.88 -3.44 14.98
N GLN B 328 23.74 -3.09 16.26
CA GLN B 328 23.15 -4.04 17.19
C GLN B 328 21.63 -4.16 17.00
N VAL B 329 20.99 -3.13 16.46
CA VAL B 329 19.59 -3.27 16.05
C VAL B 329 19.47 -4.26 14.90
N ARG B 330 20.35 -4.13 13.90
CA ARG B 330 20.34 -5.07 12.77
C ARG B 330 20.70 -6.48 13.23
N ILE B 331 21.62 -6.59 14.18
CA ILE B 331 22.01 -7.90 14.70
C ILE B 331 20.84 -8.55 15.44
N LEU B 332 20.07 -7.75 16.18
CA LEU B 332 18.97 -8.30 16.96
C LEU B 332 17.89 -8.91 16.07
N GLY B 333 17.57 -8.25 14.96
CA GLY B 333 16.57 -8.74 14.04
C GLY B 333 15.21 -8.09 14.28
N LEU B 334 14.29 -8.38 13.36
CA LEU B 334 12.95 -7.81 13.40
C LEU B 334 12.00 -8.77 14.10
N GLY B 335 11.26 -8.26 15.08
CA GLY B 335 10.23 -9.03 15.74
C GLY B 335 10.76 -10.13 16.64
N SER B 336 9.82 -10.93 17.15
CA SER B 336 10.18 -12.01 18.06
C SER B 336 10.87 -13.16 17.33
N GLU B 337 10.61 -13.33 16.04
CA GLU B 337 11.32 -14.32 15.25
C GLU B 337 12.73 -13.88 14.88
N HIS B 338 13.08 -12.62 15.14
CA HIS B 338 14.42 -12.09 14.87
C HIS B 338 14.79 -12.26 13.39
N ARG B 339 13.85 -11.93 12.52
CA ARG B 339 14.08 -12.06 11.09
C ARG B 339 15.06 -11.00 10.62
N THR B 340 15.72 -11.30 9.49
CA THR B 340 16.73 -10.40 8.94
C THR B 340 16.06 -9.21 8.27
N ALA B 341 16.44 -8.00 8.67
CA ALA B 341 15.92 -6.79 8.05
C ALA B 341 16.55 -6.62 6.67
N ILE B 342 15.71 -6.62 5.64
CA ILE B 342 16.21 -6.48 4.27
C ILE B 342 16.48 -5.02 3.93
N PHE B 343 15.71 -4.10 4.52
CA PHE B 343 15.90 -2.67 4.36
C PHE B 343 15.99 -2.00 5.73
N PRO B 344 16.74 -0.89 5.83
CA PRO B 344 17.55 -0.25 4.79
C PRO B 344 18.86 -0.96 4.56
N LYS B 345 19.50 -0.73 3.42
CA LYS B 345 20.85 -1.22 3.22
C LYS B 345 21.83 -0.44 4.09
N LEU B 346 22.62 -1.15 4.87
CA LEU B 346 23.63 -0.54 5.72
C LEU B 346 24.98 -0.60 5.02
N ILE B 347 25.69 0.52 4.99
CA ILE B 347 26.99 0.62 4.34
C ILE B 347 27.96 1.20 5.36
N PHE B 348 28.86 0.35 5.87
CA PHE B 348 29.85 0.77 6.84
C PHE B 348 31.11 1.25 6.13
N THR B 349 31.62 2.40 6.54
CA THR B 349 32.80 2.99 5.93
C THR B 349 34.06 2.52 6.67
N LEU B 350 34.95 1.84 5.93
CA LEU B 350 36.26 1.49 6.46
C LEU B 350 37.26 2.58 6.10
N LYS B 351 38.05 3.02 7.07
CA LYS B 351 39.06 4.03 6.83
C LYS B 351 40.35 3.65 7.55
N ARG B 352 41.46 3.67 6.82
CA ARG B 352 42.76 3.40 7.41
C ARG B 352 43.11 4.48 8.42
N GLY B 353 43.38 4.06 9.66
CA GLY B 353 43.66 4.96 10.74
C GLY B 353 42.47 5.25 11.65
N LEU B 354 41.26 4.94 11.20
CA LEU B 354 40.05 5.16 11.99
C LEU B 354 39.46 3.87 12.54
N ASN B 355 39.26 2.86 11.70
CA ASN B 355 38.69 1.60 12.15
C ASN B 355 39.26 0.37 11.47
N LEU B 356 40.20 0.53 10.54
CA LEU B 356 40.67 -0.61 9.76
C LEU B 356 41.66 -1.46 10.55
N GLU B 357 42.59 -0.81 11.31
CA GLU B 357 43.64 -1.51 12.03
C GLU B 357 43.22 -1.83 13.45
N PRO B 358 43.74 -2.93 14.00
CA PRO B 358 43.39 -3.28 15.39
C PRO B 358 43.76 -2.23 16.42
N ASN B 359 44.69 -1.33 16.11
CA ASN B 359 45.06 -0.26 17.03
C ASN B 359 44.20 1.00 16.84
N SER B 360 43.36 1.04 15.81
CA SER B 360 42.59 2.24 15.52
C SER B 360 41.51 2.46 16.58
N PRO B 361 41.09 3.71 16.80
CA PRO B 361 40.12 3.98 17.87
C PRO B 361 38.75 3.36 17.65
N ASN B 362 38.27 3.27 16.41
CA ASN B 362 36.96 2.72 16.13
C ASN B 362 37.01 1.27 15.70
N TYR B 363 38.11 0.56 16.00
CA TYR B 363 38.23 -0.83 15.59
C TYR B 363 37.16 -1.71 16.24
N ASP B 364 36.74 -1.35 17.46
CA ASP B 364 35.67 -2.12 18.12
C ASP B 364 34.38 -2.08 17.32
N ILE B 365 34.12 -0.97 16.62
CA ILE B 365 32.95 -0.90 15.77
C ILE B 365 33.11 -1.76 14.52
N LYS B 366 34.35 -1.84 14.00
CA LYS B 366 34.61 -2.71 12.87
C LYS B 366 34.35 -4.17 13.22
N GLN B 367 34.72 -4.58 14.43
CA GLN B 367 34.42 -5.94 14.87
C GLN B 367 32.93 -6.16 15.08
N LEU B 368 32.19 -5.12 15.48
CA LEU B 368 30.75 -5.23 15.58
C LEU B 368 30.12 -5.36 14.20
N ALA B 369 30.61 -4.59 13.22
CA ALA B 369 30.10 -4.69 11.86
C ALA B 369 30.48 -6.01 11.21
N LEU B 370 31.62 -6.59 11.61
CA LEU B 370 31.95 -7.93 11.14
C LEU B 370 30.95 -8.95 11.67
N GLU B 371 30.60 -8.85 12.95
CA GLU B 371 29.58 -9.74 13.51
C GLU B 371 28.25 -9.58 12.80
N CYS B 372 27.88 -8.33 12.48
CA CYS B 372 26.61 -8.08 11.81
C CYS B 372 26.59 -8.67 10.40
N ALA B 373 27.71 -8.55 9.68
CA ALA B 373 27.76 -9.06 8.31
C ALA B 373 27.68 -10.58 8.27
N THR B 374 28.22 -11.27 9.28
CA THR B 374 28.15 -12.73 9.30
C THR B 374 26.77 -13.26 9.68
N LYS B 375 25.91 -12.40 10.24
CA LYS B 375 24.58 -12.81 10.64
C LYS B 375 23.47 -12.20 9.78
N ARG B 376 23.71 -11.04 9.18
CA ARG B 376 22.68 -10.33 8.42
C ARG B 376 23.16 -9.94 7.03
N MET B 377 24.31 -10.45 6.58
CA MET B 377 24.94 -10.07 5.31
C MET B 377 25.33 -8.59 5.29
N TYR B 378 24.37 -7.70 5.51
CA TYR B 378 24.71 -6.30 5.74
C TYR B 378 25.48 -6.17 7.06
N PRO B 379 26.36 -5.18 7.16
CA PRO B 379 26.61 -4.08 6.20
C PRO B 379 27.61 -4.39 5.10
N ASP B 380 27.36 -3.85 3.90
CA ASP B 380 28.41 -3.70 2.92
C ASP B 380 29.45 -2.72 3.45
N VAL B 381 30.65 -2.77 2.87
CA VAL B 381 31.74 -1.91 3.31
C VAL B 381 32.22 -1.05 2.15
N LEU B 382 32.52 0.21 2.46
CA LEU B 382 33.17 1.12 1.54
C LEU B 382 34.61 1.33 1.98
N SER B 383 35.51 1.46 0.99
CA SER B 383 36.88 1.85 1.25
C SER B 383 36.98 3.37 1.13
N TYR B 384 37.23 4.05 2.26
CA TYR B 384 37.26 5.50 2.28
C TYR B 384 38.22 6.05 1.22
N ASP B 385 39.39 5.45 1.09
CA ASP B 385 40.39 5.95 0.16
C ASP B 385 40.09 5.52 -1.28
N LYS B 386 39.75 4.24 -1.48
CA LYS B 386 39.50 3.77 -2.83
C LYS B 386 38.28 4.45 -3.45
N ILE B 387 37.28 4.79 -2.63
CA ILE B 387 36.13 5.56 -3.13
C ILE B 387 36.59 6.93 -3.59
N ILE B 388 37.43 7.60 -2.81
CA ILE B 388 37.95 8.91 -3.19
C ILE B 388 38.72 8.81 -4.50
N GLU B 389 39.53 7.75 -4.65
CA GLU B 389 40.32 7.59 -5.86
C GLU B 389 39.44 7.30 -7.07
N LEU B 390 38.42 6.45 -6.90
CA LEU B 390 37.60 6.05 -8.03
C LEU B 390 36.65 7.15 -8.46
N THR B 391 36.02 7.85 -7.50
CA THR B 391 34.94 8.78 -7.81
C THR B 391 35.29 10.24 -7.58
N GLY B 392 36.47 10.54 -7.04
CA GLY B 392 36.91 11.91 -6.85
C GLY B 392 36.61 12.49 -5.48
N SER B 393 35.71 11.88 -4.71
CA SER B 393 35.42 12.28 -3.35
C SER B 393 34.71 11.11 -2.68
N PHE B 394 34.52 11.21 -1.37
CA PHE B 394 33.86 10.14 -0.63
C PHE B 394 32.38 10.44 -0.44
N LYS B 395 31.55 9.44 -0.75
CA LYS B 395 30.16 9.41 -0.35
C LYS B 395 29.63 8.00 -0.54
N ALA B 396 28.59 7.66 0.22
CA ALA B 396 27.89 6.41 0.00
C ALA B 396 27.21 6.44 -1.36
N PRO B 397 26.95 5.28 -1.95
CA PRO B 397 26.24 5.26 -3.24
C PRO B 397 24.79 5.66 -3.08
N MET B 398 24.27 6.32 -4.11
CA MET B 398 22.84 6.63 -4.17
C MET B 398 22.06 5.34 -4.44
N GLY B 399 21.17 4.99 -3.53
CA GLY B 399 20.41 3.77 -3.67
C GLY B 399 21.28 2.53 -3.60
N CYS B 400 21.24 1.72 -4.66
CA CYS B 400 21.93 0.44 -4.65
C CYS B 400 23.43 0.61 -4.87
N ARG B 401 23.81 1.25 -5.97
CA ARG B 401 25.24 1.30 -6.31
C ARG B 401 25.62 2.50 -7.17
N SER B 402 24.78 3.52 -7.30
CA SER B 402 25.10 4.67 -8.13
C SER B 402 25.94 5.67 -7.36
N PHE B 403 27.09 6.04 -7.90
CA PHE B 403 28.03 6.93 -7.24
C PHE B 403 28.09 8.27 -7.95
N LEU B 404 28.00 9.35 -7.19
CA LEU B 404 28.24 10.68 -7.70
C LEU B 404 29.73 10.92 -7.85
N GLN B 405 30.09 11.74 -8.83
CA GLN B 405 31.49 12.14 -8.97
C GLN B 405 31.76 13.37 -8.11
N GLY B 406 33.03 13.54 -7.75
CA GLY B 406 33.44 14.70 -6.98
C GLY B 406 33.06 15.99 -7.67
N TRP B 407 32.42 16.89 -6.93
CA TRP B 407 31.87 18.10 -7.50
C TRP B 407 31.86 19.20 -6.45
N LYS B 408 32.19 20.42 -6.85
CA LYS B 408 32.22 21.56 -5.95
C LYS B 408 31.33 22.66 -6.50
N ASP B 409 30.80 23.47 -5.57
CA ASP B 409 29.90 24.56 -5.94
C ASP B 409 30.71 25.77 -6.38
N GLU B 410 30.05 26.92 -6.52
CA GLU B 410 30.72 28.12 -7.01
C GLU B 410 31.74 28.64 -6.02
N ASN B 411 31.55 28.37 -4.73
CA ASN B 411 32.48 28.84 -3.70
C ASN B 411 33.60 27.84 -3.41
N GLY B 412 33.76 26.82 -4.25
CA GLY B 412 34.76 25.81 -4.03
C GLY B 412 34.44 24.81 -2.95
N VAL B 413 33.19 24.78 -2.48
CA VAL B 413 32.77 23.89 -1.40
C VAL B 413 32.37 22.55 -1.99
N GLU B 414 32.95 21.47 -1.47
CA GLU B 414 32.59 20.13 -1.89
C GLU B 414 31.16 19.83 -1.48
N VAL B 415 30.36 19.33 -2.42
CA VAL B 415 28.95 19.01 -2.18
C VAL B 415 28.70 17.58 -2.64
N ASN B 416 28.27 16.72 -1.72
CA ASN B 416 27.87 15.35 -2.03
C ASN B 416 26.38 15.14 -1.80
N SER B 417 25.92 15.24 -0.56
CA SER B 417 24.50 15.08 -0.27
C SER B 417 23.69 16.20 -0.89
N GLY B 418 22.48 15.86 -1.34
CA GLY B 418 21.64 16.78 -2.06
C GLY B 418 21.70 16.65 -3.57
N ARG B 419 22.50 15.73 -4.10
CA ARG B 419 22.67 15.54 -5.53
C ARG B 419 21.99 14.25 -5.98
N MET B 420 21.64 14.21 -7.27
CA MET B 420 20.71 13.20 -7.77
C MET B 420 21.21 12.63 -9.09
N ASN B 421 20.56 11.56 -9.53
CA ASN B 421 20.77 10.97 -10.83
C ASN B 421 19.51 11.12 -11.67
N LEU B 422 19.69 11.30 -12.98
CA LEU B 422 18.60 11.70 -13.86
C LEU B 422 18.04 10.58 -14.72
N GLY B 423 18.63 9.40 -14.73
CA GLY B 423 18.07 8.30 -15.49
C GLY B 423 19.14 7.32 -15.94
N VAL B 424 18.68 6.15 -16.37
CA VAL B 424 19.53 5.01 -16.71
C VAL B 424 19.09 4.44 -18.04
N VAL B 425 20.05 4.20 -18.95
CA VAL B 425 19.83 3.45 -20.17
C VAL B 425 20.97 2.45 -20.32
N THR B 426 20.63 1.19 -20.55
CA THR B 426 21.59 0.08 -20.51
C THR B 426 21.70 -0.58 -21.87
N LEU B 427 22.94 -0.85 -22.29
CA LEU B 427 23.22 -1.51 -23.55
C LEU B 427 23.29 -3.02 -23.39
N ASN B 428 22.64 -3.74 -24.31
CA ASN B 428 22.69 -5.20 -24.33
C ASN B 428 23.99 -5.61 -25.01
N LEU B 429 25.07 -5.70 -24.22
CA LEU B 429 26.38 -6.01 -24.79
C LEU B 429 26.44 -7.42 -25.36
N PRO B 430 25.98 -8.47 -24.68
CA PRO B 430 26.02 -9.81 -25.30
C PRO B 430 25.35 -9.87 -26.66
N ARG B 431 24.28 -9.09 -26.86
CA ARG B 431 23.65 -9.00 -28.17
C ARG B 431 24.63 -8.53 -29.23
N ILE B 432 25.41 -7.50 -28.91
CA ILE B 432 26.38 -6.97 -29.87
C ILE B 432 27.44 -8.03 -30.19
N ALA B 433 27.81 -8.85 -29.20
CA ALA B 433 28.75 -9.93 -29.45
C ALA B 433 28.12 -11.03 -30.32
N LEU B 434 26.85 -11.35 -30.07
CA LEU B 434 26.19 -12.40 -30.84
C LEU B 434 25.92 -11.96 -32.27
N GLU B 435 25.60 -10.68 -32.48
CA GLU B 435 25.48 -10.16 -33.83
C GLU B 435 26.82 -10.02 -34.52
N SER B 436 27.93 -10.12 -33.78
CA SER B 436 29.25 -9.87 -34.35
C SER B 436 29.76 -11.04 -35.18
N LYS B 437 29.26 -12.25 -34.92
CA LYS B 437 29.67 -13.46 -35.66
C LYS B 437 31.18 -13.70 -35.53
N GLY B 438 31.71 -13.49 -34.33
CA GLY B 438 33.12 -13.71 -34.07
C GLY B 438 34.06 -12.68 -34.66
N ASP B 439 33.55 -11.58 -35.19
CA ASP B 439 34.36 -10.55 -35.85
C ASP B 439 34.35 -9.31 -34.97
N GLN B 440 35.46 -9.08 -34.25
CA GLN B 440 35.54 -7.94 -33.33
C GLN B 440 35.49 -6.60 -34.06
N ASP B 441 35.88 -6.56 -35.34
CA ASP B 441 35.69 -5.33 -36.11
C ASP B 441 34.21 -5.01 -36.27
N LYS B 442 33.39 -6.04 -36.50
CA LYS B 442 31.95 -5.82 -36.57
C LYS B 442 31.37 -5.46 -35.21
N PHE B 443 31.97 -5.98 -34.12
CA PHE B 443 31.50 -5.65 -32.78
C PHE B 443 31.58 -4.16 -32.53
N TRP B 444 32.74 -3.55 -32.79
CA TRP B 444 32.89 -2.12 -32.54
C TRP B 444 32.04 -1.30 -33.50
N GLU B 445 31.82 -1.79 -34.72
CA GLU B 445 30.93 -1.11 -35.65
C GLU B 445 29.51 -1.04 -35.10
N ILE B 446 29.01 -2.17 -34.58
CA ILE B 446 27.69 -2.18 -33.96
C ILE B 446 27.71 -1.43 -32.63
N PHE B 447 28.81 -1.56 -31.88
CA PHE B 447 28.92 -0.87 -30.59
C PHE B 447 28.75 0.63 -30.75
N GLU B 448 29.39 1.22 -31.76
CA GLU B 448 29.26 2.65 -31.99
C GLU B 448 27.81 3.03 -32.31
N GLU B 449 27.13 2.20 -33.10
CA GLU B 449 25.74 2.47 -33.43
C GLU B 449 24.86 2.42 -32.19
N ARG B 450 25.06 1.41 -31.34
CA ARG B 450 24.27 1.30 -30.11
C ARG B 450 24.57 2.43 -29.15
N MET B 451 25.82 2.91 -29.12
CA MET B 451 26.16 4.04 -28.26
C MET B 451 25.40 5.29 -28.68
N GLY B 452 25.24 5.50 -29.99
CA GLY B 452 24.52 6.67 -30.46
C GLY B 452 23.06 6.65 -30.05
N ILE B 453 22.44 5.46 -30.06
CA ILE B 453 21.05 5.34 -29.62
C ILE B 453 20.95 5.60 -28.13
N ALA B 454 21.89 5.07 -27.35
CA ALA B 454 21.90 5.31 -25.91
C ALA B 454 22.10 6.79 -25.60
N LYS B 455 23.01 7.45 -26.34
CA LYS B 455 23.20 8.88 -26.15
C LYS B 455 21.91 9.65 -26.41
N ASP B 456 21.19 9.27 -27.48
CA ASP B 456 19.92 9.92 -27.76
C ASP B 456 18.92 9.70 -26.63
N ALA B 457 18.87 8.48 -26.08
CA ALA B 457 17.95 8.18 -24.99
C ALA B 457 18.30 8.96 -23.73
N LEU B 458 19.59 9.01 -23.39
CA LEU B 458 19.99 9.73 -22.18
C LEU B 458 19.74 11.23 -22.31
N VAL B 459 20.02 11.79 -23.50
CA VAL B 459 19.76 13.22 -23.71
C VAL B 459 18.27 13.51 -23.57
N TYR B 460 17.43 12.62 -24.11
CA TYR B 460 15.98 12.81 -23.97
C TYR B 460 15.56 12.77 -22.51
N ARG B 461 16.16 11.86 -21.72
CA ARG B 461 15.86 11.81 -20.30
C ARG B 461 16.19 13.13 -19.61
N VAL B 462 17.35 13.70 -19.93
CA VAL B 462 17.74 14.97 -19.31
C VAL B 462 16.76 16.07 -19.70
N GLU B 463 16.36 16.10 -20.97
CA GLU B 463 15.37 17.08 -21.40
C GLU B 463 14.04 16.88 -20.69
N ARG B 464 13.63 15.62 -20.52
CA ARG B 464 12.34 15.34 -19.91
C ARG B 464 12.31 15.71 -18.44
N VAL B 465 13.35 15.32 -17.69
CA VAL B 465 13.41 15.65 -16.27
C VAL B 465 13.46 17.15 -16.06
N LYS B 466 14.12 17.88 -16.98
CA LYS B 466 14.19 19.34 -16.86
C LYS B 466 12.82 20.00 -17.04
N GLU B 467 11.86 19.30 -17.62
CA GLU B 467 10.49 19.82 -17.74
C GLU B 467 9.72 19.76 -16.43
N ALA B 468 10.33 19.25 -15.36
CA ALA B 468 9.67 19.24 -14.07
C ALA B 468 9.59 20.66 -13.50
N THR B 469 8.85 20.78 -12.41
CA THR B 469 8.58 22.04 -11.76
C THR B 469 8.67 21.81 -10.26
N PRO B 470 9.20 22.76 -9.50
CA PRO B 470 9.33 22.57 -8.04
C PRO B 470 8.04 22.10 -7.37
N ALA B 471 6.87 22.47 -7.90
CA ALA B 471 5.61 22.05 -7.31
C ALA B 471 5.32 20.57 -7.51
N ASN B 472 6.01 19.91 -8.45
CA ASN B 472 5.80 18.48 -8.65
C ASN B 472 6.35 17.64 -7.50
N ALA B 473 7.46 18.09 -6.91
CA ALA B 473 8.10 17.37 -5.80
C ALA B 473 8.62 18.40 -4.81
N PRO B 474 7.74 18.99 -4.00
CA PRO B 474 8.19 20.02 -3.06
C PRO B 474 9.23 19.54 -2.06
N ILE B 475 9.19 18.27 -1.67
CA ILE B 475 10.17 17.77 -0.72
C ILE B 475 11.57 17.80 -1.31
N LEU B 476 11.68 17.62 -2.64
CA LEU B 476 12.97 17.64 -3.32
C LEU B 476 13.41 19.05 -3.68
N TYR B 477 12.53 19.81 -4.33
CA TYR B 477 12.91 21.08 -4.92
C TYR B 477 12.70 22.27 -3.99
N GLN B 478 11.77 22.17 -3.04
CA GLN B 478 11.41 23.32 -2.22
C GLN B 478 11.82 23.20 -0.76
N TYR B 479 12.18 22.01 -0.27
CA TYR B 479 12.38 21.86 1.17
C TYR B 479 13.63 21.06 1.52
N GLY B 480 14.67 21.13 0.69
CA GLY B 480 16.03 20.82 1.12
C GLY B 480 16.56 19.45 0.74
N ALA B 481 15.74 18.55 0.22
CA ALA B 481 16.24 17.21 -0.10
C ALA B 481 17.31 17.26 -1.18
N PHE B 482 17.16 18.18 -2.14
CA PHE B 482 18.18 18.40 -3.17
C PHE B 482 19.17 19.50 -2.79
N GLY B 483 19.30 19.80 -1.50
CA GLY B 483 20.31 20.74 -1.04
C GLY B 483 19.85 22.18 -1.02
N GLN B 484 19.52 22.72 -2.18
CA GLN B 484 19.11 24.11 -2.33
C GLN B 484 17.60 24.19 -2.55
N ARG B 485 16.94 25.11 -1.85
CA ARG B 485 15.50 25.28 -1.96
C ARG B 485 15.18 26.30 -3.04
N LEU B 486 14.33 25.91 -3.98
CA LEU B 486 13.91 26.76 -5.09
C LEU B 486 12.52 27.32 -4.83
N ARG B 487 12.23 28.44 -5.48
CA ARG B 487 10.87 28.97 -5.51
C ARG B 487 10.07 28.26 -6.60
N LYS B 488 8.76 28.40 -6.53
CA LYS B 488 7.89 27.77 -7.53
C LYS B 488 8.21 28.25 -8.94
N CYS B 489 8.71 29.48 -9.07
CA CYS B 489 9.03 30.04 -10.37
C CYS B 489 10.39 29.59 -10.89
N ASP B 490 11.25 29.04 -10.02
CA ASP B 490 12.59 28.67 -10.42
C ASP B 490 12.58 27.40 -11.27
N SER B 491 13.64 27.24 -12.07
CA SER B 491 13.81 26.07 -12.91
C SER B 491 14.53 24.98 -12.14
N VAL B 492 14.09 23.73 -12.34
CA VAL B 492 14.71 22.61 -11.64
C VAL B 492 16.12 22.33 -12.17
N ASP B 493 16.43 22.81 -13.38
CA ASP B 493 17.76 22.62 -13.93
C ASP B 493 18.84 23.34 -13.12
N GLN B 494 18.45 24.30 -12.29
CA GLN B 494 19.40 24.98 -11.41
C GLN B 494 20.11 24.01 -10.48
N LEU B 495 19.49 22.88 -10.17
CA LEU B 495 20.09 21.86 -9.32
C LEU B 495 20.69 20.71 -10.11
N PHE B 496 20.55 20.72 -11.44
CA PHE B 496 21.08 19.68 -12.30
C PHE B 496 22.31 20.08 -13.09
N LYS B 497 22.40 21.34 -13.50
CA LYS B 497 23.39 21.76 -14.49
C LYS B 497 24.79 21.85 -13.88
N HIS B 498 25.77 22.10 -14.76
CA HIS B 498 27.18 22.21 -14.37
C HIS B 498 27.69 20.94 -13.72
N ARG B 499 27.26 19.80 -14.27
CA ARG B 499 27.68 18.46 -13.82
C ARG B 499 27.29 18.18 -12.37
N ARG B 500 26.28 18.88 -11.83
CA ARG B 500 25.86 18.60 -10.47
C ARG B 500 25.07 17.29 -10.40
N ALA B 501 24.27 17.00 -11.42
CA ALA B 501 23.54 15.74 -11.53
C ALA B 501 24.30 14.78 -12.44
N THR B 502 24.10 13.48 -12.22
CA THR B 502 24.71 12.45 -13.03
C THR B 502 23.66 11.73 -13.86
N VAL B 503 24.13 11.14 -14.96
CA VAL B 503 23.30 10.37 -15.89
C VAL B 503 24.02 9.05 -16.15
N SER B 504 23.28 7.95 -16.07
CA SER B 504 23.87 6.62 -16.05
C SER B 504 23.80 5.97 -17.42
N LEU B 505 24.97 5.64 -17.98
CA LEU B 505 25.08 4.80 -19.17
C LEU B 505 25.39 3.38 -18.70
N GLY B 506 24.41 2.48 -18.83
CA GLY B 506 24.52 1.17 -18.27
C GLY B 506 24.96 0.10 -19.26
N TYR B 507 25.32 -1.05 -18.71
CA TYR B 507 25.79 -2.18 -19.50
C TYR B 507 25.58 -3.45 -18.67
N ILE B 508 25.85 -4.59 -19.30
CA ILE B 508 25.67 -5.89 -18.64
C ILE B 508 26.41 -6.94 -19.45
N GLY B 509 26.83 -8.01 -18.78
CA GLY B 509 27.31 -9.20 -19.44
C GLY B 509 28.65 -9.14 -20.15
N LEU B 510 29.66 -8.54 -19.51
CA LEU B 510 31.00 -8.54 -20.11
C LEU B 510 31.55 -9.96 -20.21
N TYR B 511 31.18 -10.84 -19.28
CA TYR B 511 31.59 -12.24 -19.39
C TYR B 511 31.09 -12.85 -20.69
N GLU B 512 29.81 -12.67 -21.00
CA GLU B 512 29.26 -13.22 -22.24
C GLU B 512 29.94 -12.60 -23.46
N VAL B 513 30.22 -11.30 -23.41
CA VAL B 513 30.89 -10.63 -24.53
C VAL B 513 32.23 -11.27 -24.80
N ALA B 514 32.97 -11.60 -23.74
CA ALA B 514 34.28 -12.21 -23.92
C ALA B 514 34.17 -13.68 -24.32
N SER B 515 33.15 -14.38 -23.82
CA SER B 515 32.99 -15.79 -24.15
C SER B 515 32.68 -16.01 -25.62
N VAL B 516 32.03 -15.03 -26.27
CA VAL B 516 31.73 -15.15 -27.70
C VAL B 516 33.03 -15.23 -28.51
N PHE B 517 34.03 -14.43 -28.12
CA PHE B 517 35.26 -14.34 -28.89
C PHE B 517 36.41 -15.15 -28.32
N TYR B 518 36.35 -15.56 -27.05
CA TYR B 518 37.50 -16.20 -26.41
C TYR B 518 37.16 -17.46 -25.62
N GLY B 519 35.90 -17.89 -25.61
CA GLY B 519 35.54 -19.13 -24.93
C GLY B 519 35.17 -18.94 -23.48
N SER B 520 34.73 -20.04 -22.87
CA SER B 520 34.17 -20.01 -21.53
C SER B 520 35.23 -19.88 -20.44
N ASP B 521 36.51 -20.01 -20.77
CA ASP B 521 37.56 -19.90 -19.76
C ASP B 521 38.56 -18.81 -20.14
N TRP B 522 38.04 -17.64 -20.52
CA TRP B 522 38.88 -16.55 -21.00
C TRP B 522 39.57 -15.77 -19.88
N GLU B 523 39.22 -16.03 -18.61
CA GLU B 523 39.65 -15.16 -17.52
C GLU B 523 41.18 -15.10 -17.41
N THR B 524 41.87 -16.16 -17.80
CA THR B 524 43.32 -16.19 -17.76
C THR B 524 43.97 -15.71 -19.05
N ASN B 525 43.17 -15.29 -20.03
CA ASN B 525 43.67 -14.76 -21.29
C ASN B 525 43.74 -13.23 -21.17
N LEU B 526 44.96 -12.70 -21.23
CA LEU B 526 45.16 -11.26 -21.10
C LEU B 526 44.47 -10.50 -22.24
N GLU B 527 44.57 -11.02 -23.46
CA GLU B 527 43.94 -10.37 -24.61
C GLU B 527 42.42 -10.32 -24.45
N ALA B 528 41.83 -11.35 -23.84
CA ALA B 528 40.41 -11.33 -23.56
C ALA B 528 40.07 -10.28 -22.51
N LYS B 529 40.82 -10.27 -21.40
CA LYS B 529 40.62 -9.27 -20.36
C LYS B 529 40.77 -7.87 -20.92
N THR B 530 41.81 -7.65 -21.75
CA THR B 530 42.01 -6.34 -22.36
C THR B 530 40.79 -5.91 -23.17
N PHE B 531 40.16 -6.87 -23.86
CA PHE B 531 38.98 -6.54 -24.66
C PHE B 531 37.85 -6.01 -23.78
N THR B 532 37.55 -6.72 -22.69
CA THR B 532 36.50 -6.26 -21.78
C THR B 532 36.87 -4.91 -21.15
N LEU B 533 38.15 -4.70 -20.88
CA LEU B 533 38.57 -3.42 -20.31
C LEU B 533 38.48 -2.29 -21.34
N ASN B 534 38.77 -2.60 -22.61
CA ASN B 534 38.66 -1.58 -23.65
C ASN B 534 37.21 -1.18 -23.88
N ILE B 535 36.27 -2.11 -23.66
CA ILE B 535 34.85 -1.78 -23.79
C ILE B 535 34.44 -0.76 -22.73
N VAL B 536 34.89 -0.96 -21.49
CA VAL B 536 34.59 -0.01 -20.42
C VAL B 536 35.23 1.34 -20.72
N LYS B 537 36.48 1.34 -21.19
CA LYS B 537 37.16 2.59 -21.50
C LYS B 537 36.46 3.32 -22.64
N ALA B 538 35.95 2.59 -23.62
CA ALA B 538 35.22 3.23 -24.71
C ALA B 538 33.96 3.93 -24.20
N MET B 539 33.23 3.28 -23.29
CA MET B 539 32.04 3.91 -22.71
C MET B 539 32.40 5.12 -21.86
N LYS B 540 33.51 5.03 -21.10
CA LYS B 540 33.96 6.18 -20.33
C LYS B 540 34.39 7.32 -21.24
N ASN B 541 35.02 6.98 -22.38
CA ASN B 541 35.45 8.01 -23.32
C ASN B 541 34.24 8.79 -23.86
N ALA B 542 33.19 8.08 -24.26
CA ALA B 542 32.00 8.75 -24.78
C ALA B 542 31.31 9.56 -23.69
N CYS B 543 31.25 9.03 -22.46
CA CYS B 543 30.64 9.77 -21.37
C CYS B 543 31.39 11.08 -21.10
N GLU B 544 32.73 11.04 -21.13
CA GLU B 544 33.50 12.26 -21.00
C GLU B 544 33.15 13.25 -22.09
N SER B 545 32.98 12.75 -23.32
CA SER B 545 32.63 13.62 -24.45
C SER B 545 31.22 14.19 -24.29
N TRP B 546 30.26 13.35 -23.88
CA TRP B 546 28.90 13.83 -23.66
C TRP B 546 28.86 14.85 -22.54
N SER B 547 29.67 14.66 -21.49
CA SER B 547 29.67 15.59 -20.37
C SER B 547 30.15 16.97 -20.79
N ASP B 548 31.07 17.05 -21.75
CA ASP B 548 31.48 18.34 -22.28
C ASP B 548 30.40 18.95 -23.19
N GLU B 549 29.69 18.10 -23.93
CA GLU B 549 28.71 18.61 -24.89
C GLU B 549 27.50 19.20 -24.20
N TYR B 550 27.03 18.59 -23.11
CA TYR B 550 25.79 18.99 -22.47
C TYR B 550 25.96 19.49 -21.04
N ASP B 551 27.17 19.41 -20.47
CA ASP B 551 27.45 19.91 -19.12
C ASP B 551 26.59 19.22 -18.06
N TYR B 552 26.41 17.90 -18.23
CA TYR B 552 25.93 17.02 -17.17
C TYR B 552 26.90 15.86 -17.07
N HIS B 553 27.01 15.28 -15.88
CA HIS B 553 27.98 14.21 -15.67
C HIS B 553 27.41 12.89 -16.15
N PHE B 554 27.81 12.47 -17.36
CA PHE B 554 27.53 11.12 -17.83
C PHE B 554 28.61 10.18 -17.32
N SER B 555 28.21 8.99 -16.89
CA SER B 555 29.14 8.06 -16.27
C SER B 555 28.74 6.63 -16.59
N VAL B 556 29.73 5.74 -16.57
CA VAL B 556 29.52 4.33 -16.84
C VAL B 556 28.94 3.67 -15.59
N TYR B 557 27.79 3.02 -15.75
CA TYR B 557 27.01 2.49 -14.64
C TYR B 557 26.85 0.98 -14.80
N SER B 558 27.21 0.24 -13.75
CA SER B 558 27.11 -1.22 -13.76
C SER B 558 25.70 -1.61 -13.36
N THR B 559 24.82 -1.70 -14.34
CA THR B 559 23.39 -1.83 -14.09
C THR B 559 23.09 -3.07 -13.25
N PRO B 560 22.32 -2.94 -12.16
CA PRO B 560 21.91 -4.13 -11.41
C PRO B 560 21.06 -5.05 -12.29
N SER B 561 21.38 -6.34 -12.25
CA SER B 561 20.70 -7.35 -13.06
C SER B 561 19.45 -7.90 -12.37
N GLU B 562 18.61 -7.05 -11.78
CA GLU B 562 17.44 -7.57 -11.08
C GLU B 562 16.37 -8.04 -12.06
N SER B 563 16.12 -7.28 -13.11
CA SER B 563 15.22 -7.68 -14.18
C SER B 563 15.90 -7.81 -15.53
N LEU B 564 17.00 -7.09 -15.75
CA LEU B 564 17.63 -7.04 -17.07
C LEU B 564 18.22 -8.39 -17.46
N THR B 565 18.76 -9.14 -16.50
CA THR B 565 19.39 -10.42 -16.82
C THR B 565 18.40 -11.38 -17.45
N ASP B 566 17.12 -11.28 -17.10
CA ASP B 566 16.11 -12.15 -17.69
C ASP B 566 15.62 -11.59 -19.02
N ARG B 567 15.34 -10.29 -19.07
CA ARG B 567 14.75 -9.71 -20.28
C ARG B 567 15.70 -9.80 -21.46
N PHE B 568 16.97 -9.43 -21.27
CA PHE B 568 17.93 -9.49 -22.36
C PHE B 568 18.19 -10.94 -22.79
N CYS B 569 18.31 -11.85 -21.83
CA CYS B 569 18.56 -13.25 -22.17
C CYS B 569 17.34 -13.87 -22.87
N ARG B 570 16.14 -13.48 -22.45
CA ARG B 570 14.93 -14.00 -23.09
C ARG B 570 14.81 -13.50 -24.52
N LEU B 571 15.03 -12.20 -24.75
CA LEU B 571 14.92 -11.66 -26.09
C LEU B 571 16.03 -12.16 -27.00
N ASP B 572 17.23 -12.40 -26.46
CA ASP B 572 18.33 -12.90 -27.28
C ASP B 572 18.15 -14.39 -27.60
N THR B 573 17.50 -15.14 -26.71
CA THR B 573 17.21 -16.54 -27.03
C THR B 573 16.24 -16.64 -28.20
N GLU B 574 15.29 -15.70 -28.30
CA GLU B 574 14.38 -15.70 -29.43
C GLU B 574 15.10 -15.31 -30.72
N LYS B 575 16.06 -14.40 -30.63
CA LYS B 575 16.74 -13.88 -31.81
C LYS B 575 17.92 -14.74 -32.24
N PHE B 576 18.64 -15.34 -31.30
CA PHE B 576 19.84 -16.10 -31.61
C PHE B 576 19.77 -17.56 -31.21
N GLY B 577 18.71 -17.99 -30.54
CA GLY B 577 18.60 -19.37 -30.11
C GLY B 577 19.39 -19.64 -28.84
N VAL B 578 19.56 -20.93 -28.56
CA VAL B 578 20.30 -21.38 -27.38
C VAL B 578 21.78 -21.36 -27.75
N VAL B 579 22.48 -20.30 -27.34
CA VAL B 579 23.91 -20.16 -27.58
C VAL B 579 24.66 -20.68 -26.37
N THR B 580 25.62 -21.57 -26.61
CA THR B 580 26.35 -22.21 -25.52
C THR B 580 27.05 -21.17 -24.65
N ASP B 581 26.88 -21.32 -23.34
CA ASP B 581 27.53 -20.49 -22.32
C ASP B 581 26.98 -19.07 -22.28
N ILE B 582 26.12 -18.71 -23.23
CA ILE B 582 25.57 -17.36 -23.27
C ILE B 582 24.10 -17.39 -22.85
N THR B 583 23.22 -17.83 -23.74
CA THR B 583 21.78 -17.86 -23.45
C THR B 583 21.31 -19.19 -22.86
N ASP B 584 22.13 -20.24 -22.93
CA ASP B 584 21.69 -21.54 -22.45
C ASP B 584 21.43 -21.56 -20.96
N LYS B 585 22.21 -20.79 -20.19
CA LYS B 585 22.04 -20.76 -18.74
C LYS B 585 20.86 -19.91 -18.29
N GLU B 586 20.20 -19.21 -19.21
CA GLU B 586 18.98 -18.43 -18.95
C GLU B 586 19.21 -17.21 -18.08
N TYR B 587 20.43 -16.67 -18.07
CA TYR B 587 20.71 -15.42 -17.39
C TYR B 587 21.97 -14.81 -17.99
N TYR B 588 22.15 -13.51 -17.75
CA TYR B 588 23.37 -12.80 -18.10
C TYR B 588 24.13 -12.42 -16.85
N THR B 589 25.45 -12.50 -16.91
CA THR B 589 26.29 -12.14 -15.77
C THR B 589 26.30 -10.62 -15.61
N ASN B 590 26.27 -10.16 -14.35
CA ASN B 590 26.15 -8.74 -14.09
C ASN B 590 27.43 -8.00 -14.48
N SER B 591 27.26 -6.92 -15.26
CA SER B 591 28.31 -5.97 -15.62
C SER B 591 29.66 -6.61 -15.91
N PHE B 592 30.62 -6.44 -14.99
CA PHE B 592 31.97 -6.94 -15.14
C PHE B 592 32.26 -8.11 -14.20
N HIS B 593 31.24 -8.62 -13.50
CA HIS B 593 31.46 -9.56 -12.43
C HIS B 593 32.02 -10.88 -12.96
N TYR B 594 32.79 -11.56 -12.10
CA TYR B 594 33.29 -12.88 -12.42
C TYR B 594 32.12 -13.84 -12.63
N ASP B 595 32.29 -14.77 -13.58
CA ASP B 595 31.33 -15.83 -13.82
C ASP B 595 30.95 -16.49 -12.50
N VAL B 596 29.70 -16.33 -12.08
CA VAL B 596 29.26 -16.83 -10.78
C VAL B 596 29.37 -18.35 -10.71
N ARG B 597 29.48 -19.02 -11.86
CA ARG B 597 29.61 -20.47 -11.88
C ARG B 597 31.02 -20.92 -11.53
N LYS B 598 32.04 -20.15 -11.88
CA LYS B 598 33.40 -20.45 -11.48
C LYS B 598 33.60 -20.07 -10.02
N ASN B 599 34.62 -20.67 -9.40
CA ASN B 599 34.86 -20.52 -7.96
C ASN B 599 36.29 -20.06 -7.67
N PRO B 600 36.64 -18.84 -8.06
CA PRO B 600 37.91 -18.28 -7.59
C PRO B 600 37.83 -17.98 -6.10
N THR B 601 38.99 -17.80 -5.49
CA THR B 601 39.04 -17.33 -4.12
C THR B 601 38.50 -15.90 -4.07
N PRO B 602 38.01 -15.46 -2.90
CA PRO B 602 37.63 -14.04 -2.78
C PRO B 602 38.78 -13.09 -3.10
N PHE B 603 40.02 -13.53 -2.89
CA PHE B 603 41.18 -12.70 -3.20
C PHE B 603 41.43 -12.62 -4.69
N GLU B 604 41.31 -13.76 -5.39
CA GLU B 604 41.46 -13.74 -6.85
C GLU B 604 40.31 -12.99 -7.52
N LYS B 605 39.10 -13.12 -6.97
CA LYS B 605 37.94 -12.46 -7.55
C LYS B 605 38.10 -10.94 -7.51
N LEU B 606 38.43 -10.40 -6.33
CA LEU B 606 38.59 -8.96 -6.21
C LEU B 606 39.79 -8.45 -7.00
N GLU B 607 40.86 -9.25 -7.10
CA GLU B 607 42.02 -8.84 -7.89
C GLU B 607 41.69 -8.82 -9.38
N PHE B 608 40.83 -9.72 -9.83
CA PHE B 608 40.41 -9.73 -11.23
C PHE B 608 39.48 -8.57 -11.53
N GLU B 609 38.49 -8.33 -10.66
CA GLU B 609 37.44 -7.36 -10.92
C GLU B 609 37.88 -5.91 -10.67
N LYS B 610 38.92 -5.70 -9.87
CA LYS B 610 39.30 -4.33 -9.49
C LYS B 610 39.66 -3.46 -10.69
N ASP B 611 40.05 -4.08 -11.81
CA ASP B 611 40.51 -3.31 -12.96
C ASP B 611 39.38 -2.56 -13.65
N TYR B 612 38.13 -3.00 -13.49
CA TYR B 612 37.02 -2.46 -14.27
C TYR B 612 36.54 -1.10 -13.75
N PRO B 613 36.34 -0.92 -12.44
CA PRO B 613 36.08 0.46 -11.97
C PRO B 613 37.24 1.39 -12.22
N GLU B 614 38.48 0.89 -12.19
CA GLU B 614 39.62 1.72 -12.51
C GLU B 614 39.68 2.08 -13.98
N ALA B 615 39.05 1.30 -14.84
CA ALA B 615 39.05 1.56 -16.28
C ALA B 615 37.97 2.55 -16.71
N GLY B 616 37.00 2.85 -15.84
CA GLY B 616 35.98 3.83 -16.17
C GLY B 616 34.61 3.56 -15.61
N ALA B 617 34.41 2.38 -15.03
CA ALA B 617 33.11 1.98 -14.50
C ALA B 617 32.90 2.53 -13.08
N THR B 618 32.92 3.86 -12.97
CA THR B 618 32.84 4.52 -11.68
C THR B 618 31.48 5.14 -11.39
N GLY B 619 30.60 5.25 -12.39
CA GLY B 619 29.26 5.74 -12.12
C GLY B 619 28.46 4.81 -11.24
N GLY B 620 28.76 3.52 -11.31
CA GLY B 620 28.12 2.52 -10.46
C GLY B 620 28.86 1.21 -10.51
N PHE B 621 29.08 0.59 -9.34
CA PHE B 621 29.86 -0.65 -9.27
C PHE B 621 29.69 -1.25 -7.89
N ILE B 622 29.95 -2.56 -7.80
CA ILE B 622 29.92 -3.29 -6.53
C ILE B 622 30.67 -4.59 -6.74
N HIS B 623 31.09 -5.21 -5.63
CA HIS B 623 31.77 -6.49 -5.66
C HIS B 623 31.15 -7.42 -4.62
N TYR B 624 30.83 -8.64 -5.03
CA TYR B 624 30.29 -9.65 -4.12
C TYR B 624 31.29 -10.78 -3.92
N CYS B 625 31.16 -11.46 -2.78
CA CYS B 625 31.86 -12.71 -2.54
C CYS B 625 30.92 -13.66 -1.83
N GLU B 626 31.01 -14.94 -2.18
CA GLU B 626 30.14 -15.97 -1.62
C GLU B 626 30.90 -16.74 -0.55
N TYR B 627 30.42 -16.66 0.68
CA TYR B 627 31.01 -17.32 1.82
C TYR B 627 30.09 -18.41 2.36
N PRO B 628 30.62 -19.37 3.11
CA PRO B 628 29.75 -20.28 3.86
C PRO B 628 29.31 -19.64 5.17
N VAL B 629 28.84 -20.45 6.12
CA VAL B 629 28.50 -19.93 7.42
C VAL B 629 29.76 -19.38 8.08
N LEU B 630 29.76 -18.07 8.33
CA LEU B 630 30.92 -17.41 8.93
C LEU B 630 30.63 -16.85 10.31
N GLN B 631 29.51 -17.23 10.93
CA GLN B 631 29.12 -16.64 12.20
C GLN B 631 30.14 -16.94 13.30
N GLN B 632 30.70 -18.14 13.30
CA GLN B 632 31.75 -18.50 14.25
C GLN B 632 33.14 -18.35 13.67
N ASN B 633 33.30 -17.51 12.64
CA ASN B 633 34.61 -17.23 12.06
C ASN B 633 34.59 -15.89 11.35
N PRO B 634 34.51 -14.77 12.08
CA PRO B 634 34.51 -13.46 11.42
C PRO B 634 35.88 -13.02 10.92
N LYS B 635 36.97 -13.55 11.47
CA LYS B 635 38.30 -13.15 11.01
C LYS B 635 38.53 -13.55 9.56
N ALA B 636 37.92 -14.65 9.11
CA ALA B 636 38.00 -15.02 7.70
C ALA B 636 37.39 -13.94 6.81
N LEU B 637 36.28 -13.35 7.25
CA LEU B 637 35.69 -12.24 6.52
C LEU B 637 36.56 -11.00 6.62
N GLU B 638 37.18 -10.78 7.79
CA GLU B 638 38.01 -9.58 7.97
C GLU B 638 39.22 -9.59 7.06
N ALA B 639 39.75 -10.78 6.73
CA ALA B 639 40.87 -10.84 5.80
C ALA B 639 40.47 -10.37 4.41
N VAL B 640 39.20 -10.57 4.02
CA VAL B 640 38.74 -10.12 2.72
C VAL B 640 38.52 -8.61 2.73
N TRP B 641 37.96 -8.08 3.82
CA TRP B 641 37.79 -6.63 3.92
C TRP B 641 39.14 -5.92 3.89
N ASP B 642 40.10 -6.41 4.69
CA ASP B 642 41.42 -5.80 4.71
C ASP B 642 42.10 -5.92 3.35
N PHE B 643 41.97 -7.09 2.70
CA PHE B 643 42.50 -7.25 1.36
C PHE B 643 41.83 -6.29 0.38
N ALA B 644 40.52 -6.07 0.56
CA ALA B 644 39.76 -5.26 -0.38
C ALA B 644 40.02 -3.76 -0.23
N TYR B 645 40.52 -3.32 0.94
CA TYR B 645 40.62 -1.89 1.21
C TYR B 645 41.43 -1.17 0.15
N ASP B 646 42.54 -1.76 -0.28
CA ASP B 646 43.45 -1.11 -1.21
C ASP B 646 43.15 -1.41 -2.67
N ARG B 647 42.10 -2.17 -2.97
CA ARG B 647 41.85 -2.63 -4.32
C ARG B 647 40.47 -2.29 -4.86
N VAL B 648 39.41 -2.48 -4.07
CA VAL B 648 38.06 -2.19 -4.53
C VAL B 648 37.38 -1.24 -3.54
N GLY B 649 36.41 -0.48 -4.04
CA GLY B 649 35.78 0.55 -3.23
C GLY B 649 34.51 0.13 -2.52
N TYR B 650 33.78 -0.83 -3.08
CA TYR B 650 32.45 -1.19 -2.58
C TYR B 650 32.36 -2.71 -2.58
N LEU B 651 32.32 -3.30 -1.39
CA LEU B 651 32.36 -4.76 -1.23
C LEU B 651 31.14 -5.22 -0.43
N GLY B 652 30.49 -6.28 -0.92
CA GLY B 652 29.36 -6.87 -0.24
C GLY B 652 29.66 -8.30 0.16
N THR B 653 29.00 -8.75 1.22
CA THR B 653 29.23 -10.07 1.80
C THR B 653 27.97 -10.91 1.67
N ASN B 654 28.07 -12.05 0.98
CA ASN B 654 26.98 -13.00 0.87
C ASN B 654 27.33 -14.24 1.70
N THR B 655 26.43 -14.60 2.61
CA THR B 655 26.62 -15.75 3.49
C THR B 655 25.24 -16.31 3.83
N PRO B 656 25.10 -17.64 3.92
CA PRO B 656 23.77 -18.24 4.14
C PRO B 656 23.22 -17.89 5.52
N ILE B 657 22.11 -17.14 5.53
CA ILE B 657 21.47 -16.73 6.77
C ILE B 657 19.97 -17.01 6.70
N ASP B 658 19.60 -18.08 6.01
CA ASP B 658 18.20 -18.48 5.95
C ASP B 658 17.78 -19.20 7.23
N LYS B 659 16.48 -19.30 7.44
CA LYS B 659 15.96 -19.95 8.64
C LYS B 659 14.55 -20.47 8.37
N CYS B 660 14.34 -21.75 8.69
CA CYS B 660 13.02 -22.36 8.66
C CYS B 660 12.50 -22.47 10.08
N TYR B 661 11.30 -21.92 10.33
CA TYR B 661 10.76 -21.88 11.68
C TYR B 661 9.89 -23.08 12.01
N LYS B 662 9.84 -24.08 11.13
CA LYS B 662 9.15 -25.33 11.43
C LYS B 662 10.07 -26.38 12.04
N CYS B 663 11.33 -26.44 11.59
CA CYS B 663 12.30 -27.40 12.11
C CYS B 663 13.55 -26.71 12.64
N ASP B 664 13.55 -25.38 12.74
CA ASP B 664 14.68 -24.60 13.28
C ASP B 664 15.94 -24.72 12.42
N PHE B 665 15.80 -25.10 11.15
CA PHE B 665 16.97 -25.18 10.28
C PHE B 665 17.49 -23.78 9.98
N GLU B 666 18.82 -23.65 9.99
CA GLU B 666 19.49 -22.40 9.63
C GLU B 666 20.66 -22.72 8.72
N GLY B 667 20.72 -22.03 7.58
CA GLY B 667 21.77 -22.26 6.62
C GLY B 667 21.41 -21.76 5.24
N ASP B 668 21.63 -22.59 4.22
CA ASP B 668 21.33 -22.23 2.83
C ASP B 668 20.20 -23.11 2.33
N PHE B 669 19.07 -22.49 1.98
CA PHE B 669 17.96 -23.22 1.39
C PHE B 669 18.33 -23.73 0.00
N THR B 670 17.80 -24.89 -0.35
CA THR B 670 18.09 -25.49 -1.65
C THR B 670 17.20 -24.85 -2.71
N PRO B 671 17.76 -24.24 -3.75
CA PRO B 671 16.92 -23.65 -4.79
C PRO B 671 16.25 -24.71 -5.65
N THR B 672 15.01 -24.43 -6.04
CA THR B 672 14.22 -25.32 -6.88
C THR B 672 13.66 -24.53 -8.06
N GLU B 673 12.87 -25.20 -8.89
CA GLU B 673 12.20 -24.52 -10.00
C GLU B 673 11.10 -23.60 -9.51
N ARG B 674 10.66 -23.75 -8.26
CA ARG B 674 9.57 -22.97 -7.69
C ARG B 674 10.05 -21.93 -6.68
N GLY B 675 11.34 -21.87 -6.39
CA GLY B 675 11.86 -20.92 -5.42
C GLY B 675 12.92 -21.53 -4.52
N PHE B 676 12.71 -21.46 -3.22
CA PHE B 676 13.63 -22.01 -2.23
C PHE B 676 12.84 -22.82 -1.21
N MET B 677 13.32 -24.04 -0.93
CA MET B 677 12.69 -24.89 0.06
C MET B 677 13.69 -25.25 1.15
N CYS B 678 13.16 -25.64 2.29
CA CYS B 678 14.01 -26.02 3.42
C CYS B 678 14.73 -27.32 3.11
N PRO B 679 16.05 -27.38 3.26
CA PRO B 679 16.77 -28.64 3.00
C PRO B 679 16.41 -29.76 3.95
N ASN B 680 15.74 -29.46 5.07
CA ASN B 680 15.46 -30.46 6.09
C ASN B 680 14.05 -31.00 6.04
N CYS B 681 13.04 -30.14 5.86
CA CYS B 681 11.66 -30.59 5.78
C CYS B 681 10.94 -30.18 4.50
N GLY B 682 11.56 -29.38 3.65
CA GLY B 682 10.92 -28.96 2.41
C GLY B 682 9.91 -27.85 2.56
N ASN B 683 10.02 -27.02 3.59
CA ASN B 683 9.07 -25.95 3.83
C ASN B 683 9.35 -24.77 2.91
N THR B 684 8.31 -24.30 2.23
CA THR B 684 8.41 -23.13 1.37
C THR B 684 7.53 -21.97 1.82
N ASP B 685 6.68 -22.17 2.83
CA ASP B 685 5.75 -21.17 3.34
C ASP B 685 6.50 -19.94 3.83
N PRO B 686 6.37 -18.80 3.14
CA PRO B 686 7.10 -17.60 3.58
C PRO B 686 6.70 -17.10 4.95
N LYS B 687 5.54 -17.54 5.46
CA LYS B 687 5.15 -17.17 6.81
C LYS B 687 6.04 -17.82 7.86
N THR B 688 6.61 -18.99 7.55
CA THR B 688 7.42 -19.74 8.50
C THR B 688 8.85 -19.98 8.01
N VAL B 689 9.29 -19.28 6.96
CA VAL B 689 10.68 -19.33 6.53
C VAL B 689 11.19 -17.91 6.35
N ASP B 690 12.47 -17.73 6.59
CA ASP B 690 13.15 -16.45 6.40
C ASP B 690 14.29 -16.70 5.41
N VAL B 691 14.01 -16.48 4.13
CA VAL B 691 15.00 -16.67 3.06
C VAL B 691 15.43 -15.30 2.58
N VAL B 692 16.74 -15.04 2.67
CA VAL B 692 17.32 -13.77 2.27
C VAL B 692 18.42 -14.04 1.26
N LYS B 693 18.30 -13.46 0.07
CA LYS B 693 19.30 -13.59 -0.97
C LYS B 693 19.64 -12.21 -1.52
N ARG B 694 20.86 -12.08 -2.03
CA ARG B 694 21.31 -10.85 -2.66
C ARG B 694 20.77 -10.80 -4.10
N THR B 695 19.79 -9.94 -4.35
CA THR B 695 19.28 -9.78 -5.70
C THR B 695 20.33 -9.09 -6.56
N CYS B 696 20.55 -7.79 -6.33
CA CYS B 696 21.67 -7.09 -6.94
C CYS B 696 21.90 -5.83 -6.11
N GLY B 697 22.94 -5.85 -5.29
CA GLY B 697 23.20 -4.78 -4.34
C GLY B 697 22.29 -4.87 -3.12
N TYR B 698 20.99 -4.82 -3.35
CA TYR B 698 20.02 -5.00 -2.26
C TYR B 698 19.85 -6.47 -1.94
N LEU B 699 19.23 -6.74 -0.79
CA LEU B 699 18.78 -8.07 -0.43
C LEU B 699 17.30 -8.21 -0.76
N GLY B 700 16.85 -9.47 -0.83
CA GLY B 700 15.46 -9.74 -1.16
C GLY B 700 14.96 -10.95 -0.42
N ASN B 701 13.62 -11.06 -0.35
CA ASN B 701 12.92 -12.21 0.20
C ASN B 701 12.30 -12.99 -0.95
N PRO B 702 13.03 -13.93 -1.56
CA PRO B 702 12.49 -14.64 -2.74
C PRO B 702 11.26 -15.48 -2.43
N GLN B 703 10.99 -15.80 -1.16
CA GLN B 703 9.76 -16.49 -0.81
C GLN B 703 8.59 -15.53 -0.59
N ALA B 704 8.87 -14.29 -0.19
CA ALA B 704 7.82 -13.30 -0.07
C ALA B 704 7.45 -12.71 -1.44
N ARG B 705 8.39 -12.01 -2.06
CA ARG B 705 8.23 -11.55 -3.43
C ARG B 705 9.16 -12.35 -4.35
N PRO B 706 8.64 -13.32 -5.09
CA PRO B 706 9.51 -14.16 -5.92
C PRO B 706 10.12 -13.38 -7.08
N MET B 707 11.32 -13.78 -7.46
CA MET B 707 12.03 -13.17 -8.57
C MET B 707 11.64 -13.82 -9.89
N VAL B 708 11.96 -13.14 -10.99
CA VAL B 708 11.74 -13.70 -12.31
C VAL B 708 12.67 -14.89 -12.52
N LYS B 709 12.34 -15.72 -13.52
CA LYS B 709 13.07 -16.96 -13.74
C LYS B 709 14.55 -16.70 -14.01
N GLY B 710 14.86 -15.72 -14.86
CA GLY B 710 16.24 -15.43 -15.18
C GLY B 710 17.04 -14.99 -13.97
N ARG B 711 16.49 -14.05 -13.19
CA ARG B 711 17.14 -13.65 -11.95
C ARG B 711 17.28 -14.82 -11.00
N HIS B 712 16.26 -15.67 -10.92
CA HIS B 712 16.34 -16.84 -10.05
C HIS B 712 17.38 -17.84 -10.55
N LYS B 713 17.56 -17.94 -11.87
CA LYS B 713 18.59 -18.83 -12.41
C LYS B 713 19.98 -18.34 -12.07
N GLU B 714 20.21 -17.02 -12.16
CA GLU B 714 21.50 -16.46 -11.82
C GLU B 714 21.84 -16.70 -10.35
N ILE B 715 20.84 -16.55 -9.47
CA ILE B 715 21.06 -16.79 -8.05
C ILE B 715 21.35 -18.27 -7.81
N SER B 716 20.64 -19.15 -8.51
CA SER B 716 20.87 -20.59 -8.33
C SER B 716 22.24 -21.01 -8.84
N ALA B 717 22.80 -20.28 -9.79
CA ALA B 717 24.08 -20.65 -10.39
C ALA B 717 25.27 -20.20 -9.56
N ARG B 718 25.06 -19.41 -8.51
CA ARG B 718 26.18 -18.92 -7.70
C ARG B 718 26.80 -20.06 -6.91
N VAL B 719 28.12 -20.19 -7.00
CA VAL B 719 28.88 -21.13 -6.19
C VAL B 719 29.63 -20.34 -5.12
N LYS B 720 30.04 -21.05 -4.07
CA LYS B 720 30.81 -20.42 -3.01
C LYS B 720 32.24 -20.15 -3.47
N HIS B 721 32.86 -19.13 -2.87
CA HIS B 721 34.22 -18.76 -3.22
C HIS B 721 35.26 -19.23 -2.20
N MET B 722 34.83 -19.59 -0.99
CA MET B 722 35.70 -20.27 -0.04
C MET B 722 34.94 -21.46 0.53
N ASN B 723 35.69 -22.53 0.82
CA ASN B 723 35.09 -23.76 1.28
C ASN B 723 34.48 -23.58 2.67
N GLY B 724 33.58 -24.49 3.00
CA GLY B 724 32.90 -24.45 4.28
C GLY B 724 31.49 -24.97 4.17
N SER B 725 30.84 -25.07 5.32
CA SER B 725 29.50 -25.63 5.41
C SER B 725 28.45 -24.54 5.20
N THR B 726 27.41 -24.86 4.44
CA THR B 726 26.26 -23.98 4.26
C THR B 726 25.13 -24.31 5.24
N ILE B 727 25.46 -24.92 6.38
CA ILE B 727 24.48 -25.27 7.42
C ILE B 727 24.98 -24.70 8.73
N LYS B 728 24.16 -23.85 9.36
CA LYS B 728 24.45 -23.39 10.71
C LYS B 728 23.73 -24.23 11.75
N TYR B 729 22.46 -24.54 11.52
CA TYR B 729 21.68 -25.43 12.38
C TYR B 729 20.97 -26.44 11.49
N GLY B 730 21.28 -27.72 11.66
CA GLY B 730 20.76 -28.74 10.77
C GLY B 730 19.26 -28.96 10.88
N GLY B 731 18.65 -28.61 12.00
CA GLY B 731 17.24 -28.81 12.19
C GLY B 731 16.92 -30.12 12.90
N LYS B 732 15.65 -30.28 13.23
CA LYS B 732 15.15 -31.43 13.96
C LYS B 732 14.29 -32.31 13.06
N HIS B 733 14.15 -33.57 13.46
CA HIS B 733 13.32 -34.52 12.73
C HIS B 733 11.86 -34.31 13.14
N LEU B 734 11.01 -34.01 12.16
CA LEU B 734 9.61 -33.72 12.43
C LEU B 734 8.78 -35.00 12.54
#